data_2WYM
#
_entry.id   2WYM
#
_cell.length_a   103.221
_cell.length_b   178.212
_cell.length_c   111.559
_cell.angle_alpha   90.00
_cell.angle_beta   103.96
_cell.angle_gamma   90.00
#
_symmetry.space_group_name_H-M   'C 1 2 1'
#
loop_
_entity.id
_entity.type
_entity.pdbx_description
1 polymer 'L-ASCORBATE-6-PHOSPHATE LACTONASE ULAG'
2 polymer 'L-ASCORBATE-6-PHOSPHATE LACTONASE ULAG'
3 non-polymer 'MANGANESE (II) ION'
4 non-polymer GLYCEROL
5 non-polymer 'CITRATE ANION'
6 water water
#
loop_
_entity_poly.entity_id
_entity_poly.type
_entity_poly.pdbx_seq_one_letter_code
_entity_poly.pdbx_strand_id
1 'polypeptide(L)'
;MSKVKSITRESWILSTFPEWGSWLNEEIEQEQVAPGTFAMWWLGCTGIWLKSEGGTNVCVDFWCGTGKQSHGNPLMKQGH
QMQRMAGVKKLQPNLRTTPFVLDPFAIRQIDAVLATHDHNDHIDVNVAAAVMQNCADDVPFIGPKTCVDLWIGWGVPKER
CIVVKPGDVVKVKDIEIHALDAFDRTALITLPADQKAAGVLPDGMDDRAVNYLFKTPGGSLYHSGDSHYSNYYAKHGNEH
QIDVALGSYGENPRGITDKMTSADMLRMGEALNAKVVIPFHHDIWSNFQADPQEIRVLWEMKKDRLKYGFKPFIWQVGGK
FTWPLDKDNFEYHYPRGFDDCFTIEPDLPFKSFLHHHHHH
;
A,B,D,E
2 'polypeptide(L)'
;(FME)SKVKSITRESWILSTFPEWGSWLNEEIEQEQVAPGTFAMWWLGCTGIWLKSEGGTNVCVDFWCGTGKQSHGNPLM
KQGHQMQRMAGVKKLQPNLRTTPFVLDPFAIRQIDAVLATHDHNDHIDVNVAAAVMQNCADDVPFIGPKTCVDLWIGWGV
PKERCIVVKPGDVVKVKDIEIHALDAFDRTALITLPADQKAAGVLPDGMDDRAVNYLFKTPGGSLYHSGDSHYSNYYAKH
GNEHQIDVALGSYGENPRGITDKMTSADMLRMGEALNAKVVIPFHHDIWSNFQADPQEIRVLWEMKKDRLKYGFKPFIWQ
VGGKFTWPLDKDNFEYHYPRGFDDCFTIEPDLPFKSFLHHHHHH
;
C,F
#
loop_
_chem_comp.id
_chem_comp.type
_chem_comp.name
_chem_comp.formula
FLC non-polymer 'CITRATE ANION' 'C6 H5 O7 -3'
GOL non-polymer GLYCEROL 'C3 H8 O3'
MN non-polymer 'MANGANESE (II) ION' 'Mn 2'
#
# COMPACT_ATOMS: atom_id res chain seq x y z
N MET A 1 -34.26 -45.32 -24.49
CA MET A 1 -33.11 -45.19 -23.55
C MET A 1 -33.12 -43.86 -22.80
N SER A 2 -32.70 -43.90 -21.54
CA SER A 2 -32.57 -42.71 -20.71
C SER A 2 -31.27 -41.96 -21.03
N LYS A 3 -31.14 -40.74 -20.51
CA LYS A 3 -29.94 -39.92 -20.72
C LYS A 3 -28.72 -40.52 -20.04
N VAL A 4 -28.92 -41.12 -18.87
CA VAL A 4 -27.86 -41.71 -18.07
C VAL A 4 -27.18 -42.90 -18.76
N LYS A 5 -27.98 -43.70 -19.48
CA LYS A 5 -27.49 -44.89 -20.16
C LYS A 5 -26.89 -44.60 -21.54
N SER A 6 -27.55 -43.73 -22.31
CA SER A 6 -27.16 -43.44 -23.68
C SER A 6 -25.87 -42.63 -23.80
N ILE A 7 -25.79 -41.55 -23.03
CA ILE A 7 -24.67 -40.59 -23.10
C ILE A 7 -23.32 -41.22 -22.70
N THR A 8 -22.36 -41.15 -23.62
CA THR A 8 -21.01 -41.67 -23.40
C THR A 8 -20.01 -40.52 -23.20
N ARG A 9 -18.77 -40.88 -22.84
CA ARG A 9 -17.69 -39.91 -22.69
C ARG A 9 -17.50 -39.09 -23.97
N GLU A 10 -17.53 -39.79 -25.10
CA GLU A 10 -17.35 -39.18 -26.42
C GLU A 10 -18.41 -38.10 -26.72
N SER A 11 -19.67 -38.41 -26.46
CA SER A 11 -20.78 -37.48 -26.72
C SER A 11 -20.76 -36.25 -25.81
N TRP A 12 -20.33 -36.46 -24.57
CA TRP A 12 -20.13 -35.36 -23.62
C TRP A 12 -19.05 -34.41 -24.13
N ILE A 13 -17.91 -34.97 -24.53
CA ILE A 13 -16.79 -34.18 -25.04
C ILE A 13 -17.18 -33.42 -26.32
N LEU A 14 -17.81 -34.11 -27.26
CA LEU A 14 -18.19 -33.52 -28.54
C LEU A 14 -19.05 -32.25 -28.46
N SER A 15 -19.94 -32.20 -27.47
CA SER A 15 -20.87 -31.07 -27.33
C SER A 15 -20.37 -29.99 -26.37
N THR A 16 -19.46 -30.36 -25.46
CA THR A 16 -18.93 -29.46 -24.43
C THR A 16 -17.79 -28.57 -24.95
N PHE A 17 -16.93 -29.13 -25.80
CA PHE A 17 -15.67 -28.50 -26.19
C PHE A 17 -15.61 -28.08 -27.66
N PRO A 18 -14.84 -27.00 -27.97
CA PRO A 18 -14.14 -26.13 -27.03
C PRO A 18 -15.11 -25.28 -26.20
N GLU A 19 -14.66 -24.84 -25.03
CA GLU A 19 -15.52 -24.16 -24.05
C GLU A 19 -16.34 -23.01 -24.62
N TRP A 20 -15.67 -22.12 -25.34
CA TRP A 20 -16.32 -20.94 -25.92
C TRP A 20 -17.03 -21.26 -27.22
N GLY A 21 -16.73 -22.44 -27.78
CA GLY A 21 -17.29 -22.86 -29.06
C GLY A 21 -16.83 -21.95 -30.19
N SER A 22 -17.78 -21.34 -30.89
CA SER A 22 -17.49 -20.43 -31.99
C SER A 22 -17.83 -18.96 -31.66
N TRP A 23 -18.02 -18.67 -30.38
CA TRP A 23 -18.41 -17.33 -29.92
C TRP A 23 -17.41 -16.25 -30.33
N LEU A 24 -16.13 -16.49 -30.08
CA LEU A 24 -15.09 -15.53 -30.39
C LEU A 24 -14.86 -15.43 -31.89
N ASN A 25 -14.98 -16.58 -32.57
CA ASN A 25 -14.93 -16.64 -34.04
C ASN A 25 -15.90 -15.65 -34.65
N GLU A 26 -17.15 -15.69 -34.19
CA GLU A 26 -18.21 -14.80 -34.64
C GLU A 26 -17.95 -13.34 -34.28
N GLU A 27 -17.39 -13.12 -33.09
CA GLU A 27 -17.05 -11.78 -32.63
C GLU A 27 -15.98 -11.13 -33.51
N ILE A 28 -14.98 -11.91 -33.90
CA ILE A 28 -13.92 -11.46 -34.79
C ILE A 28 -14.46 -11.22 -36.21
N GLU A 29 -15.32 -12.12 -36.67
CA GLU A 29 -15.93 -12.02 -38.00
C GLU A 29 -16.77 -10.73 -38.15
N GLN A 30 -17.52 -10.39 -37.11
CA GLN A 30 -18.43 -9.25 -37.14
C GLN A 30 -17.79 -7.93 -36.73
N GLU A 31 -16.61 -7.99 -36.12
CA GLU A 31 -15.93 -6.79 -35.64
C GLU A 31 -15.59 -5.81 -36.78
N GLN A 32 -16.15 -4.60 -36.68
CA GLN A 32 -15.89 -3.53 -37.63
C GLN A 32 -14.79 -2.62 -37.10
N VAL A 33 -13.54 -2.96 -37.39
CA VAL A 33 -12.40 -2.21 -36.88
C VAL A 33 -12.40 -0.79 -37.46
N ALA A 34 -12.58 0.19 -36.57
CA ALA A 34 -12.65 1.59 -36.97
C ALA A 34 -11.32 2.06 -37.56
N PRO A 35 -11.37 2.97 -38.55
CA PRO A 35 -10.12 3.56 -39.07
C PRO A 35 -9.34 4.28 -37.97
N GLY A 36 -8.02 4.22 -38.05
CA GLY A 36 -7.17 4.83 -37.03
C GLY A 36 -6.96 3.94 -35.81
N THR A 37 -7.59 2.76 -35.83
CA THR A 37 -7.46 1.81 -34.72
C THR A 37 -7.15 0.40 -35.21
N PHE A 38 -6.63 -0.44 -34.32
CA PHE A 38 -6.58 -1.88 -34.57
C PHE A 38 -7.15 -2.69 -33.40
N ALA A 39 -7.74 -3.83 -33.72
CA ALA A 39 -8.29 -4.72 -32.70
C ALA A 39 -7.48 -6.00 -32.62
N MET A 40 -7.34 -6.53 -31.41
CA MET A 40 -6.64 -7.78 -31.21
C MET A 40 -7.29 -8.60 -30.10
N TRP A 41 -7.21 -9.91 -30.24
CA TRP A 41 -7.73 -10.83 -29.24
C TRP A 41 -6.64 -11.76 -28.75
N TRP A 42 -6.62 -11.98 -27.44
CA TRP A 42 -5.72 -12.92 -26.82
C TRP A 42 -6.33 -14.30 -26.95
N LEU A 43 -5.69 -15.14 -27.75
CA LEU A 43 -6.18 -16.50 -28.02
C LEU A 43 -5.68 -17.53 -26.99
N GLY A 44 -4.92 -17.07 -26.00
CA GLY A 44 -4.32 -17.96 -24.99
C GLY A 44 -2.84 -18.13 -25.23
N CYS A 45 -2.10 -18.41 -24.17
CA CYS A 45 -0.63 -18.52 -24.23
C CYS A 45 -0.02 -17.28 -24.90
N THR A 46 0.56 -17.45 -26.09
CA THR A 46 1.07 -16.31 -26.87
C THR A 46 0.24 -16.09 -28.13
N GLY A 47 -0.91 -16.76 -28.20
CA GLY A 47 -1.79 -16.70 -29.36
C GLY A 47 -2.51 -15.36 -29.48
N ILE A 48 -2.29 -14.68 -30.60
CA ILE A 48 -2.88 -13.39 -30.86
C ILE A 48 -3.58 -13.36 -32.22
N TRP A 49 -4.86 -13.01 -32.21
CA TRP A 49 -5.55 -12.66 -33.44
C TRP A 49 -5.52 -11.14 -33.61
N LEU A 50 -5.11 -10.70 -34.79
CA LEU A 50 -4.99 -9.29 -35.10
C LEU A 50 -5.88 -8.94 -36.29
N LYS A 51 -6.65 -7.87 -36.16
CA LYS A 51 -7.49 -7.40 -37.26
C LYS A 51 -7.27 -5.90 -37.51
N SER A 52 -6.78 -5.59 -38.70
CA SER A 52 -6.50 -4.21 -39.11
C SER A 52 -7.78 -3.45 -39.46
N GLU A 53 -7.62 -2.15 -39.74
CA GLU A 53 -8.76 -1.31 -40.14
C GLU A 53 -9.33 -1.70 -41.50
N GLY A 54 -8.47 -2.22 -42.37
CA GLY A 54 -8.87 -2.70 -43.69
C GLY A 54 -9.40 -4.12 -43.71
N GLY A 55 -9.72 -4.65 -42.53
CA GLY A 55 -10.32 -5.98 -42.40
C GLY A 55 -9.37 -7.15 -42.58
N THR A 56 -8.06 -6.87 -42.53
CA THR A 56 -7.05 -7.93 -42.65
C THR A 56 -6.98 -8.71 -41.34
N ASN A 57 -7.14 -10.03 -41.45
CA ASN A 57 -7.04 -10.92 -40.30
C ASN A 57 -5.69 -11.61 -40.26
N VAL A 58 -5.04 -11.56 -39.09
CA VAL A 58 -3.73 -12.17 -38.89
C VAL A 58 -3.71 -12.96 -37.58
N CYS A 59 -3.28 -14.22 -37.67
CA CYS A 59 -3.27 -15.13 -36.54
C CYS A 59 -1.85 -15.49 -36.17
N VAL A 60 -1.42 -15.13 -34.95
CA VAL A 60 -0.04 -15.33 -34.50
C VAL A 60 0.04 -16.26 -33.30
N ASP A 61 0.94 -17.24 -33.38
CA ASP A 61 1.26 -18.17 -32.27
C ASP A 61 0.06 -18.92 -31.68
N PHE A 62 -0.92 -19.21 -32.53
CA PHE A 62 -2.16 -19.87 -32.11
C PHE A 62 -1.91 -21.34 -31.75
N TRP A 63 -2.08 -21.64 -30.47
CA TRP A 63 -1.78 -22.97 -29.94
C TRP A 63 -3.03 -23.63 -29.36
N CYS A 64 -3.46 -24.72 -30.00
CA CYS A 64 -4.64 -25.45 -29.57
C CYS A 64 -4.30 -26.83 -29.03
N GLY A 65 -3.18 -26.93 -28.31
CA GLY A 65 -2.79 -28.16 -27.65
C GLY A 65 -3.01 -28.07 -26.15
N THR A 66 -2.53 -29.07 -25.43
CA THR A 66 -2.67 -29.11 -23.98
C THR A 66 -1.41 -29.67 -23.32
N GLY A 67 -1.37 -29.62 -22.00
CA GLY A 67 -0.24 -30.13 -21.23
C GLY A 67 -0.40 -31.59 -20.86
N LYS A 68 0.12 -31.94 -19.69
CA LYS A 68 0.05 -33.31 -19.18
C LYS A 68 -1.39 -33.77 -18.97
N GLN A 69 -1.73 -34.91 -19.58
CA GLN A 69 -3.07 -35.49 -19.46
C GLN A 69 -3.05 -36.76 -18.62
N SER A 70 -1.88 -37.11 -18.12
CA SER A 70 -1.65 -38.32 -17.32
C SER A 70 -0.29 -38.25 -16.63
N HIS A 71 -0.12 -39.04 -15.58
CA HIS A 71 1.17 -39.13 -14.87
C HIS A 71 2.19 -39.95 -15.65
N GLY A 72 1.73 -40.94 -16.41
CA GLY A 72 2.60 -41.81 -17.18
C GLY A 72 3.23 -42.92 -16.36
N LYS A 90 13.63 -34.30 -17.66
CA LYS A 90 12.59 -33.30 -17.48
C LYS A 90 11.23 -33.94 -17.16
N LEU A 91 10.96 -34.10 -15.87
CA LEU A 91 9.66 -34.56 -15.39
C LEU A 91 8.85 -33.36 -14.91
N GLN A 92 7.98 -32.85 -15.78
CA GLN A 92 7.35 -31.55 -15.60
C GLN A 92 5.82 -31.65 -15.42
N PRO A 93 5.30 -31.09 -14.30
CA PRO A 93 3.86 -31.09 -14.05
C PRO A 93 3.17 -29.85 -14.62
N ASN A 94 3.28 -29.66 -15.92
CA ASN A 94 2.67 -28.52 -16.60
C ASN A 94 1.27 -28.86 -17.12
N LEU A 95 0.27 -28.23 -16.51
CA LEU A 95 -1.13 -28.47 -16.86
C LEU A 95 -1.74 -27.20 -17.42
N ARG A 96 -2.43 -27.32 -18.56
CA ARG A 96 -3.06 -26.17 -19.22
C ARG A 96 -4.13 -25.56 -18.33
N THR A 97 -3.90 -24.34 -17.88
CA THR A 97 -4.80 -23.66 -16.95
C THR A 97 -5.76 -22.71 -17.65
N THR A 98 -5.65 -22.65 -18.98
CA THR A 98 -6.48 -21.79 -19.80
C THR A 98 -7.51 -22.63 -20.57
N PRO A 99 -8.77 -22.19 -20.60
CA PRO A 99 -9.75 -22.86 -21.45
C PRO A 99 -9.56 -22.48 -22.93
N PHE A 100 -10.36 -23.07 -23.81
CA PHE A 100 -10.26 -22.79 -25.23
C PHE A 100 -11.28 -21.76 -25.67
N VAL A 101 -10.78 -20.62 -26.11
CA VAL A 101 -11.61 -19.47 -26.46
C VAL A 101 -11.98 -19.41 -27.94
N LEU A 102 -11.16 -20.05 -28.77
CA LEU A 102 -11.36 -20.04 -30.21
C LEU A 102 -11.30 -21.45 -30.79
N ASP A 103 -12.30 -21.79 -31.59
CA ASP A 103 -12.29 -23.04 -32.36
C ASP A 103 -11.53 -22.80 -33.66
N PRO A 104 -10.37 -23.47 -33.83
CA PRO A 104 -9.58 -23.32 -35.05
C PRO A 104 -10.33 -23.78 -36.30
N PHE A 105 -11.19 -24.79 -36.14
CA PHE A 105 -11.98 -25.36 -37.24
C PHE A 105 -13.16 -24.47 -37.64
N ALA A 106 -13.38 -23.40 -36.89
CA ALA A 106 -14.42 -22.42 -37.20
C ALA A 106 -13.84 -21.17 -37.89
N ILE A 107 -12.53 -21.14 -38.05
CA ILE A 107 -11.84 -20.06 -38.77
C ILE A 107 -12.19 -20.13 -40.25
N ARG A 108 -12.71 -19.03 -40.78
CA ARG A 108 -13.08 -18.95 -42.19
C ARG A 108 -12.35 -17.81 -42.91
N GLN A 109 -12.39 -16.62 -42.33
CA GLN A 109 -11.73 -15.44 -42.90
C GLN A 109 -10.36 -15.24 -42.26
N ILE A 110 -9.30 -15.46 -43.03
CA ILE A 110 -7.93 -15.26 -42.56
C ILE A 110 -7.03 -14.83 -43.72
N ASP A 111 -6.01 -14.03 -43.40
CA ASP A 111 -5.08 -13.56 -44.42
C ASP A 111 -3.67 -14.14 -44.25
N ALA A 112 -3.32 -14.51 -43.01
CA ALA A 112 -2.02 -15.12 -42.75
C ALA A 112 -1.96 -15.84 -41.41
N VAL A 113 -1.24 -16.96 -41.38
CA VAL A 113 -0.94 -17.69 -40.14
C VAL A 113 0.53 -17.48 -39.83
N LEU A 114 0.82 -17.05 -38.61
CA LEU A 114 2.20 -16.75 -38.21
C LEU A 114 2.67 -17.54 -37.00
N ALA A 115 3.99 -17.73 -36.92
CA ALA A 115 4.64 -18.36 -35.77
C ALA A 115 5.98 -17.70 -35.49
N THR A 116 6.25 -17.43 -34.22
CA THR A 116 7.48 -16.76 -33.81
C THR A 116 8.66 -17.73 -33.78
N HIS A 117 8.43 -18.92 -33.24
CA HIS A 117 9.46 -19.96 -33.17
C HIS A 117 8.86 -21.36 -33.02
N ASP A 118 9.65 -22.37 -33.37
CA ASP A 118 9.17 -23.76 -33.49
C ASP A 118 8.82 -24.46 -32.17
N HIS A 119 8.88 -23.73 -31.06
CA HIS A 119 8.56 -24.29 -29.75
C HIS A 119 7.13 -24.84 -29.68
N ASN A 120 6.96 -25.89 -28.89
CA ASN A 120 5.69 -26.59 -28.75
C ASN A 120 4.45 -25.69 -28.57
N ASP A 121 4.58 -24.66 -27.73
CA ASP A 121 3.45 -23.83 -27.32
C ASP A 121 3.11 -22.71 -28.31
N HIS A 122 3.74 -22.73 -29.49
CA HIS A 122 3.65 -21.60 -30.41
C HIS A 122 3.23 -21.98 -31.83
N ILE A 123 3.21 -23.28 -32.09
CA ILE A 123 2.84 -23.81 -33.41
C ILE A 123 1.98 -25.05 -33.22
N ASP A 124 0.96 -25.19 -34.06
CA ASP A 124 -0.06 -26.20 -33.83
C ASP A 124 -0.50 -26.91 -35.10
N VAL A 125 -0.47 -28.25 -35.05
CA VAL A 125 -0.83 -29.13 -36.17
C VAL A 125 -2.28 -28.94 -36.59
N ASN A 126 -3.15 -28.80 -35.59
CA ASN A 126 -4.59 -28.68 -35.80
C ASN A 126 -4.97 -27.32 -36.38
N VAL A 127 -4.22 -26.29 -35.98
CA VAL A 127 -4.42 -24.94 -36.53
C VAL A 127 -4.06 -24.93 -38.01
N ALA A 128 -2.91 -25.54 -38.34
CA ALA A 128 -2.50 -25.71 -39.73
C ALA A 128 -3.52 -26.55 -40.49
N ALA A 129 -3.95 -27.66 -39.88
CA ALA A 129 -4.93 -28.56 -40.48
C ALA A 129 -6.26 -27.88 -40.77
N ALA A 130 -6.78 -27.14 -39.80
CA ALA A 130 -8.06 -26.44 -39.95
C ALA A 130 -7.99 -25.35 -41.02
N VAL A 131 -6.86 -24.65 -41.08
CA VAL A 131 -6.65 -23.58 -42.05
C VAL A 131 -6.53 -24.17 -43.46
N MET A 132 -5.82 -25.29 -43.58
CA MET A 132 -5.66 -26.00 -44.84
C MET A 132 -7.00 -26.53 -45.37
N GLN A 133 -7.89 -26.89 -44.45
CA GLN A 133 -9.19 -27.48 -44.79
C GLN A 133 -10.29 -26.46 -45.07
N ASN A 134 -10.32 -25.39 -44.26
CA ASN A 134 -11.46 -24.47 -44.25
C ASN A 134 -11.24 -23.11 -44.91
N CYS A 135 -9.99 -22.77 -45.18
CA CYS A 135 -9.66 -21.44 -45.71
C CYS A 135 -9.09 -21.48 -47.13
N ALA A 136 -9.09 -20.33 -47.79
CA ALA A 136 -8.56 -20.19 -49.15
C ALA A 136 -7.14 -20.74 -49.28
N ASP A 137 -6.84 -21.35 -50.43
CA ASP A 137 -5.56 -22.02 -50.64
C ASP A 137 -4.35 -21.08 -50.84
N ASP A 138 -4.60 -19.78 -50.90
CA ASP A 138 -3.53 -18.80 -51.07
C ASP A 138 -3.07 -18.12 -49.76
N VAL A 139 -3.63 -18.57 -48.63
CA VAL A 139 -3.26 -18.05 -47.31
C VAL A 139 -1.87 -18.55 -46.91
N PRO A 140 -0.93 -17.62 -46.68
CA PRO A 140 0.46 -17.95 -46.31
C PRO A 140 0.68 -18.39 -44.86
N PHE A 141 1.68 -19.24 -44.67
CA PHE A 141 2.16 -19.64 -43.35
C PHE A 141 3.52 -19.01 -43.14
N ILE A 142 3.58 -17.98 -42.31
CA ILE A 142 4.80 -17.20 -42.12
C ILE A 142 5.52 -17.56 -40.82
N GLY A 143 6.81 -17.88 -40.94
CA GLY A 143 7.65 -18.17 -39.78
C GLY A 143 9.11 -18.44 -40.15
N PRO A 144 9.97 -18.62 -39.14
CA PRO A 144 11.38 -18.97 -39.38
C PRO A 144 11.54 -20.30 -40.11
N LYS A 145 12.73 -20.56 -40.64
CA LYS A 145 13.00 -21.77 -41.41
C LYS A 145 12.55 -23.03 -40.66
N THR A 146 12.92 -23.13 -39.39
CA THR A 146 12.58 -24.28 -38.56
C THR A 146 11.07 -24.48 -38.42
N CYS A 147 10.29 -23.40 -38.56
CA CYS A 147 8.84 -23.48 -38.51
C CYS A 147 8.26 -24.02 -39.81
N VAL A 148 8.71 -23.47 -40.94
CA VAL A 148 8.25 -23.94 -42.25
C VAL A 148 8.64 -25.40 -42.48
N ASP A 149 9.79 -25.81 -41.93
CA ASP A 149 10.21 -27.21 -41.95
C ASP A 149 9.18 -28.09 -41.24
N LEU A 150 8.69 -27.62 -40.08
CA LEU A 150 7.68 -28.32 -39.31
C LEU A 150 6.32 -28.29 -40.03
N TRP A 151 5.98 -27.16 -40.64
CA TRP A 151 4.75 -27.01 -41.40
C TRP A 151 4.71 -27.91 -42.64
N ILE A 152 5.78 -27.88 -43.43
CA ILE A 152 5.92 -28.71 -44.64
C ILE A 152 5.70 -30.19 -44.32
N GLY A 153 6.32 -30.64 -43.23
CA GLY A 153 6.18 -32.02 -42.75
C GLY A 153 4.75 -32.42 -42.45
N TRP A 154 3.99 -31.49 -41.86
CA TRP A 154 2.61 -31.76 -41.47
C TRP A 154 1.65 -31.88 -42.65
N GLY A 155 2.09 -31.41 -43.82
CA GLY A 155 1.27 -31.52 -45.03
C GLY A 155 1.00 -30.19 -45.70
N VAL A 156 1.44 -29.11 -45.06
CA VAL A 156 1.31 -27.77 -45.64
C VAL A 156 2.25 -27.70 -46.83
N PRO A 157 1.71 -27.39 -48.02
CA PRO A 157 2.51 -27.25 -49.24
C PRO A 157 3.68 -26.27 -49.09
N LYS A 158 4.70 -26.50 -49.90
CA LYS A 158 5.88 -25.63 -49.97
C LYS A 158 5.51 -24.26 -50.53
N GLU A 159 4.58 -24.24 -51.49
CA GLU A 159 4.16 -23.01 -52.17
C GLU A 159 3.50 -22.00 -51.23
N ARG A 160 3.06 -22.49 -50.08
CA ARG A 160 2.23 -21.68 -49.19
C ARG A 160 2.98 -21.10 -47.99
N CYS A 161 4.29 -21.32 -47.95
CA CYS A 161 5.11 -20.87 -46.82
C CYS A 161 6.06 -19.75 -47.21
N ILE A 162 6.10 -18.71 -46.37
CA ILE A 162 7.07 -17.63 -46.52
C ILE A 162 8.08 -17.73 -45.38
N VAL A 163 9.30 -18.11 -45.71
CA VAL A 163 10.38 -18.21 -44.74
C VAL A 163 10.85 -16.81 -44.38
N VAL A 164 10.88 -16.51 -43.08
CA VAL A 164 11.37 -15.21 -42.61
C VAL A 164 12.59 -15.31 -41.70
N LYS A 165 13.54 -14.41 -41.92
CA LYS A 165 14.67 -14.21 -41.03
C LYS A 165 14.59 -12.76 -40.56
N PRO A 166 15.27 -12.42 -39.44
CA PRO A 166 15.32 -11.02 -39.02
C PRO A 166 15.76 -10.08 -40.15
N GLY A 167 15.04 -8.97 -40.29
CA GLY A 167 15.31 -7.99 -41.36
C GLY A 167 14.26 -7.99 -42.45
N ASP A 168 13.59 -9.14 -42.61
CA ASP A 168 12.58 -9.31 -43.66
C ASP A 168 11.27 -8.57 -43.37
N VAL A 169 10.63 -8.10 -44.43
CA VAL A 169 9.34 -7.42 -44.34
C VAL A 169 8.35 -8.12 -45.25
N VAL A 170 7.24 -8.60 -44.68
CA VAL A 170 6.20 -9.26 -45.45
C VAL A 170 4.94 -8.41 -45.46
N LYS A 171 4.50 -8.06 -46.67
CA LYS A 171 3.31 -7.25 -46.87
C LYS A 171 2.09 -8.17 -47.04
N VAL A 172 1.21 -8.17 -46.03
CA VAL A 172 -0.04 -8.93 -46.08
C VAL A 172 -1.21 -7.94 -46.06
N LYS A 173 -1.78 -7.71 -47.24
CA LYS A 173 -2.76 -6.66 -47.47
C LYS A 173 -2.29 -5.33 -46.88
N ASP A 174 -2.99 -4.80 -45.87
CA ASP A 174 -2.58 -3.51 -45.27
C ASP A 174 -1.75 -3.63 -43.98
N ILE A 175 -1.17 -4.82 -43.75
CA ILE A 175 -0.32 -5.05 -42.58
C ILE A 175 1.14 -5.31 -43.00
N GLU A 176 2.03 -4.39 -42.65
CA GLU A 176 3.46 -4.59 -42.81
C GLU A 176 3.98 -5.42 -41.65
N ILE A 177 4.32 -6.67 -41.92
CA ILE A 177 4.86 -7.56 -40.89
C ILE A 177 6.39 -7.57 -40.93
N HIS A 178 7.00 -7.08 -39.85
CA HIS A 178 8.45 -7.00 -39.74
C HIS A 178 9.00 -8.13 -38.88
N ALA A 179 9.75 -9.04 -39.51
CA ALA A 179 10.44 -10.08 -38.78
C ALA A 179 11.72 -9.47 -38.20
N LEU A 180 11.78 -9.41 -36.88
CA LEU A 180 12.91 -8.82 -36.18
C LEU A 180 13.61 -9.85 -35.31
N ASP A 181 14.78 -9.49 -34.79
CA ASP A 181 15.61 -10.41 -34.02
C ASP A 181 14.91 -10.97 -32.78
N ALA A 182 15.09 -12.25 -32.55
CA ALA A 182 14.61 -12.90 -31.33
C ALA A 182 15.80 -13.32 -30.46
N PHE A 183 15.52 -13.73 -29.23
CA PHE A 183 16.56 -13.92 -28.22
C PHE A 183 16.38 -15.20 -27.41
N ASP A 184 17.39 -16.07 -27.47
CA ASP A 184 17.33 -17.38 -26.84
C ASP A 184 17.55 -17.31 -25.32
N MET A 205 19.76 -17.62 -33.18
CA MET A 205 19.78 -18.18 -34.53
C MET A 205 18.60 -17.68 -35.36
N ASP A 206 18.89 -17.16 -36.55
CA ASP A 206 17.89 -16.64 -37.47
C ASP A 206 16.95 -17.72 -38.00
N ASP A 207 17.41 -18.96 -38.00
CA ASP A 207 16.62 -20.09 -38.47
C ASP A 207 15.57 -20.53 -37.45
N ARG A 208 15.81 -20.24 -36.17
CA ARG A 208 14.98 -20.76 -35.08
C ARG A 208 13.84 -19.84 -34.63
N ALA A 209 14.14 -18.56 -34.44
CA ALA A 209 13.19 -17.65 -33.81
C ALA A 209 13.20 -16.24 -34.39
N VAL A 210 12.01 -15.62 -34.45
CA VAL A 210 11.85 -14.22 -34.84
C VAL A 210 10.83 -13.50 -33.94
N ASN A 211 11.02 -12.20 -33.78
CA ASN A 211 9.99 -11.34 -33.18
C ASN A 211 9.27 -10.59 -34.29
N TYR A 212 7.98 -10.36 -34.12
CA TYR A 212 7.21 -9.64 -35.12
C TYR A 212 6.82 -8.25 -34.65
N LEU A 213 6.90 -7.29 -35.57
CA LEU A 213 6.29 -5.98 -35.37
C LEU A 213 5.29 -5.75 -36.47
N PHE A 214 4.02 -5.73 -36.10
CA PHE A 214 2.92 -5.56 -37.04
C PHE A 214 2.59 -4.09 -37.20
N LYS A 215 2.78 -3.56 -38.40
CA LYS A 215 2.44 -2.18 -38.69
C LYS A 215 1.14 -2.10 -39.46
N THR A 216 0.09 -1.66 -38.78
CA THR A 216 -1.21 -1.43 -39.39
C THR A 216 -1.38 0.07 -39.64
N PRO A 217 -2.39 0.46 -40.45
CA PRO A 217 -2.65 1.89 -40.57
C PRO A 217 -3.20 2.50 -39.27
N GLY A 218 -3.65 1.65 -38.36
CA GLY A 218 -4.20 2.08 -37.08
C GLY A 218 -3.15 2.25 -35.99
N GLY A 219 -2.10 1.43 -36.05
CA GLY A 219 -1.03 1.45 -35.06
C GLY A 219 -0.11 0.25 -35.21
N SER A 220 0.87 0.14 -34.32
CA SER A 220 1.85 -0.95 -34.39
C SER A 220 1.76 -1.91 -33.21
N LEU A 221 1.97 -3.19 -33.48
CA LEU A 221 1.91 -4.24 -32.47
C LEU A 221 3.19 -5.05 -32.41
N TYR A 222 3.79 -5.14 -31.22
CA TYR A 222 5.03 -5.88 -31.03
C TYR A 222 4.77 -7.21 -30.31
N HIS A 223 4.97 -8.30 -31.05
CA HIS A 223 4.83 -9.65 -30.53
C HIS A 223 6.25 -10.21 -30.36
N SER A 224 6.67 -10.43 -29.12
CA SER A 224 8.03 -10.90 -28.86
C SER A 224 8.15 -12.42 -28.76
N GLY A 225 7.06 -13.13 -29.00
CA GLY A 225 7.04 -14.59 -28.90
C GLY A 225 7.36 -15.04 -27.50
N ASP A 226 8.40 -15.84 -27.36
CA ASP A 226 8.86 -16.32 -26.06
C ASP A 226 10.33 -16.00 -25.85
N SER A 227 10.73 -14.79 -26.23
CA SER A 227 12.10 -14.33 -26.03
C SER A 227 12.31 -13.96 -24.57
N HIS A 228 13.47 -14.32 -24.03
CA HIS A 228 13.94 -13.81 -22.74
C HIS A 228 14.34 -12.35 -22.99
N TYR A 229 14.39 -11.55 -21.93
CA TYR A 229 14.78 -10.15 -22.09
C TYR A 229 16.18 -10.05 -22.71
N SER A 230 16.30 -9.19 -23.72
CA SER A 230 17.60 -8.87 -24.31
C SER A 230 17.79 -7.37 -24.46
N ASN A 231 19.05 -6.95 -24.56
CA ASN A 231 19.39 -5.56 -24.79
C ASN A 231 18.99 -5.06 -26.17
N TYR A 232 18.73 -5.99 -27.08
CA TYR A 232 18.44 -5.67 -28.47
C TYR A 232 17.00 -5.15 -28.68
N TYR A 233 16.20 -5.17 -27.62
CA TYR A 233 14.89 -4.51 -27.63
C TYR A 233 15.06 -3.01 -27.83
N ALA A 234 16.15 -2.46 -27.31
CA ALA A 234 16.49 -1.04 -27.46
C ALA A 234 16.70 -0.66 -28.92
N LYS A 235 17.37 -1.55 -29.67
CA LYS A 235 17.57 -1.37 -31.10
C LYS A 235 16.21 -1.24 -31.80
N HIS A 236 15.33 -2.21 -31.55
CA HIS A 236 13.98 -2.21 -32.12
C HIS A 236 13.20 -0.97 -31.70
N GLY A 237 13.36 -0.59 -30.43
CA GLY A 237 12.71 0.60 -29.90
C GLY A 237 13.20 1.88 -30.56
N ASN A 238 14.50 1.95 -30.82
CA ASN A 238 15.10 3.10 -31.48
C ASN A 238 14.76 3.20 -32.96
N GLU A 239 14.79 2.06 -33.65
CA GLU A 239 14.61 2.01 -35.11
C GLU A 239 13.14 1.99 -35.55
N HIS A 240 12.24 1.76 -34.60
CA HIS A 240 10.80 1.62 -34.92
C HIS A 240 9.87 2.32 -33.92
N GLN A 241 8.73 2.77 -34.43
CA GLN A 241 7.67 3.31 -33.59
C GLN A 241 6.78 2.16 -33.11
N ILE A 242 6.92 1.81 -31.84
CA ILE A 242 6.17 0.70 -31.25
C ILE A 242 5.08 1.22 -30.32
N ASP A 243 3.85 0.78 -30.56
CA ASP A 243 2.70 1.23 -29.77
C ASP A 243 2.37 0.24 -28.65
N VAL A 244 1.98 -0.97 -29.02
CA VAL A 244 1.63 -2.01 -28.05
C VAL A 244 2.66 -3.14 -28.05
N ALA A 245 3.22 -3.43 -26.88
CA ALA A 245 4.21 -4.49 -26.72
C ALA A 245 3.69 -5.65 -25.89
N LEU A 246 3.85 -6.86 -26.43
CA LEU A 246 3.46 -8.08 -25.73
C LEU A 246 4.72 -8.85 -25.33
N GLY A 247 4.84 -9.14 -24.04
CA GLY A 247 6.00 -9.85 -23.51
C GLY A 247 5.62 -11.13 -22.76
N SER A 248 6.39 -12.19 -23.01
CA SER A 248 6.19 -13.48 -22.33
C SER A 248 6.47 -13.41 -20.82
N TYR A 249 5.40 -13.27 -20.05
CA TYR A 249 5.48 -13.20 -18.60
C TYR A 249 5.29 -14.58 -17.97
N GLY A 250 5.82 -14.75 -16.76
CA GLY A 250 5.62 -15.99 -16.00
C GLY A 250 6.43 -16.06 -14.72
N GLU A 251 6.00 -16.91 -13.81
CA GLU A 251 6.74 -17.17 -12.59
C GLU A 251 7.64 -18.37 -12.80
N ASN A 252 8.93 -18.11 -12.95
CA ASN A 252 9.90 -19.16 -13.18
C ASN A 252 10.06 -20.05 -11.95
N PRO A 253 9.97 -21.39 -12.14
CA PRO A 253 10.23 -22.33 -11.05
C PRO A 253 11.69 -22.26 -10.64
N ARG A 254 11.96 -22.57 -9.37
CA ARG A 254 13.30 -22.54 -8.81
C ARG A 254 14.31 -23.24 -9.72
N GLY A 255 15.34 -22.51 -10.13
CA GLY A 255 16.40 -23.04 -10.97
C GLY A 255 16.03 -23.20 -12.44
N ILE A 256 15.06 -22.43 -12.89
CA ILE A 256 14.68 -22.39 -14.30
C ILE A 256 14.47 -20.95 -14.77
N THR A 257 14.98 -20.64 -15.97
CA THR A 257 14.83 -19.29 -16.55
C THR A 257 14.24 -19.36 -17.97
N ASP A 258 12.91 -19.41 -18.04
CA ASP A 258 12.21 -19.65 -19.30
C ASP A 258 11.19 -18.55 -19.62
N LYS A 259 10.95 -17.67 -18.64
CA LYS A 259 9.98 -16.59 -18.77
C LYS A 259 10.50 -15.29 -18.19
N MET A 260 9.93 -14.17 -18.63
CA MET A 260 10.29 -12.87 -18.10
C MET A 260 9.65 -12.57 -16.74
N THR A 261 10.41 -11.86 -15.91
CA THR A 261 9.92 -11.36 -14.64
C THR A 261 9.12 -10.08 -14.84
N SER A 262 8.50 -9.59 -13.76
CA SER A 262 7.74 -8.35 -13.80
C SER A 262 8.66 -7.15 -14.07
N ALA A 263 9.86 -7.19 -13.49
CA ALA A 263 10.86 -6.15 -13.70
C ALA A 263 11.36 -6.13 -15.14
N ASP A 264 11.53 -7.32 -15.73
CA ASP A 264 11.88 -7.47 -17.13
C ASP A 264 10.79 -6.86 -18.04
N MET A 265 9.52 -7.09 -17.69
CA MET A 265 8.40 -6.57 -18.47
C MET A 265 8.46 -5.05 -18.63
N LEU A 266 8.83 -4.36 -17.55
CA LEU A 266 8.93 -2.91 -17.55
C LEU A 266 10.13 -2.39 -18.34
N ARG A 267 11.23 -3.14 -18.29
CA ARG A 267 12.44 -2.78 -19.01
C ARG A 267 12.25 -2.95 -20.52
N MET A 268 11.40 -3.90 -20.90
CA MET A 268 11.06 -4.11 -22.30
C MET A 268 10.30 -2.90 -22.87
N GLY A 269 9.24 -2.47 -22.18
CA GLY A 269 8.43 -1.32 -22.60
C GLY A 269 9.24 -0.05 -22.75
N GLU A 270 10.19 0.15 -21.85
CA GLU A 270 11.11 1.28 -21.93
C GLU A 270 12.05 1.14 -23.14
N ALA A 271 12.69 -0.01 -23.26
CA ALA A 271 13.60 -0.29 -24.38
C ALA A 271 12.91 -0.20 -25.73
N LEU A 272 11.69 -0.71 -25.82
CA LEU A 272 10.90 -0.66 -27.05
C LEU A 272 10.22 0.68 -27.29
N ASN A 273 10.29 1.56 -26.28
CA ASN A 273 9.58 2.85 -26.30
C ASN A 273 8.09 2.70 -26.63
N ALA A 274 7.48 1.67 -26.06
CA ALA A 274 6.07 1.36 -26.30
C ALA A 274 5.17 2.32 -25.53
N LYS A 275 3.87 2.24 -25.80
CA LYS A 275 2.88 3.03 -25.07
C LYS A 275 2.11 2.14 -24.10
N VAL A 276 1.89 0.90 -24.52
CA VAL A 276 1.21 -0.10 -23.71
C VAL A 276 2.11 -1.32 -23.63
N VAL A 277 2.20 -1.90 -22.42
CA VAL A 277 2.96 -3.13 -22.20
C VAL A 277 2.03 -4.19 -21.62
N ILE A 278 1.87 -5.28 -22.36
CA ILE A 278 0.94 -6.34 -21.99
C ILE A 278 1.66 -7.67 -21.77
N PRO A 279 1.54 -8.25 -20.56
CA PRO A 279 2.04 -9.60 -20.34
C PRO A 279 1.17 -10.65 -20.99
N PHE A 280 1.79 -11.69 -21.52
CA PHE A 280 1.11 -12.90 -21.93
C PHE A 280 1.97 -14.16 -21.72
N HIS A 281 1.39 -15.33 -21.91
CA HIS A 281 2.04 -16.63 -21.66
C HIS A 281 1.96 -17.09 -20.20
N HIS A 282 1.62 -16.17 -19.30
CA HIS A 282 1.49 -16.47 -17.88
C HIS A 282 0.17 -17.17 -17.56
N ASP A 283 -0.77 -17.11 -18.50
CA ASP A 283 -2.10 -17.70 -18.36
C ASP A 283 -2.09 -19.23 -18.43
N ILE A 284 -1.12 -19.78 -19.15
CA ILE A 284 -1.26 -21.12 -19.71
C ILE A 284 -0.72 -22.30 -18.87
N TRP A 285 0.35 -22.08 -18.12
CA TRP A 285 1.01 -23.18 -17.41
C TRP A 285 0.90 -23.12 -15.90
N SER A 286 0.26 -24.14 -15.34
CA SER A 286 0.09 -24.31 -13.90
C SER A 286 1.36 -23.98 -13.12
N ASN A 287 2.47 -24.61 -13.50
CA ASN A 287 3.74 -24.41 -12.81
C ASN A 287 4.37 -23.01 -12.98
N PHE A 288 3.90 -22.28 -14.00
CA PHE A 288 4.35 -20.92 -14.27
C PHE A 288 3.37 -19.82 -13.83
N GLN A 289 2.29 -20.22 -13.16
CA GLN A 289 1.29 -19.30 -12.60
C GLN A 289 1.92 -18.06 -11.96
N ALA A 290 1.53 -16.88 -12.46
CA ALA A 290 2.07 -15.61 -11.96
C ALA A 290 1.01 -14.55 -11.71
N ASP A 291 1.38 -13.53 -10.93
CA ASP A 291 0.50 -12.39 -10.70
C ASP A 291 0.94 -11.18 -11.52
N PRO A 292 0.14 -10.81 -12.54
CA PRO A 292 0.43 -9.65 -13.39
C PRO A 292 0.49 -8.32 -12.63
N GLN A 293 -0.26 -8.22 -11.53
CA GLN A 293 -0.29 -7.01 -10.69
C GLN A 293 1.10 -6.64 -10.18
N GLU A 294 2.02 -7.59 -10.23
CA GLU A 294 3.41 -7.40 -9.89
C GLU A 294 4.03 -6.34 -10.81
N ILE A 295 3.62 -6.35 -12.08
CA ILE A 295 4.06 -5.38 -13.09
C ILE A 295 3.54 -3.97 -12.76
N ARG A 296 2.27 -3.88 -12.37
CA ARG A 296 1.64 -2.61 -12.01
C ARG A 296 2.26 -1.96 -10.78
N VAL A 297 2.51 -2.77 -9.75
CA VAL A 297 3.05 -2.28 -8.47
C VAL A 297 4.45 -1.70 -8.63
N LEU A 298 5.32 -2.43 -9.34
CA LEU A 298 6.66 -1.94 -9.63
C LEU A 298 6.60 -0.67 -10.47
N TRP A 299 5.70 -0.69 -11.47
CA TRP A 299 5.48 0.47 -12.33
C TRP A 299 5.15 1.71 -11.50
N GLU A 300 4.24 1.55 -10.52
CA GLU A 300 3.88 2.66 -9.62
C GLU A 300 5.04 3.14 -8.75
N MET A 301 6.04 2.29 -8.56
CA MET A 301 7.23 2.67 -7.79
C MET A 301 8.22 3.43 -8.67
N LYS A 302 8.29 3.06 -9.95
CA LYS A 302 9.36 3.50 -10.83
C LYS A 302 8.99 4.52 -11.91
N LYS A 303 7.70 4.61 -12.27
CA LYS A 303 7.28 5.40 -13.44
C LYS A 303 7.79 6.85 -13.45
N ASP A 304 7.75 7.50 -12.29
CA ASP A 304 8.12 8.90 -12.20
C ASP A 304 9.63 9.09 -12.21
N ARG A 305 10.32 8.33 -11.38
CA ARG A 305 11.78 8.40 -11.28
C ARG A 305 12.46 8.03 -12.61
N LEU A 306 11.91 7.03 -13.29
CA LEU A 306 12.48 6.57 -14.55
C LEU A 306 11.81 7.18 -15.78
N LYS A 307 10.79 8.01 -15.54
CA LYS A 307 10.09 8.75 -16.61
C LYS A 307 9.50 7.83 -17.68
N TYR A 308 8.90 6.72 -17.26
CA TYR A 308 8.30 5.76 -18.20
C TYR A 308 7.27 6.43 -19.11
N GLY A 309 7.30 6.07 -20.39
CA GLY A 309 6.38 6.63 -21.37
C GLY A 309 5.29 5.64 -21.74
N PHE A 310 5.22 4.54 -20.99
CA PHE A 310 4.25 3.49 -21.27
C PHE A 310 3.39 3.18 -20.04
N LYS A 311 2.29 2.48 -20.27
CA LYS A 311 1.45 1.99 -19.19
C LYS A 311 1.31 0.47 -19.27
N PRO A 312 1.23 -0.19 -18.11
CA PRO A 312 0.94 -1.62 -18.12
C PRO A 312 -0.54 -1.86 -18.35
N PHE A 313 -0.86 -2.99 -18.99
CA PHE A 313 -2.25 -3.38 -19.17
C PHE A 313 -2.39 -4.88 -18.92
N ILE A 314 -3.26 -5.24 -17.98
CA ILE A 314 -3.51 -6.65 -17.65
C ILE A 314 -4.73 -7.14 -18.39
N TRP A 315 -4.49 -8.10 -19.27
CA TRP A 315 -5.47 -8.61 -20.21
C TRP A 315 -5.99 -9.94 -19.70
N GLN A 316 -7.10 -10.41 -20.28
CA GLN A 316 -7.64 -11.73 -19.99
C GLN A 316 -7.84 -12.50 -21.30
N VAL A 317 -7.68 -13.83 -21.23
CA VAL A 317 -7.76 -14.68 -22.42
C VAL A 317 -9.16 -14.68 -23.04
N GLY A 318 -9.21 -14.52 -24.36
CA GLY A 318 -10.47 -14.39 -25.09
C GLY A 318 -10.90 -12.95 -25.21
N GLY A 319 -10.24 -12.08 -24.44
CA GLY A 319 -10.56 -10.66 -24.42
C GLY A 319 -10.01 -9.89 -25.61
N LYS A 320 -10.74 -8.86 -26.00
CA LYS A 320 -10.31 -7.96 -27.06
C LYS A 320 -9.59 -6.75 -26.47
N PHE A 321 -8.52 -6.33 -27.16
CA PHE A 321 -7.90 -5.04 -26.91
C PHE A 321 -8.01 -4.21 -28.18
N THR A 322 -8.26 -2.91 -28.02
CA THR A 322 -8.28 -1.97 -29.14
C THR A 322 -7.30 -0.82 -28.91
N TRP A 323 -6.37 -0.65 -29.84
CA TRP A 323 -5.44 0.48 -29.82
C TRP A 323 -6.00 1.61 -30.67
N PRO A 324 -5.91 2.87 -30.17
CA PRO A 324 -5.38 3.26 -28.87
C PRO A 324 -6.47 3.50 -27.81
N LEU A 325 -7.69 3.05 -28.10
CA LEU A 325 -8.85 3.34 -27.25
C LEU A 325 -8.65 2.86 -25.82
N ASP A 326 -8.06 1.67 -25.67
CA ASP A 326 -7.96 1.00 -24.38
C ASP A 326 -6.61 1.20 -23.69
N LYS A 327 -5.73 2.01 -24.28
CA LYS A 327 -4.35 2.20 -23.79
C LYS A 327 -4.21 2.63 -22.32
N ASP A 328 -5.27 3.27 -21.79
CA ASP A 328 -5.23 3.85 -20.44
C ASP A 328 -6.10 3.09 -19.44
N ASN A 329 -6.81 2.07 -19.92
CA ASN A 329 -7.74 1.28 -19.10
C ASN A 329 -7.09 0.54 -17.92
N PHE A 330 -5.78 0.29 -18.02
CA PHE A 330 -4.99 -0.45 -17.03
C PHE A 330 -5.32 -1.94 -16.90
N GLU A 331 -6.60 -2.25 -16.74
CA GLU A 331 -7.05 -3.64 -16.55
C GLU A 331 -8.27 -3.96 -17.39
N TYR A 332 -8.27 -5.16 -17.96
CA TYR A 332 -9.38 -5.65 -18.76
C TYR A 332 -10.45 -6.30 -17.89
N HIS A 333 -11.70 -6.09 -18.27
CA HIS A 333 -12.80 -6.92 -17.76
C HIS A 333 -13.63 -7.41 -18.93
N TYR A 334 -14.09 -8.65 -18.85
CA TYR A 334 -15.02 -9.20 -19.84
C TYR A 334 -16.32 -8.41 -19.82
N PRO A 335 -17.02 -8.37 -20.98
CA PRO A 335 -18.38 -7.82 -21.01
C PRO A 335 -19.23 -8.37 -19.88
N ARG A 336 -19.83 -7.48 -19.10
CA ARG A 336 -20.61 -7.89 -17.94
C ARG A 336 -22.08 -8.10 -18.28
N GLY A 337 -22.54 -7.45 -19.34
CA GLY A 337 -23.91 -7.61 -19.84
C GLY A 337 -24.97 -7.08 -18.89
N PHE A 338 -26.18 -7.62 -19.03
CA PHE A 338 -27.34 -7.28 -18.19
C PHE A 338 -27.76 -5.80 -18.20
N ASP A 339 -28.64 -5.46 -19.15
CA ASP A 339 -29.23 -4.12 -19.21
C ASP A 339 -30.76 -4.22 -19.23
N ASP A 340 -31.34 -4.33 -18.04
CA ASP A 340 -32.76 -4.62 -17.88
C ASP A 340 -33.37 -3.83 -16.72
N MET B 1 61.46 -2.71 -7.35
CA MET B 1 60.48 -1.62 -7.60
C MET B 1 59.30 -2.03 -8.48
N SER B 2 58.13 -2.14 -7.86
CA SER B 2 56.88 -2.42 -8.55
C SER B 2 55.78 -1.54 -7.97
N LYS B 3 54.54 -1.77 -8.41
CA LYS B 3 53.40 -1.00 -7.92
C LYS B 3 53.12 -1.21 -6.43
N VAL B 4 53.34 -2.43 -5.93
CA VAL B 4 52.99 -2.79 -4.54
C VAL B 4 53.81 -2.09 -3.45
N LYS B 5 54.91 -1.43 -3.84
CA LYS B 5 55.72 -0.67 -2.89
C LYS B 5 55.89 0.82 -3.25
N SER B 6 55.80 1.13 -4.53
CA SER B 6 55.86 2.52 -4.99
C SER B 6 54.63 3.34 -4.54
N ILE B 7 53.48 2.68 -4.52
CA ILE B 7 52.22 3.31 -4.08
C ILE B 7 52.20 3.55 -2.59
N THR B 8 51.83 4.77 -2.20
CA THR B 8 51.65 5.15 -0.81
C THR B 8 50.18 5.46 -0.53
N ARG B 9 49.86 5.75 0.73
CA ARG B 9 48.52 6.19 1.13
C ARG B 9 48.16 7.52 0.46
N GLU B 10 49.14 8.43 0.41
CA GLU B 10 48.98 9.72 -0.24
C GLU B 10 48.79 9.58 -1.75
N SER B 11 49.48 8.60 -2.33
CA SER B 11 49.38 8.31 -3.76
C SER B 11 47.96 7.92 -4.15
N TRP B 12 47.34 7.06 -3.33
CA TRP B 12 45.96 6.66 -3.51
C TRP B 12 45.00 7.82 -3.31
N ILE B 13 45.10 8.50 -2.16
CA ILE B 13 44.19 9.59 -1.81
C ILE B 13 44.17 10.70 -2.87
N LEU B 14 45.35 11.23 -3.22
CA LEU B 14 45.45 12.37 -4.12
C LEU B 14 45.06 12.06 -5.58
N SER B 15 44.97 10.78 -5.91
CA SER B 15 44.56 10.36 -7.25
C SER B 15 43.08 9.99 -7.34
N THR B 16 42.46 9.69 -6.20
CA THR B 16 41.08 9.19 -6.17
C THR B 16 40.07 10.29 -5.82
N PHE B 17 40.48 11.25 -5.00
CA PHE B 17 39.57 12.23 -4.45
C PHE B 17 39.77 13.64 -5.01
N PRO B 18 38.72 14.49 -5.03
CA PRO B 18 37.32 14.20 -4.63
C PRO B 18 36.61 13.29 -5.62
N GLU B 19 35.69 12.47 -5.11
CA GLU B 19 35.06 11.38 -5.88
C GLU B 19 34.68 11.76 -7.30
N TRP B 20 33.92 12.85 -7.45
CA TRP B 20 33.39 13.25 -8.74
C TRP B 20 34.40 14.01 -9.59
N GLY B 21 35.52 14.39 -8.99
CA GLY B 21 36.53 15.22 -9.65
C GLY B 21 35.96 16.60 -9.93
N SER B 22 36.01 17.02 -11.19
CA SER B 22 35.43 18.29 -11.59
C SER B 22 34.28 18.10 -12.60
N TRP B 23 33.64 16.93 -12.52
CA TRP B 23 32.50 16.60 -13.37
C TRP B 23 31.37 17.61 -13.21
N LEU B 24 31.02 17.91 -11.95
CA LEU B 24 29.90 18.79 -11.66
C LEU B 24 30.23 20.26 -11.95
N ASN B 25 31.47 20.66 -11.67
CA ASN B 25 31.95 22.00 -12.02
C ASN B 25 31.73 22.31 -13.50
N GLU B 26 32.05 21.33 -14.34
CA GLU B 26 31.89 21.45 -15.79
C GLU B 26 30.44 21.54 -16.23
N GLU B 27 29.58 20.74 -15.60
CA GLU B 27 28.15 20.76 -15.92
C GLU B 27 27.52 22.11 -15.58
N ILE B 28 27.87 22.64 -14.41
CA ILE B 28 27.38 23.93 -13.95
C ILE B 28 27.78 25.05 -14.92
N GLU B 29 29.06 25.08 -15.28
CA GLU B 29 29.60 26.10 -16.17
C GLU B 29 29.04 26.04 -17.59
N GLN B 30 28.77 24.83 -18.09
CA GLN B 30 28.22 24.66 -19.45
C GLN B 30 26.69 24.74 -19.48
N GLU B 31 26.06 24.77 -18.32
CA GLU B 31 24.59 24.80 -18.23
C GLU B 31 24.00 26.12 -18.71
N GLN B 32 23.22 26.05 -19.78
CA GLN B 32 22.53 27.21 -20.34
C GLN B 32 21.10 27.26 -19.79
N VAL B 33 20.90 28.09 -18.77
CA VAL B 33 19.59 28.24 -18.12
C VAL B 33 18.63 29.03 -19.00
N ALA B 34 17.53 28.40 -19.40
CA ALA B 34 16.52 29.01 -20.24
C ALA B 34 15.77 30.15 -19.52
N PRO B 35 15.27 31.14 -20.29
CA PRO B 35 14.46 32.20 -19.67
C PRO B 35 13.18 31.65 -19.05
N GLY B 36 12.76 32.23 -17.93
CA GLY B 36 11.60 31.75 -17.18
C GLY B 36 11.91 30.56 -16.29
N THR B 37 13.18 30.16 -16.27
CA THR B 37 13.62 29.01 -15.48
C THR B 37 14.82 29.36 -14.59
N PHE B 38 15.05 28.53 -13.58
CA PHE B 38 16.33 28.54 -12.88
C PHE B 38 16.81 27.12 -12.60
N ALA B 39 18.12 26.94 -12.61
CA ALA B 39 18.72 25.63 -12.32
C ALA B 39 19.46 25.66 -11.00
N MET B 40 19.40 24.55 -10.27
CA MET B 40 20.12 24.42 -9.01
C MET B 40 20.73 23.02 -8.87
N TRP B 41 21.78 22.92 -8.06
CA TRP B 41 22.45 21.65 -7.79
C TRP B 41 22.61 21.42 -6.30
N TRP B 42 22.50 20.16 -5.89
CA TRP B 42 22.66 19.77 -4.50
C TRP B 42 24.07 19.27 -4.26
N LEU B 43 24.84 20.05 -3.50
CA LEU B 43 26.26 19.79 -3.28
C LEU B 43 26.52 18.99 -1.98
N GLY B 44 25.45 18.41 -1.43
CA GLY B 44 25.55 17.69 -0.17
C GLY B 44 25.21 18.56 1.01
N CYS B 45 24.72 17.94 2.08
CA CYS B 45 24.26 18.64 3.29
C CYS B 45 23.20 19.70 2.92
N THR B 46 23.45 20.96 3.26
CA THR B 46 22.55 22.04 2.81
C THR B 46 23.19 22.89 1.72
N GLY B 47 24.28 22.38 1.15
CA GLY B 47 25.01 23.05 0.08
C GLY B 47 24.25 23.10 -1.22
N ILE B 48 24.05 24.30 -1.75
CA ILE B 48 23.30 24.50 -2.97
C ILE B 48 24.03 25.43 -3.93
N TRP B 49 24.19 25.00 -5.17
CA TRP B 49 24.62 25.89 -6.24
C TRP B 49 23.40 26.30 -7.06
N LEU B 50 23.26 27.61 -7.27
CA LEU B 50 22.10 28.18 -7.97
C LEU B 50 22.52 29.04 -9.17
N LYS B 51 21.84 28.84 -10.31
CA LYS B 51 22.17 29.54 -11.55
C LYS B 51 20.94 30.08 -12.29
N SER B 52 20.90 31.41 -12.44
CA SER B 52 19.77 32.10 -13.07
C SER B 52 19.86 32.09 -14.60
N GLU B 53 18.80 32.59 -15.24
CA GLU B 53 18.75 32.73 -16.71
C GLU B 53 19.79 33.73 -17.25
N GLY B 54 20.09 34.76 -16.45
CA GLY B 54 21.11 35.74 -16.80
C GLY B 54 22.53 35.21 -16.67
N GLY B 55 22.68 34.07 -16.01
CA GLY B 55 23.98 33.42 -15.85
C GLY B 55 24.68 33.68 -14.53
N THR B 56 23.94 34.18 -13.55
CA THR B 56 24.49 34.44 -12.21
C THR B 56 24.72 33.13 -11.48
N ASN B 57 25.77 33.08 -10.67
CA ASN B 57 26.12 31.87 -9.93
C ASN B 57 26.25 32.13 -8.44
N VAL B 58 25.41 31.46 -7.66
CA VAL B 58 25.32 31.66 -6.22
C VAL B 58 25.61 30.34 -5.50
N CYS B 59 26.47 30.41 -4.50
CA CYS B 59 26.89 29.22 -3.76
C CYS B 59 26.50 29.35 -2.28
N VAL B 60 25.56 28.50 -1.85
CA VAL B 60 25.00 28.56 -0.50
C VAL B 60 25.43 27.36 0.33
N ASP B 61 25.92 27.64 1.54
CA ASP B 61 26.26 26.61 2.53
C ASP B 61 27.11 25.45 2.00
N PHE B 62 27.99 25.74 1.05
CA PHE B 62 28.86 24.72 0.49
C PHE B 62 29.90 24.26 1.50
N TRP B 63 29.75 23.01 1.93
CA TRP B 63 30.60 22.41 2.95
C TRP B 63 31.51 21.35 2.36
N CYS B 64 32.76 21.31 2.84
CA CYS B 64 33.75 20.35 2.36
C CYS B 64 34.55 19.67 3.47
N GLY B 65 34.06 19.78 4.69
CA GLY B 65 34.62 19.04 5.81
C GLY B 65 34.08 17.63 5.83
N THR B 66 34.40 16.89 6.89
CA THR B 66 33.91 15.52 7.03
C THR B 66 33.63 15.21 8.51
N GLY B 67 33.05 14.04 8.76
CA GLY B 67 32.73 13.63 10.12
C GLY B 67 33.92 13.02 10.84
N LYS B 68 33.64 12.17 11.82
CA LYS B 68 34.68 11.48 12.58
C LYS B 68 35.56 10.65 11.64
N GLN B 69 36.87 10.74 11.84
CA GLN B 69 37.83 9.97 11.04
C GLN B 69 38.59 8.97 11.91
N SER B 70 38.27 8.96 13.20
CA SER B 70 38.84 8.06 14.19
C SER B 70 37.94 8.01 15.41
N HIS B 71 38.07 6.95 16.22
CA HIS B 71 37.37 6.88 17.50
C HIS B 71 38.00 7.80 18.55
N GLY B 72 39.26 8.15 18.35
CA GLY B 72 39.97 9.06 19.25
C GLY B 72 39.56 10.51 19.06
N LEU B 91 30.80 13.14 21.42
CA LEU B 91 29.49 12.75 21.92
C LEU B 91 28.70 11.84 20.96
N GLN B 92 29.07 11.86 19.68
CA GLN B 92 28.30 11.19 18.63
C GLN B 92 29.17 10.43 17.62
N PRO B 93 28.60 9.40 16.97
CA PRO B 93 29.27 8.75 15.85
C PRO B 93 28.83 9.33 14.50
N ASN B 94 29.02 10.63 14.31
CA ASN B 94 28.63 11.29 13.05
C ASN B 94 29.63 11.04 11.92
N LEU B 95 29.21 10.24 10.95
CA LEU B 95 30.08 9.86 9.83
C LEU B 95 29.46 10.31 8.52
N ARG B 96 30.25 11.02 7.72
CA ARG B 96 29.80 11.54 6.44
C ARG B 96 29.43 10.40 5.48
N THR B 97 28.17 10.37 5.06
CA THR B 97 27.68 9.30 4.19
C THR B 97 27.52 9.77 2.74
N THR B 98 28.02 10.96 2.45
CA THR B 98 27.91 11.57 1.13
C THR B 98 29.30 11.78 0.52
N PRO B 99 29.49 11.32 -0.74
CA PRO B 99 30.75 11.63 -1.44
C PRO B 99 30.79 13.12 -1.83
N PHE B 100 31.97 13.59 -2.22
CA PHE B 100 32.12 14.99 -2.63
C PHE B 100 31.88 15.14 -4.13
N VAL B 101 30.84 15.88 -4.46
CA VAL B 101 30.34 15.96 -5.84
C VAL B 101 30.93 17.13 -6.61
N LEU B 102 31.39 18.15 -5.87
CA LEU B 102 31.99 19.33 -6.46
C LEU B 102 33.38 19.57 -5.87
N ASP B 103 34.31 19.97 -6.72
CA ASP B 103 35.64 20.36 -6.28
C ASP B 103 35.66 21.87 -6.10
N PRO B 104 35.80 22.34 -4.84
CA PRO B 104 35.83 23.78 -4.57
C PRO B 104 36.95 24.49 -5.33
N PHE B 105 38.07 23.79 -5.53
CA PHE B 105 39.23 24.38 -6.19
C PHE B 105 39.12 24.38 -7.72
N ALA B 106 38.04 23.80 -8.23
CA ALA B 106 37.75 23.85 -9.66
C ALA B 106 36.74 24.95 -9.98
N ILE B 107 36.21 25.60 -8.93
CA ILE B 107 35.31 26.73 -9.09
C ILE B 107 36.03 27.91 -9.74
N ARG B 108 35.49 28.38 -10.86
CA ARG B 108 36.03 29.56 -11.56
C ARG B 108 34.98 30.66 -11.60
N GLN B 109 33.89 30.40 -12.33
CA GLN B 109 32.81 31.36 -12.46
C GLN B 109 31.87 31.29 -11.26
N ILE B 110 31.90 32.34 -10.45
CA ILE B 110 31.01 32.50 -9.30
C ILE B 110 30.72 33.98 -9.08
N ASP B 111 29.50 34.29 -8.64
CA ASP B 111 29.09 35.67 -8.39
C ASP B 111 28.98 36.00 -6.91
N ALA B 112 28.66 34.99 -6.08
CA ALA B 112 28.54 35.19 -4.64
C ALA B 112 28.70 33.89 -3.83
N VAL B 113 29.20 34.03 -2.60
CA VAL B 113 29.30 32.93 -1.65
C VAL B 113 28.44 33.26 -0.44
N LEU B 114 27.54 32.35 -0.09
CA LEU B 114 26.61 32.58 1.01
C LEU B 114 26.65 31.49 2.08
N ALA B 115 26.35 31.90 3.31
CA ALA B 115 26.17 31.00 4.44
C ALA B 115 24.91 31.38 5.20
N THR B 116 24.19 30.38 5.72
CA THR B 116 22.98 30.62 6.51
C THR B 116 23.31 30.82 7.99
N HIS B 117 24.23 30.02 8.51
CA HIS B 117 24.72 30.17 9.88
C HIS B 117 26.15 29.64 10.05
N ASP B 118 26.73 29.90 11.22
CA ASP B 118 28.16 29.70 11.46
C ASP B 118 28.59 28.28 11.83
N HIS B 119 27.63 27.38 12.01
CA HIS B 119 27.93 25.99 12.41
C HIS B 119 28.81 25.27 11.38
N ASN B 120 29.59 24.31 11.88
CA ASN B 120 30.58 23.57 11.09
C ASN B 120 30.09 23.08 9.71
N ASP B 121 28.87 22.55 9.68
CA ASP B 121 28.33 21.91 8.47
C ASP B 121 27.94 22.89 7.35
N HIS B 122 28.01 24.19 7.63
CA HIS B 122 27.43 25.19 6.72
C HIS B 122 28.42 26.25 6.23
N ILE B 123 29.61 26.28 6.85
CA ILE B 123 30.66 27.21 6.45
C ILE B 123 32.00 26.48 6.37
N ASP B 124 32.78 26.78 5.34
CA ASP B 124 34.01 26.04 5.08
C ASP B 124 35.15 26.96 4.62
N VAL B 125 36.30 26.81 5.26
CA VAL B 125 37.49 27.61 4.93
C VAL B 125 38.10 27.24 3.58
N ASN B 126 38.13 25.94 3.28
CA ASN B 126 38.67 25.45 2.00
C ASN B 126 37.90 25.99 0.80
N VAL B 127 36.59 26.18 0.98
CA VAL B 127 35.73 26.78 -0.04
C VAL B 127 36.06 28.27 -0.17
N ALA B 128 36.21 28.95 0.97
CA ALA B 128 36.61 30.35 1.01
C ALA B 128 37.96 30.54 0.32
N ALA B 129 38.94 29.73 0.72
CA ALA B 129 40.29 29.74 0.13
C ALA B 129 40.27 29.58 -1.38
N ALA B 130 39.54 28.57 -1.85
CA ALA B 130 39.47 28.25 -3.28
C ALA B 130 38.89 29.41 -4.10
N VAL B 131 37.91 30.09 -3.52
CA VAL B 131 37.29 31.24 -4.19
C VAL B 131 38.25 32.43 -4.16
N MET B 132 38.89 32.65 -3.02
CA MET B 132 39.86 33.73 -2.85
C MET B 132 41.02 33.62 -3.82
N GLN B 133 41.50 32.39 -4.02
CA GLN B 133 42.69 32.13 -4.84
C GLN B 133 42.41 32.09 -6.33
N ASN B 134 41.24 31.56 -6.71
CA ASN B 134 40.95 31.24 -8.11
C ASN B 134 39.90 32.13 -8.79
N CYS B 135 39.05 32.78 -7.99
CA CYS B 135 37.94 33.56 -8.55
C CYS B 135 38.16 35.07 -8.44
N ALA B 136 37.27 35.82 -9.07
CA ALA B 136 37.34 37.29 -9.12
C ALA B 136 37.43 37.97 -7.74
N ASP B 137 37.88 39.22 -7.73
CA ASP B 137 38.12 39.98 -6.49
C ASP B 137 36.85 40.62 -5.91
N ASP B 138 35.88 40.90 -6.77
CA ASP B 138 34.64 41.57 -6.37
C ASP B 138 33.52 40.60 -5.97
N VAL B 139 33.88 39.34 -5.68
CA VAL B 139 32.91 38.31 -5.29
C VAL B 139 32.63 38.40 -3.78
N PRO B 140 31.41 38.83 -3.42
CA PRO B 140 31.10 39.07 -2.00
C PRO B 140 30.83 37.79 -1.22
N PHE B 141 31.18 37.82 0.06
CA PHE B 141 30.85 36.74 0.99
C PHE B 141 29.69 37.20 1.88
N ILE B 142 28.50 36.66 1.59
CA ILE B 142 27.27 37.10 2.24
C ILE B 142 26.86 36.13 3.35
N GLY B 143 26.57 36.68 4.53
CA GLY B 143 26.16 35.89 5.67
C GLY B 143 25.92 36.72 6.93
N PRO B 144 25.40 36.08 8.00
CA PRO B 144 25.24 36.72 9.30
C PRO B 144 26.55 37.26 9.86
N LYS B 145 26.46 38.06 10.93
CA LYS B 145 27.61 38.73 11.51
C LYS B 145 28.70 37.75 11.96
N THR B 146 28.29 36.66 12.60
CA THR B 146 29.23 35.63 13.07
C THR B 146 29.90 34.87 11.91
N CYS B 147 29.27 34.90 10.74
CA CYS B 147 29.79 34.24 9.55
C CYS B 147 30.88 35.06 8.86
N VAL B 148 30.69 36.38 8.83
CA VAL B 148 31.71 37.27 8.27
C VAL B 148 32.91 37.38 9.22
N ASP B 149 32.66 37.18 10.51
CA ASP B 149 33.73 37.14 11.52
C ASP B 149 34.69 35.99 11.23
N LEU B 150 34.14 34.81 10.95
CA LEU B 150 34.93 33.62 10.61
C LEU B 150 35.67 33.80 9.28
N TRP B 151 34.99 34.39 8.29
CA TRP B 151 35.62 34.68 7.00
C TRP B 151 36.78 35.66 7.12
N ILE B 152 36.57 36.75 7.85
CA ILE B 152 37.64 37.71 8.14
C ILE B 152 38.76 37.01 8.92
N GLY B 153 38.39 36.21 9.91
CA GLY B 153 39.34 35.43 10.71
C GLY B 153 40.15 34.44 9.89
N TRP B 154 39.61 34.00 8.76
CA TRP B 154 40.32 33.12 7.85
C TRP B 154 41.13 33.89 6.81
N GLY B 155 41.01 35.21 6.81
CA GLY B 155 41.83 36.07 5.96
C GLY B 155 41.13 36.75 4.80
N VAL B 156 39.81 36.57 4.70
CA VAL B 156 39.01 37.23 3.67
C VAL B 156 38.87 38.71 4.05
N PRO B 157 39.28 39.62 3.13
CA PRO B 157 39.18 41.07 3.34
C PRO B 157 37.85 41.51 3.94
N LYS B 158 37.92 42.42 4.90
CA LYS B 158 36.75 42.98 5.57
C LYS B 158 35.82 43.69 4.58
N GLU B 159 36.40 44.29 3.55
CA GLU B 159 35.67 45.06 2.55
C GLU B 159 34.90 44.15 1.58
N ARG B 160 35.23 42.88 1.58
CA ARG B 160 34.68 41.92 0.62
C ARG B 160 33.51 41.12 1.20
N CYS B 161 33.15 41.42 2.45
CA CYS B 161 32.10 40.69 3.15
C CYS B 161 30.86 41.55 3.38
N ILE B 162 29.71 41.05 2.92
CA ILE B 162 28.43 41.68 3.22
C ILE B 162 27.77 40.95 4.39
N VAL B 163 27.75 41.61 5.54
CA VAL B 163 27.09 41.08 6.73
C VAL B 163 25.58 41.35 6.67
N VAL B 164 24.78 40.30 6.80
CA VAL B 164 23.31 40.42 6.69
C VAL B 164 22.54 39.99 7.95
N LYS B 165 21.38 40.60 8.13
CA LYS B 165 20.43 40.26 9.19
C LYS B 165 19.05 40.13 8.56
N PRO B 166 18.07 39.53 9.28
CA PRO B 166 16.72 39.41 8.71
C PRO B 166 16.13 40.75 8.32
N GLY B 167 15.71 40.87 7.06
CA GLY B 167 15.18 42.11 6.53
C GLY B 167 16.00 42.65 5.37
N ASP B 168 17.31 42.41 5.40
CA ASP B 168 18.24 42.87 4.37
C ASP B 168 18.01 42.19 3.03
N VAL B 169 18.16 42.97 1.96
CA VAL B 169 18.09 42.44 0.60
C VAL B 169 19.36 42.80 -0.19
N VAL B 170 20.02 41.77 -0.74
CA VAL B 170 21.25 41.96 -1.50
C VAL B 170 21.01 41.59 -2.96
N LYS B 171 21.36 42.51 -3.87
CA LYS B 171 21.23 42.26 -5.30
C LYS B 171 22.54 41.72 -5.86
N VAL B 172 22.46 40.59 -6.56
CA VAL B 172 23.61 39.99 -7.22
C VAL B 172 23.20 39.68 -8.66
N LYS B 173 23.68 40.50 -9.59
CA LYS B 173 23.21 40.49 -10.99
C LYS B 173 21.69 40.51 -11.04
N ASP B 174 21.08 39.47 -11.62
CA ASP B 174 19.62 39.39 -11.71
C ASP B 174 18.97 38.64 -10.54
N ILE B 175 19.80 38.12 -9.64
CA ILE B 175 19.31 37.42 -8.45
C ILE B 175 19.14 38.38 -7.27
N GLU B 176 17.92 38.44 -6.75
CA GLU B 176 17.61 39.25 -5.58
C GLU B 176 17.56 38.36 -4.34
N ILE B 177 18.59 38.46 -3.50
CA ILE B 177 18.70 37.64 -2.30
C ILE B 177 18.03 38.30 -1.10
N HIS B 178 17.02 37.63 -0.54
CA HIS B 178 16.29 38.11 0.62
C HIS B 178 16.71 37.35 1.88
N ALA B 179 17.35 38.05 2.81
CA ALA B 179 17.71 37.48 4.09
C ALA B 179 16.50 37.56 5.02
N LEU B 180 16.10 36.42 5.55
CA LEU B 180 14.92 36.32 6.42
C LEU B 180 15.29 35.65 7.73
N ASP B 181 14.34 35.58 8.66
CA ASP B 181 14.57 35.02 9.99
C ASP B 181 14.88 33.52 9.95
N ALA B 182 15.82 33.11 10.80
CA ALA B 182 16.11 31.70 11.05
C ALA B 182 15.54 31.33 12.42
N PHE B 183 15.45 30.03 12.71
CA PHE B 183 14.67 29.58 13.87
C PHE B 183 15.34 28.47 14.71
N ASP B 184 15.37 28.71 16.03
CA ASP B 184 15.84 27.73 17.01
C ASP B 184 14.69 26.95 17.64
N GLY B 204 19.61 38.36 20.06
CA GLY B 204 18.79 37.47 19.25
C GLY B 204 19.59 36.57 18.32
N MET B 205 18.89 35.88 17.43
CA MET B 205 19.50 34.97 16.46
C MET B 205 19.92 35.70 15.18
N ASP B 206 19.64 37.00 15.13
CA ASP B 206 20.00 37.85 13.99
C ASP B 206 21.52 37.96 13.80
N ASP B 207 22.26 37.70 14.88
CA ASP B 207 23.72 37.68 14.83
C ASP B 207 24.25 36.41 14.17
N ARG B 208 23.59 35.29 14.44
CA ARG B 208 24.11 33.97 14.09
C ARG B 208 23.58 33.37 12.79
N ALA B 209 22.26 33.45 12.59
CA ALA B 209 21.61 32.73 11.50
C ALA B 209 20.54 33.52 10.77
N VAL B 210 20.48 33.33 9.45
CA VAL B 210 19.40 33.85 8.60
C VAL B 210 18.93 32.79 7.60
N ASN B 211 17.69 32.94 7.12
CA ASN B 211 17.20 32.12 6.02
C ASN B 211 17.23 32.93 4.74
N TYR B 212 17.32 32.25 3.61
CA TYR B 212 17.41 32.94 2.33
C TYR B 212 16.24 32.67 1.40
N LEU B 213 15.78 33.73 0.75
CA LEU B 213 14.88 33.59 -0.38
C LEU B 213 15.55 34.20 -1.61
N PHE B 214 15.78 33.36 -2.61
CA PHE B 214 16.49 33.76 -3.82
C PHE B 214 15.50 34.06 -4.95
N LYS B 215 15.20 35.34 -5.14
CA LYS B 215 14.30 35.75 -6.22
C LYS B 215 15.07 35.91 -7.52
N THR B 216 14.82 35.00 -8.46
CA THR B 216 15.42 35.07 -9.79
C THR B 216 14.33 35.42 -10.80
N PRO B 217 14.71 35.92 -11.99
CA PRO B 217 13.71 36.21 -13.03
C PRO B 217 12.93 34.96 -13.46
N GLY B 218 13.42 33.78 -13.12
CA GLY B 218 12.78 32.53 -13.50
C GLY B 218 11.97 31.85 -12.40
N GLY B 219 12.16 32.29 -11.17
CA GLY B 219 11.48 31.71 -10.00
C GLY B 219 12.22 31.94 -8.70
N SER B 220 11.54 31.69 -7.59
CA SER B 220 12.11 31.92 -6.27
C SER B 220 12.48 30.62 -5.55
N LEU B 221 13.46 30.71 -4.66
CA LEU B 221 13.96 29.54 -3.95
C LEU B 221 14.14 29.82 -2.46
N TYR B 222 13.43 29.07 -1.62
CA TYR B 222 13.57 29.20 -0.18
C TYR B 222 14.63 28.23 0.33
N HIS B 223 15.61 28.79 1.04
CA HIS B 223 16.65 27.99 1.66
C HIS B 223 16.57 28.21 3.17
N SER B 224 15.95 27.27 3.86
CA SER B 224 15.74 27.40 5.32
C SER B 224 17.00 27.09 6.12
N GLY B 225 18.06 26.66 5.44
CA GLY B 225 19.34 26.34 6.08
C GLY B 225 19.19 25.17 7.02
N ASP B 226 19.37 25.44 8.32
CA ASP B 226 19.28 24.40 9.33
C ASP B 226 18.23 24.76 10.39
N SER B 227 17.20 25.49 9.97
CA SER B 227 16.14 25.90 10.87
C SER B 227 15.27 24.72 11.33
N HIS B 228 14.86 24.76 12.60
CA HIS B 228 13.80 23.90 13.10
C HIS B 228 12.49 24.39 12.49
N TYR B 229 11.41 23.63 12.65
CA TYR B 229 10.12 24.12 12.18
C TYR B 229 9.70 25.35 12.98
N SER B 230 9.11 26.32 12.28
CA SER B 230 8.60 27.53 12.92
C SER B 230 7.37 28.09 12.22
N ASN B 231 6.54 28.79 12.98
CA ASN B 231 5.34 29.43 12.47
C ASN B 231 5.63 30.60 11.52
N TYR B 232 6.82 31.17 11.66
CA TYR B 232 7.23 32.30 10.83
C TYR B 232 7.47 31.91 9.37
N TYR B 233 7.40 30.61 9.07
CA TYR B 233 7.35 30.13 7.70
C TYR B 233 6.07 30.64 7.03
N ALA B 234 4.99 30.74 7.81
CA ALA B 234 3.72 31.28 7.34
C ALA B 234 3.81 32.77 7.04
N LYS B 235 4.59 33.49 7.85
CA LYS B 235 4.83 34.90 7.63
C LYS B 235 5.52 35.12 6.28
N HIS B 236 6.60 34.37 6.04
CA HIS B 236 7.34 34.44 4.78
C HIS B 236 6.47 34.00 3.60
N GLY B 237 5.61 33.02 3.84
CA GLY B 237 4.69 32.51 2.83
C GLY B 237 3.71 33.55 2.33
N ASN B 238 3.19 34.37 3.25
CA ASN B 238 2.24 35.42 2.91
C ASN B 238 2.88 36.61 2.20
N GLU B 239 4.06 37.00 2.69
CA GLU B 239 4.77 38.18 2.18
C GLU B 239 5.39 37.96 0.81
N HIS B 240 5.87 36.75 0.56
CA HIS B 240 6.61 36.45 -0.67
C HIS B 240 6.00 35.30 -1.44
N GLN B 241 6.25 35.29 -2.75
CA GLN B 241 5.91 34.14 -3.56
C GLN B 241 7.09 33.18 -3.55
N ILE B 242 6.87 31.99 -3.00
CA ILE B 242 7.93 30.97 -2.89
C ILE B 242 7.60 29.80 -3.80
N ASP B 243 8.53 29.48 -4.71
CA ASP B 243 8.29 28.43 -5.69
C ASP B 243 8.86 27.08 -5.25
N VAL B 244 10.14 27.07 -4.89
CA VAL B 244 10.80 25.86 -4.43
C VAL B 244 11.27 26.08 -3.00
N ALA B 245 11.06 25.08 -2.16
CA ALA B 245 11.40 25.18 -0.74
C ALA B 245 12.33 24.05 -0.31
N LEU B 246 13.40 24.42 0.39
CA LEU B 246 14.35 23.45 0.92
C LEU B 246 14.26 23.42 2.44
N GLY B 247 14.26 22.23 3.00
CA GLY B 247 14.16 22.06 4.44
C GLY B 247 15.06 20.96 4.94
N SER B 248 15.65 21.17 6.12
CA SER B 248 16.56 20.21 6.73
C SER B 248 15.83 19.00 7.30
N TYR B 249 15.73 17.96 6.48
CA TYR B 249 15.12 16.71 6.85
C TYR B 249 16.16 15.84 7.55
N GLY B 250 15.70 14.89 8.37
CA GLY B 250 16.61 13.98 9.05
C GLY B 250 15.91 13.14 10.11
N GLU B 251 16.51 12.00 10.41
CA GLU B 251 16.01 11.11 11.45
C GLU B 251 16.67 11.44 12.78
N ASN B 252 15.98 12.26 13.58
CA ASN B 252 16.44 12.61 14.92
C ASN B 252 16.70 11.35 15.75
N PRO B 253 17.89 11.27 16.38
CA PRO B 253 18.15 10.19 17.34
C PRO B 253 17.29 10.34 18.59
N ARG B 254 17.21 9.26 19.38
CA ARG B 254 16.41 9.24 20.60
C ARG B 254 16.80 10.37 21.56
N GLY B 255 15.86 11.28 21.79
CA GLY B 255 16.06 12.38 22.72
C GLY B 255 16.81 13.57 22.16
N ILE B 256 16.85 13.67 20.83
CA ILE B 256 17.47 14.81 20.17
C ILE B 256 16.50 15.39 19.14
N THR B 257 16.25 16.70 19.24
CA THR B 257 15.47 17.40 18.21
C THR B 257 16.36 18.41 17.47
N ASP B 258 16.91 17.95 16.34
CA ASP B 258 17.93 18.68 15.60
C ASP B 258 17.59 18.85 14.12
N LYS B 259 16.65 18.04 13.62
CA LYS B 259 16.24 18.08 12.21
C LYS B 259 14.71 17.98 12.07
N MET B 260 14.18 18.52 10.97
CA MET B 260 12.74 18.48 10.72
C MET B 260 12.25 17.08 10.36
N THR B 261 11.07 16.74 10.88
CA THR B 261 10.43 15.45 10.59
C THR B 261 9.75 15.48 9.23
N SER B 262 9.29 14.31 8.79
CA SER B 262 8.56 14.17 7.53
C SER B 262 7.26 14.99 7.52
N ALA B 263 6.59 15.05 8.67
CA ALA B 263 5.36 15.83 8.79
C ALA B 263 5.64 17.33 8.79
N ASP B 264 6.75 17.72 9.40
CA ASP B 264 7.17 19.12 9.44
C ASP B 264 7.48 19.64 8.05
N MET B 265 8.11 18.80 7.23
CA MET B 265 8.43 19.12 5.85
C MET B 265 7.18 19.55 5.09
N LEU B 266 6.10 18.79 5.26
CA LEU B 266 4.82 19.08 4.61
C LEU B 266 4.21 20.35 5.15
N ARG B 267 4.29 20.54 6.46
CA ARG B 267 3.79 21.74 7.12
C ARG B 267 4.51 23.00 6.61
N MET B 268 5.82 22.89 6.41
CA MET B 268 6.63 23.96 5.86
C MET B 268 6.14 24.34 4.46
N GLY B 269 5.91 23.33 3.64
CA GLY B 269 5.39 23.53 2.29
C GLY B 269 4.13 24.36 2.31
N GLU B 270 3.20 23.99 3.18
CA GLU B 270 1.93 24.69 3.33
C GLU B 270 2.14 26.11 3.82
N ALA B 271 2.96 26.27 4.85
CA ALA B 271 3.22 27.58 5.45
C ALA B 271 3.89 28.55 4.47
N LEU B 272 4.91 28.08 3.76
CA LEU B 272 5.62 28.90 2.76
C LEU B 272 4.82 29.05 1.46
N ASN B 273 3.77 28.25 1.31
CA ASN B 273 2.95 28.19 0.10
C ASN B 273 3.76 27.93 -1.17
N ALA B 274 4.77 27.06 -1.04
CA ALA B 274 5.60 26.64 -2.16
C ALA B 274 4.83 25.73 -3.12
N LYS B 275 5.45 25.40 -4.26
CA LYS B 275 4.90 24.43 -5.20
C LYS B 275 5.73 23.15 -5.18
N VAL B 276 6.96 23.27 -4.70
CA VAL B 276 7.87 22.14 -4.59
C VAL B 276 8.57 22.16 -3.23
N VAL B 277 8.49 21.04 -2.53
CA VAL B 277 9.17 20.87 -1.25
C VAL B 277 10.25 19.79 -1.38
N ILE B 278 11.49 20.16 -1.08
CA ILE B 278 12.63 19.26 -1.20
C ILE B 278 13.37 19.11 0.12
N PRO B 279 13.51 17.87 0.61
CA PRO B 279 14.34 17.60 1.77
C PRO B 279 15.84 17.65 1.44
N PHE B 280 16.63 18.23 2.32
CA PHE B 280 18.09 18.04 2.30
C PHE B 280 18.66 17.91 3.70
N HIS B 281 19.98 17.72 3.80
CA HIS B 281 20.70 17.55 5.07
C HIS B 281 20.56 16.13 5.65
N HIS B 282 19.59 15.38 5.16
CA HIS B 282 19.37 14.00 5.62
C HIS B 282 20.44 13.06 5.05
N ASP B 283 21.09 13.53 3.99
CA ASP B 283 22.10 12.79 3.24
C ASP B 283 23.44 12.66 3.98
N ILE B 284 23.74 13.64 4.82
CA ILE B 284 25.11 13.89 5.23
C ILE B 284 25.60 13.14 6.47
N TRP B 285 24.72 12.88 7.42
CA TRP B 285 25.12 12.17 8.64
C TRP B 285 24.53 10.78 8.77
N SER B 286 25.40 9.81 9.09
CA SER B 286 25.00 8.43 9.32
C SER B 286 23.94 8.31 10.42
N ASN B 287 24.09 9.11 11.48
CA ASN B 287 23.10 9.17 12.56
C ASN B 287 21.70 9.50 12.06
N PHE B 288 21.63 10.52 11.20
CA PHE B 288 20.35 11.10 10.78
C PHE B 288 19.78 10.46 9.51
N GLN B 289 20.32 9.30 9.14
CA GLN B 289 19.83 8.53 8.00
C GLN B 289 18.30 8.40 8.06
N ALA B 290 17.63 9.02 7.11
CA ALA B 290 16.17 9.00 7.06
C ALA B 290 15.68 8.61 5.67
N ASP B 291 14.41 8.21 5.60
CA ASP B 291 13.79 7.89 4.32
C ASP B 291 12.92 9.06 3.89
N PRO B 292 13.34 9.78 2.83
CA PRO B 292 12.55 10.90 2.32
C PRO B 292 11.20 10.48 1.73
N GLN B 293 11.00 9.17 1.59
CA GLN B 293 9.74 8.60 1.09
C GLN B 293 8.58 8.81 2.07
N GLU B 294 8.90 9.06 3.33
CA GLU B 294 7.90 9.35 4.36
C GLU B 294 7.13 10.62 4.02
N ILE B 295 7.86 11.60 3.48
CA ILE B 295 7.26 12.85 3.03
C ILE B 295 6.21 12.58 1.95
N ARG B 296 6.56 11.72 0.99
CA ARG B 296 5.66 11.33 -0.10
C ARG B 296 4.44 10.57 0.40
N VAL B 297 4.67 9.55 1.22
CA VAL B 297 3.60 8.71 1.74
C VAL B 297 2.61 9.56 2.55
N LEU B 298 3.14 10.41 3.44
CA LEU B 298 2.29 11.32 4.20
C LEU B 298 1.56 12.29 3.28
N TRP B 299 2.25 12.77 2.25
CA TRP B 299 1.67 13.67 1.26
C TRP B 299 0.50 13.01 0.51
N GLU B 300 0.62 11.72 0.20
CA GLU B 300 -0.45 11.01 -0.50
C GLU B 300 -1.72 10.84 0.36
N MET B 301 -1.54 10.84 1.67
CA MET B 301 -2.65 10.71 2.63
C MET B 301 -3.38 12.03 2.85
N LYS B 302 -2.61 13.12 2.92
CA LYS B 302 -3.11 14.42 3.37
C LYS B 302 -3.45 15.42 2.26
N LYS B 303 -2.84 15.25 1.08
CA LYS B 303 -2.87 16.28 0.03
C LYS B 303 -4.28 16.80 -0.30
N ASP B 304 -5.22 15.88 -0.48
CA ASP B 304 -6.59 16.21 -0.88
C ASP B 304 -7.39 16.79 0.28
N ARG B 305 -7.21 16.21 1.46
CA ARG B 305 -7.89 16.68 2.67
C ARG B 305 -7.46 18.09 3.04
N LEU B 306 -6.17 18.36 2.89
CA LEU B 306 -5.59 19.64 3.31
C LEU B 306 -5.39 20.62 2.15
N LYS B 307 -5.81 20.21 0.96
CA LYS B 307 -5.68 21.03 -0.26
C LYS B 307 -4.24 21.53 -0.42
N TYR B 308 -3.28 20.63 -0.26
CA TYR B 308 -1.89 20.97 -0.43
C TYR B 308 -1.65 21.50 -1.85
N GLY B 309 -1.04 22.67 -1.94
CA GLY B 309 -0.75 23.30 -3.23
C GLY B 309 0.67 23.06 -3.71
N PHE B 310 1.35 22.10 -3.09
CA PHE B 310 2.71 21.75 -3.45
C PHE B 310 2.86 20.26 -3.73
N LYS B 311 4.05 19.88 -4.19
CA LYS B 311 4.43 18.48 -4.34
C LYS B 311 5.80 18.28 -3.72
N PRO B 312 6.02 17.12 -3.07
CA PRO B 312 7.37 16.81 -2.61
C PRO B 312 8.25 16.37 -3.78
N PHE B 313 9.54 16.66 -3.69
CA PHE B 313 10.50 16.19 -4.67
C PHE B 313 11.73 15.64 -3.97
N ILE B 314 12.01 14.36 -4.17
CA ILE B 314 13.19 13.71 -3.60
C ILE B 314 14.38 13.85 -4.54
N TRP B 315 15.39 14.58 -4.08
CA TRP B 315 16.58 14.86 -4.85
C TRP B 315 17.68 13.84 -4.54
N GLN B 316 18.72 13.84 -5.36
CA GLN B 316 19.95 13.12 -5.07
C GLN B 316 21.14 14.07 -5.13
N VAL B 317 22.11 13.85 -4.25
CA VAL B 317 23.28 14.72 -4.18
C VAL B 317 24.04 14.71 -5.49
N GLY B 318 24.36 15.90 -5.99
CA GLY B 318 25.00 16.06 -7.31
C GLY B 318 23.99 16.19 -8.43
N GLY B 319 22.71 16.10 -8.10
CA GLY B 319 21.64 16.22 -9.08
C GLY B 319 21.30 17.64 -9.45
N LYS B 320 20.72 17.80 -10.63
CA LYS B 320 20.26 19.10 -11.11
C LYS B 320 18.74 19.22 -10.93
N PHE B 321 18.27 20.43 -10.63
CA PHE B 321 16.84 20.71 -10.64
C PHE B 321 16.56 21.95 -11.48
N THR B 322 15.55 21.86 -12.35
CA THR B 322 15.12 22.99 -13.15
C THR B 322 13.67 23.36 -12.83
N TRP B 323 13.48 24.49 -12.15
CA TRP B 323 12.16 25.07 -11.96
C TRP B 323 11.81 25.89 -13.19
N PRO B 324 10.58 25.74 -13.71
CA PRO B 324 9.52 24.83 -13.26
C PRO B 324 9.49 23.48 -13.97
N LEU B 325 10.50 23.20 -14.80
CA LEU B 325 10.49 21.98 -15.62
C LEU B 325 10.24 20.71 -14.81
N ASP B 326 10.95 20.58 -13.69
CA ASP B 326 10.95 19.34 -12.92
C ASP B 326 9.97 19.32 -11.75
N LYS B 327 9.10 20.33 -11.69
CA LYS B 327 8.22 20.52 -10.52
C LYS B 327 7.28 19.32 -10.21
N ASP B 328 6.93 18.54 -11.24
CA ASP B 328 5.97 17.46 -11.09
C ASP B 328 6.61 16.06 -11.08
N ASN B 329 7.93 16.02 -10.93
CA ASN B 329 8.69 14.77 -11.08
C ASN B 329 8.65 13.83 -9.87
N PHE B 330 8.47 14.37 -8.67
CA PHE B 330 8.45 13.60 -7.41
C PHE B 330 9.81 13.01 -7.01
N GLU B 331 10.46 12.32 -7.96
CA GLU B 331 11.74 11.68 -7.69
C GLU B 331 12.77 11.94 -8.79
N TYR B 332 13.95 12.37 -8.37
CA TYR B 332 15.10 12.56 -9.27
C TYR B 332 15.79 11.23 -9.55
N HIS B 333 16.32 11.09 -10.76
CA HIS B 333 17.29 10.03 -11.07
C HIS B 333 18.50 10.62 -11.79
N TYR B 334 19.70 10.16 -11.41
CA TYR B 334 20.94 10.55 -12.10
C TYR B 334 20.83 10.19 -13.58
N PRO B 335 21.38 11.06 -14.47
CA PRO B 335 21.40 10.74 -15.90
C PRO B 335 21.88 9.32 -16.14
N ARG B 336 21.08 8.52 -16.83
CA ARG B 336 21.41 7.13 -17.08
C ARG B 336 22.32 6.93 -18.30
N GLY B 337 22.28 7.88 -19.23
CA GLY B 337 23.18 7.91 -20.39
C GLY B 337 23.04 6.72 -21.31
N FME C 1 -50.32 19.69 25.82
CN FME C 1 -49.37 19.78 26.82
O1 FME C 1 -48.74 20.82 26.99
CA FME C 1 -50.90 18.35 25.82
CB FME C 1 -52.42 18.43 25.67
CG FME C 1 -53.09 17.23 26.34
SD FME C 1 -53.86 17.74 27.86
CE FME C 1 -53.79 16.53 29.13
C FME C 1 -50.27 17.50 24.73
O FME C 1 -49.75 16.43 25.03
N SER C 2 -50.29 17.98 23.49
CA SER C 2 -49.61 17.27 22.40
C SER C 2 -48.11 17.57 22.46
N LYS C 3 -47.30 16.57 22.09
CA LYS C 3 -45.84 16.64 22.27
C LYS C 3 -45.15 17.77 21.52
N VAL C 4 -45.69 18.19 20.37
CA VAL C 4 -45.15 19.35 19.64
C VAL C 4 -45.54 20.68 20.30
N LYS C 5 -46.05 20.60 21.52
CA LYS C 5 -46.44 21.76 22.31
C LYS C 5 -45.86 21.65 23.72
N SER C 6 -45.79 20.42 24.24
CA SER C 6 -45.28 20.16 25.59
C SER C 6 -43.76 20.14 25.67
N ILE C 7 -43.12 19.72 24.58
CA ILE C 7 -41.66 19.68 24.50
C ILE C 7 -41.07 21.07 24.28
N THR C 8 -40.07 21.40 25.08
CA THR C 8 -39.31 22.64 24.93
C THR C 8 -37.86 22.32 24.58
N ARG C 9 -37.12 23.33 24.11
CA ARG C 9 -35.68 23.21 23.90
C ARG C 9 -35.02 22.61 25.14
N GLU C 10 -35.47 23.08 26.30
CA GLU C 10 -34.86 22.73 27.58
C GLU C 10 -35.11 21.28 27.98
N SER C 11 -36.34 20.81 27.78
CA SER C 11 -36.70 19.43 28.11
C SER C 11 -36.01 18.44 27.19
N TRP C 12 -35.85 18.82 25.91
CA TRP C 12 -35.11 18.00 24.96
C TRP C 12 -33.67 17.83 25.40
N ILE C 13 -33.04 18.92 25.83
CA ILE C 13 -31.65 18.90 26.29
C ILE C 13 -31.51 18.03 27.54
N LEU C 14 -32.38 18.25 28.52
CA LEU C 14 -32.35 17.48 29.78
C LEU C 14 -32.67 16.00 29.59
N SER C 15 -33.24 15.64 28.44
CA SER C 15 -33.59 14.25 28.12
C SER C 15 -32.50 13.53 27.35
N THR C 16 -31.71 14.28 26.59
CA THR C 16 -30.79 13.70 25.61
C THR C 16 -29.33 13.69 26.06
N PHE C 17 -28.96 14.64 26.92
CA PHE C 17 -27.55 14.86 27.26
C PHE C 17 -27.23 14.58 28.73
N PRO C 18 -26.02 14.06 29.02
CA PRO C 18 -24.97 13.68 28.07
C PRO C 18 -25.34 12.42 27.28
N GLU C 19 -24.89 12.36 26.03
CA GLU C 19 -25.31 11.31 25.07
C GLU C 19 -25.28 9.87 25.60
N TRP C 20 -24.25 9.53 26.38
CA TRP C 20 -24.11 8.17 26.92
C TRP C 20 -24.79 7.99 28.28
N GLY C 21 -25.44 9.06 28.77
CA GLY C 21 -26.07 9.05 30.09
C GLY C 21 -25.09 8.66 31.18
N SER C 22 -25.34 7.52 31.81
CA SER C 22 -24.45 7.00 32.84
C SER C 22 -23.89 5.61 32.51
N TRP C 23 -24.03 5.19 31.25
CA TRP C 23 -23.55 3.89 30.78
C TRP C 23 -22.08 3.63 31.15
N LEU C 24 -21.21 4.60 30.88
CA LEU C 24 -19.79 4.46 31.16
C LEU C 24 -19.50 4.53 32.65
N ASN C 25 -20.14 5.47 33.34
CA ASN C 25 -20.13 5.52 34.81
C ASN C 25 -20.41 4.14 35.41
N GLU C 26 -21.48 3.51 34.92
CA GLU C 26 -21.90 2.19 35.37
C GLU C 26 -20.91 1.08 34.98
N GLU C 27 -20.33 1.22 33.80
CA GLU C 27 -19.35 0.25 33.29
C GLU C 27 -18.02 0.32 34.05
N ILE C 28 -17.59 1.53 34.37
CA ILE C 28 -16.35 1.77 35.14
C ILE C 28 -16.49 1.22 36.55
N GLU C 29 -17.64 1.49 37.17
CA GLU C 29 -17.99 0.97 38.49
C GLU C 29 -18.00 -0.57 38.48
N GLN C 30 -18.60 -1.15 37.45
CA GLN C 30 -18.72 -2.62 37.32
C GLN C 30 -17.41 -3.35 37.01
N GLU C 31 -16.41 -2.63 36.51
CA GLU C 31 -15.18 -3.24 35.99
C GLU C 31 -14.31 -3.92 37.05
N GLN C 32 -14.03 -5.20 36.83
CA GLN C 32 -13.13 -5.96 37.68
C GLN C 32 -11.75 -6.04 37.04
N VAL C 33 -10.89 -5.09 37.40
CA VAL C 33 -9.52 -5.05 36.87
C VAL C 33 -8.71 -6.20 37.44
N ALA C 34 -8.34 -7.13 36.57
CA ALA C 34 -7.55 -8.30 36.96
C ALA C 34 -6.17 -7.90 37.46
N PRO C 35 -5.62 -8.65 38.43
CA PRO C 35 -4.25 -8.44 38.89
C PRO C 35 -3.23 -8.56 37.75
N GLY C 36 -2.20 -7.71 37.77
CA GLY C 36 -1.20 -7.66 36.70
C GLY C 36 -1.60 -6.80 35.52
N THR C 37 -2.80 -6.22 35.59
CA THR C 37 -3.30 -5.32 34.54
C THR C 37 -3.78 -3.99 35.10
N PHE C 38 -4.02 -3.03 34.22
CA PHE C 38 -4.82 -1.85 34.55
C PHE C 38 -5.82 -1.52 33.46
N ALA C 39 -6.96 -0.96 33.87
CA ALA C 39 -8.02 -0.56 32.96
C ALA C 39 -8.00 0.95 32.79
N MET C 40 -8.49 1.42 31.66
CA MET C 40 -8.35 2.82 31.27
C MET C 40 -9.46 3.20 30.29
N TRP C 41 -10.08 4.35 30.52
CA TRP C 41 -11.11 4.87 29.63
C TRP C 41 -10.80 6.28 29.16
N TRP C 42 -11.04 6.52 27.87
CA TRP C 42 -10.83 7.83 27.27
C TRP C 42 -12.13 8.61 27.35
N LEU C 43 -12.07 9.80 27.92
CA LEU C 43 -13.26 10.58 28.23
C LEU C 43 -13.39 11.84 27.37
N GLY C 44 -12.68 11.85 26.25
CA GLY C 44 -12.65 13.01 25.36
C GLY C 44 -11.45 13.89 25.67
N CYS C 45 -10.93 14.55 24.63
CA CYS C 45 -9.76 15.42 24.75
C CYS C 45 -8.59 14.68 25.39
N THR C 46 -8.08 15.17 26.51
CA THR C 46 -7.03 14.48 27.25
C THR C 46 -7.56 13.82 28.52
N GLY C 47 -8.88 13.67 28.59
CA GLY C 47 -9.55 13.11 29.76
C GLY C 47 -9.42 11.60 29.87
N ILE C 48 -8.78 11.15 30.94
CA ILE C 48 -8.55 9.73 31.17
C ILE C 48 -9.09 9.30 32.54
N TRP C 49 -9.81 8.17 32.54
CA TRP C 49 -10.15 7.48 33.78
C TRP C 49 -9.28 6.23 33.91
N LEU C 50 -8.67 6.07 35.07
CA LEU C 50 -7.77 4.96 35.34
C LEU C 50 -8.19 4.19 36.57
N LYS C 51 -8.22 2.86 36.46
CA LYS C 51 -8.61 1.99 37.57
C LYS C 51 -7.59 0.86 37.75
N SER C 52 -6.91 0.84 38.89
CA SER C 52 -5.87 -0.14 39.17
C SER C 52 -6.47 -1.49 39.54
N GLU C 53 -5.61 -2.49 39.75
CA GLU C 53 -6.05 -3.82 40.17
C GLU C 53 -6.70 -3.80 41.56
N GLY C 54 -6.27 -2.87 42.41
CA GLY C 54 -6.85 -2.70 43.74
C GLY C 54 -8.10 -1.85 43.77
N GLY C 55 -8.64 -1.54 42.58
CA GLY C 55 -9.86 -0.75 42.47
C GLY C 55 -9.70 0.73 42.75
N THR C 56 -8.49 1.25 42.65
CA THR C 56 -8.24 2.67 42.85
C THR C 56 -8.63 3.46 41.60
N ASN C 57 -9.57 4.39 41.76
CA ASN C 57 -10.10 5.17 40.64
C ASN C 57 -9.51 6.58 40.58
N VAL C 58 -8.96 6.91 39.41
CA VAL C 58 -8.33 8.20 39.20
C VAL C 58 -8.84 8.87 37.93
N CYS C 59 -9.09 10.18 38.02
CA CYS C 59 -9.63 10.95 36.92
C CYS C 59 -8.66 12.07 36.54
N VAL C 60 -8.18 12.03 35.31
CA VAL C 60 -7.21 13.04 34.82
C VAL C 60 -7.79 13.86 33.67
N ASP C 61 -7.63 15.18 33.78
CA ASP C 61 -8.03 16.14 32.73
C ASP C 61 -9.44 15.96 32.17
N PHE C 62 -10.35 15.50 33.01
CA PHE C 62 -11.75 15.32 32.63
C PHE C 62 -12.40 16.68 32.35
N TRP C 63 -12.71 16.93 31.08
CA TRP C 63 -13.24 18.23 30.65
C TRP C 63 -14.65 18.08 30.10
N CYS C 64 -15.56 18.87 30.66
CA CYS C 64 -16.98 18.78 30.34
C CYS C 64 -17.57 20.06 29.75
N GLY C 65 -16.71 20.84 29.09
CA GLY C 65 -17.15 22.04 28.39
C GLY C 65 -17.31 21.80 26.90
N THR C 66 -17.49 22.87 26.15
CA THR C 66 -17.64 22.79 24.71
C THR C 66 -16.90 23.93 24.02
N GLY C 67 -16.83 23.88 22.69
CA GLY C 67 -16.22 24.95 21.90
C GLY C 67 -17.19 26.08 21.62
N LYS C 68 -17.06 26.67 20.43
CA LYS C 68 -17.92 27.77 19.99
C LYS C 68 -19.38 27.32 19.83
N GLN C 69 -20.30 28.19 20.22
CA GLN C 69 -21.73 27.91 20.12
C GLN C 69 -22.47 28.98 19.32
N SER C 70 -21.73 29.99 18.88
CA SER C 70 -22.28 31.08 18.06
C SER C 70 -21.18 31.78 17.27
N HIS C 71 -21.58 32.49 16.21
CA HIS C 71 -20.65 33.26 15.38
C HIS C 71 -20.31 34.61 16.01
N GLY C 72 -21.32 35.29 16.55
CA GLY C 72 -21.15 36.61 17.14
C GLY C 72 -21.47 36.63 18.63
N GLN C 92 -11.00 31.84 16.60
CA GLN C 92 -10.80 30.42 16.33
C GLN C 92 -12.14 29.69 16.15
N PRO C 93 -12.31 28.98 15.02
CA PRO C 93 -13.53 28.21 14.81
C PRO C 93 -13.44 26.80 15.40
N ASN C 94 -13.12 26.72 16.70
CA ASN C 94 -13.03 25.45 17.40
C ASN C 94 -14.41 24.94 17.83
N LEU C 95 -14.86 23.86 17.19
CA LEU C 95 -16.13 23.25 17.52
C LEU C 95 -15.88 21.86 18.10
N ARG C 96 -16.58 21.54 19.19
CA ARG C 96 -16.41 20.24 19.82
C ARG C 96 -16.96 19.14 18.92
N THR C 97 -16.11 18.18 18.58
CA THR C 97 -16.46 17.08 17.68
C THR C 97 -16.62 15.75 18.41
N THR C 98 -16.43 15.77 19.74
CA THR C 98 -16.55 14.58 20.59
C THR C 98 -17.83 14.66 21.45
N PRO C 99 -18.63 13.57 21.46
CA PRO C 99 -19.80 13.53 22.33
C PRO C 99 -19.39 13.37 23.80
N PHE C 100 -20.35 13.47 24.72
CA PHE C 100 -20.06 13.31 26.13
C PHE C 100 -20.34 11.87 26.59
N VAL C 101 -19.26 11.14 26.85
CA VAL C 101 -19.35 9.71 27.16
C VAL C 101 -19.50 9.43 28.66
N LEU C 102 -19.16 10.42 29.48
CA LEU C 102 -19.23 10.26 30.93
C LEU C 102 -19.99 11.41 31.58
N ASP C 103 -20.88 11.07 32.51
CA ASP C 103 -21.58 12.06 33.33
C ASP C 103 -20.77 12.31 34.60
N PRO C 104 -20.24 13.53 34.76
CA PRO C 104 -19.48 13.88 35.96
C PRO C 104 -20.34 13.79 37.22
N PHE C 105 -21.62 14.15 37.10
CA PHE C 105 -22.55 14.14 38.23
C PHE C 105 -23.07 12.75 38.59
N ALA C 106 -22.61 11.74 37.85
CA ALA C 106 -22.96 10.35 38.15
C ALA C 106 -21.80 9.60 38.82
N ILE C 107 -20.68 10.28 39.01
CA ILE C 107 -19.50 9.69 39.66
C ILE C 107 -19.77 9.50 41.15
N ARG C 108 -19.55 8.28 41.65
CA ARG C 108 -19.64 7.99 43.07
C ARG C 108 -18.29 7.60 43.64
N GLN C 109 -17.68 6.56 43.07
CA GLN C 109 -16.37 6.10 43.54
C GLN C 109 -15.25 6.78 42.78
N ILE C 110 -14.47 7.58 43.51
CA ILE C 110 -13.30 8.24 42.97
C ILE C 110 -12.29 8.47 44.09
N ASP C 111 -11.01 8.27 43.79
CA ASP C 111 -9.95 8.40 44.78
C ASP C 111 -9.09 9.64 44.60
N ALA C 112 -9.07 10.19 43.37
CA ALA C 112 -8.30 11.40 43.07
C ALA C 112 -8.71 12.05 41.76
N VAL C 113 -8.79 13.38 41.78
CA VAL C 113 -9.02 14.20 40.58
C VAL C 113 -7.73 14.94 40.26
N LEU C 114 -7.26 14.80 39.02
CA LEU C 114 -6.00 15.40 38.61
C LEU C 114 -6.15 16.29 37.38
N ALA C 115 -5.33 17.34 37.32
CA ALA C 115 -5.22 18.20 36.15
C ALA C 115 -3.75 18.43 35.80
N THR C 116 -3.43 18.45 34.51
CA THR C 116 -2.06 18.67 34.05
C THR C 116 -1.71 20.16 33.98
N HIS C 117 -2.66 20.97 33.52
CA HIS C 117 -2.48 22.43 33.45
C HIS C 117 -3.81 23.20 33.51
N ASP C 118 -3.71 24.53 33.58
CA ASP C 118 -4.86 25.41 33.82
C ASP C 118 -5.59 25.86 32.56
N HIS C 119 -5.15 25.37 31.40
CA HIS C 119 -5.79 25.65 30.12
C HIS C 119 -7.25 25.18 30.14
N ASN C 120 -8.10 25.88 29.39
CA ASN C 120 -9.55 25.63 29.35
C ASN C 120 -9.96 24.16 29.15
N ASP C 121 -9.20 23.43 28.32
CA ASP C 121 -9.56 22.09 27.88
C ASP C 121 -9.20 20.97 28.87
N HIS C 122 -8.56 21.33 29.98
CA HIS C 122 -7.98 20.32 30.88
C HIS C 122 -8.48 20.41 32.32
N ILE C 123 -9.16 21.50 32.64
CA ILE C 123 -9.74 21.71 33.96
C ILE C 123 -11.19 22.19 33.83
N ASP C 124 -12.05 21.74 34.74
CA ASP C 124 -13.48 21.96 34.60
C ASP C 124 -14.18 22.26 35.93
N VAL C 125 -15.03 23.28 35.93
CA VAL C 125 -15.75 23.72 37.13
C VAL C 125 -16.84 22.72 37.54
N ASN C 126 -17.56 22.19 36.55
CA ASN C 126 -18.66 21.26 36.78
C ASN C 126 -18.19 19.90 37.29
N VAL C 127 -17.00 19.48 36.88
CA VAL C 127 -16.39 18.24 37.37
C VAL C 127 -15.99 18.43 38.83
N ALA C 128 -15.41 19.59 39.12
CA ALA C 128 -15.04 19.95 40.49
C ALA C 128 -16.28 19.98 41.37
N ALA C 129 -17.35 20.61 40.86
CA ALA C 129 -18.63 20.69 41.56
C ALA C 129 -19.22 19.30 41.82
N ALA C 130 -19.18 18.45 40.80
CA ALA C 130 -19.76 17.10 40.86
C ALA C 130 -19.09 16.22 41.91
N VAL C 131 -17.76 16.19 41.89
CA VAL C 131 -16.97 15.37 42.81
C VAL C 131 -17.18 15.82 44.25
N MET C 132 -17.28 17.13 44.45
CA MET C 132 -17.52 17.72 45.76
C MET C 132 -18.89 17.38 46.33
N GLN C 133 -19.89 17.31 45.46
CA GLN C 133 -21.27 17.07 45.88
C GLN C 133 -21.58 15.58 46.05
N ASN C 134 -20.95 14.73 45.25
CA ASN C 134 -21.35 13.33 45.16
C ASN C 134 -20.42 12.31 45.82
N CYS C 135 -19.16 12.71 46.06
CA CYS C 135 -18.15 11.75 46.53
C CYS C 135 -17.61 12.06 47.92
N ALA C 136 -16.78 11.15 48.42
CA ALA C 136 -16.17 11.27 49.75
C ALA C 136 -15.42 12.60 49.95
N ASP C 137 -15.40 13.07 51.20
CA ASP C 137 -14.83 14.39 51.53
C ASP C 137 -13.30 14.42 51.57
N ASP C 138 -12.66 13.25 51.49
CA ASP C 138 -11.21 13.15 51.57
C ASP C 138 -10.53 13.08 50.19
N VAL C 139 -11.33 13.09 49.13
CA VAL C 139 -10.81 13.02 47.75
C VAL C 139 -9.97 14.26 47.42
N PRO C 140 -8.67 14.04 47.10
CA PRO C 140 -7.74 15.13 46.78
C PRO C 140 -7.82 15.64 45.34
N PHE C 141 -7.56 16.94 45.17
CA PHE C 141 -7.47 17.57 43.86
C PHE C 141 -6.00 17.88 43.58
N ILE C 142 -5.41 17.12 42.66
CA ILE C 142 -3.97 17.18 42.42
C ILE C 142 -3.64 17.88 41.12
N GLY C 143 -2.75 18.86 41.20
CA GLY C 143 -2.31 19.64 40.04
C GLY C 143 -1.28 20.67 40.44
N PRO C 144 -0.69 21.39 39.45
CA PRO C 144 0.25 22.46 39.73
C PRO C 144 -0.40 23.65 40.44
N LYS C 145 0.43 24.61 40.86
CA LYS C 145 -0.03 25.77 41.64
C LYS C 145 -1.21 26.50 41.00
N THR C 146 -1.10 26.76 39.70
CA THR C 146 -2.14 27.46 38.95
C THR C 146 -3.49 26.70 38.98
N CYS C 147 -3.41 25.37 39.01
CA CYS C 147 -4.61 24.52 39.02
C CYS C 147 -5.31 24.48 40.36
N VAL C 148 -4.53 24.33 41.44
CA VAL C 148 -5.09 24.35 42.79
C VAL C 148 -5.68 25.73 43.12
N ASP C 149 -5.10 26.77 42.53
CA ASP C 149 -5.63 28.13 42.67
C ASP C 149 -7.06 28.23 42.16
N LEU C 150 -7.27 27.80 40.91
CA LEU C 150 -8.60 27.83 40.29
C LEU C 150 -9.60 27.01 41.09
N TRP C 151 -9.18 25.83 41.54
CA TRP C 151 -10.03 24.96 42.35
C TRP C 151 -10.51 25.65 43.62
N ILE C 152 -9.58 26.28 44.35
CA ILE C 152 -9.91 27.07 45.54
C ILE C 152 -10.86 28.22 45.19
N GLY C 153 -10.56 28.93 44.10
CA GLY C 153 -11.39 30.03 43.61
C GLY C 153 -12.82 29.63 43.26
N TRP C 154 -13.01 28.38 42.84
CA TRP C 154 -14.34 27.86 42.54
C TRP C 154 -15.08 27.41 43.79
N GLY C 155 -14.34 27.08 44.85
CA GLY C 155 -14.94 26.70 46.13
C GLY C 155 -14.41 25.43 46.77
N VAL C 156 -13.39 24.83 46.16
CA VAL C 156 -12.74 23.63 46.71
C VAL C 156 -11.83 24.02 47.88
N PRO C 157 -11.94 23.30 49.01
CA PRO C 157 -11.10 23.55 50.19
C PRO C 157 -9.61 23.60 49.86
N LYS C 158 -8.92 24.58 50.44
CA LYS C 158 -7.49 24.77 50.25
C LYS C 158 -6.68 23.54 50.68
N GLU C 159 -7.06 22.95 51.81
CA GLU C 159 -6.35 21.80 52.37
C GLU C 159 -6.67 20.49 51.64
N ARG C 160 -7.78 20.48 50.92
CA ARG C 160 -8.18 19.31 50.14
C ARG C 160 -7.42 19.19 48.81
N CYS C 161 -6.77 20.28 48.40
CA CYS C 161 -5.94 20.29 47.20
C CYS C 161 -4.50 19.88 47.52
N ILE C 162 -3.84 19.23 46.55
CA ILE C 162 -2.41 18.95 46.64
C ILE C 162 -1.68 19.60 45.46
N VAL C 163 -0.89 20.62 45.76
CA VAL C 163 -0.07 21.28 44.75
C VAL C 163 1.16 20.43 44.43
N VAL C 164 1.39 20.19 43.14
CA VAL C 164 2.54 19.39 42.70
C VAL C 164 3.45 20.09 41.70
N LYS C 165 4.73 19.77 41.77
CA LYS C 165 5.74 20.29 40.86
C LYS C 165 6.53 19.10 40.31
N PRO C 166 7.27 19.28 39.20
CA PRO C 166 8.13 18.20 38.72
C PRO C 166 9.00 17.62 39.83
N GLY C 167 9.09 16.28 39.88
CA GLY C 167 9.86 15.60 40.91
C GLY C 167 9.02 15.02 42.04
N ASP C 168 7.89 15.68 42.33
CA ASP C 168 6.98 15.23 43.40
C ASP C 168 6.38 13.86 43.10
N VAL C 169 6.09 13.11 44.16
CA VAL C 169 5.45 11.80 44.04
C VAL C 169 4.29 11.72 45.03
N VAL C 170 3.07 11.55 44.51
CA VAL C 170 1.88 11.42 45.35
C VAL C 170 1.35 10.00 45.28
N LYS C 171 1.13 9.38 46.43
CA LYS C 171 0.63 8.01 46.52
C LYS C 171 -0.87 7.98 46.85
N VAL C 172 -1.70 7.74 45.84
CA VAL C 172 -3.13 7.55 46.05
C VAL C 172 -3.40 6.04 46.02
N LYS C 173 -3.59 5.47 47.22
CA LYS C 173 -3.68 4.02 47.42
C LYS C 173 -2.56 3.27 46.70
N ASP C 174 -2.90 2.35 45.80
CA ASP C 174 -1.87 1.56 45.11
C ASP C 174 -1.33 2.22 43.82
N ILE C 175 -1.82 3.40 43.50
CA ILE C 175 -1.33 4.16 42.34
C ILE C 175 -0.28 5.18 42.78
N GLU C 176 0.92 5.04 42.21
CA GLU C 176 2.01 5.97 42.47
C GLU C 176 2.05 7.00 41.35
N ILE C 177 1.66 8.23 41.68
CA ILE C 177 1.60 9.32 40.71
C ILE C 177 2.90 10.11 40.70
N HIS C 178 3.57 10.14 39.55
CA HIS C 178 4.80 10.91 39.39
C HIS C 178 4.55 12.17 38.58
N ALA C 179 4.65 13.32 39.23
CA ALA C 179 4.61 14.60 38.55
C ALA C 179 5.97 14.85 37.91
N LEU C 180 5.99 14.91 36.59
CA LEU C 180 7.22 15.11 35.83
C LEU C 180 7.16 16.40 35.02
N ASP C 181 8.25 16.71 34.33
CA ASP C 181 8.36 17.96 33.56
C ASP C 181 7.38 18.04 32.40
N ALA C 182 6.80 19.22 32.22
CA ALA C 182 5.92 19.50 31.08
C ALA C 182 6.54 20.57 30.17
N PHE C 183 6.01 20.68 28.96
CA PHE C 183 6.66 21.47 27.91
C PHE C 183 5.67 22.32 27.12
N GLY C 204 7.75 29.71 36.88
CA GLY C 204 7.42 29.85 35.47
C GLY C 204 6.61 28.68 34.95
N MET C 205 7.31 27.70 34.39
CA MET C 205 6.67 26.49 33.87
C MET C 205 6.27 25.54 35.00
N ASP C 206 7.12 25.47 36.04
CA ASP C 206 6.93 24.57 37.18
C ASP C 206 5.63 24.80 37.96
N ASP C 207 5.14 26.04 37.93
CA ASP C 207 3.91 26.41 38.63
C ASP C 207 2.67 26.13 37.79
N ARG C 208 2.86 25.95 36.48
CA ARG C 208 1.73 25.96 35.55
C ARG C 208 1.36 24.61 34.94
N ALA C 209 2.35 23.77 34.66
CA ALA C 209 2.09 22.49 33.98
C ALA C 209 2.99 21.34 34.42
N VAL C 210 2.43 20.14 34.47
CA VAL C 210 3.17 18.91 34.74
C VAL C 210 2.68 17.76 33.87
N ASN C 211 3.59 16.83 33.57
CA ASN C 211 3.20 15.53 33.01
C ASN C 211 3.09 14.52 34.14
N TYR C 212 2.19 13.56 33.99
CA TYR C 212 2.01 12.51 35.00
C TYR C 212 2.44 11.15 34.50
N LEU C 213 3.11 10.42 35.37
CA LEU C 213 3.34 9.00 35.16
C LEU C 213 2.66 8.22 36.30
N PHE C 214 1.55 7.56 35.97
CA PHE C 214 0.79 6.80 36.96
C PHE C 214 1.31 5.37 37.03
N LYS C 215 2.08 5.09 38.08
CA LYS C 215 2.58 3.73 38.33
C LYS C 215 1.55 2.93 39.14
N THR C 216 0.93 1.96 38.48
CA THR C 216 0.01 1.03 39.14
C THR C 216 0.76 -0.29 39.38
N PRO C 217 0.21 -1.18 40.24
CA PRO C 217 0.84 -2.50 40.37
C PRO C 217 0.72 -3.31 39.07
N GLY C 218 -0.35 -3.06 38.32
CA GLY C 218 -0.57 -3.73 37.04
C GLY C 218 0.30 -3.22 35.90
N GLY C 219 0.65 -1.94 35.95
CA GLY C 219 1.46 -1.30 34.90
C GLY C 219 1.63 0.18 35.08
N SER C 220 2.04 0.88 34.02
CA SER C 220 2.30 2.31 34.09
C SER C 220 1.69 3.08 32.92
N LEU C 221 1.32 4.32 33.19
CA LEU C 221 0.71 5.17 32.20
C LEU C 221 1.35 6.57 32.21
N TYR C 222 1.82 7.00 31.05
CA TYR C 222 2.36 8.35 30.88
C TYR C 222 1.31 9.27 30.26
N HIS C 223 0.90 10.28 31.02
CA HIS C 223 -0.05 11.27 30.56
C HIS C 223 0.71 12.56 30.28
N SER C 224 0.84 12.91 29.00
CA SER C 224 1.67 14.04 28.59
C SER C 224 0.91 15.35 28.57
N GLY C 225 -0.38 15.31 28.93
CA GLY C 225 -1.23 16.49 28.89
C GLY C 225 -1.32 17.06 27.49
N ASP C 226 -0.97 18.33 27.36
CA ASP C 226 -0.95 19.01 26.07
C ASP C 226 0.45 19.49 25.73
N SER C 227 1.45 18.72 26.15
CA SER C 227 2.85 19.07 25.92
C SER C 227 3.23 18.92 24.45
N HIS C 228 4.08 19.84 23.98
CA HIS C 228 4.75 19.69 22.69
C HIS C 228 5.80 18.59 22.81
N TYR C 229 6.43 18.21 21.70
CA TYR C 229 7.52 17.24 21.80
C TYR C 229 8.71 17.86 22.53
N SER C 230 9.34 17.05 23.37
CA SER C 230 10.53 17.46 24.10
C SER C 230 11.56 16.35 24.13
N ASN C 231 12.84 16.75 24.19
CA ASN C 231 13.93 15.80 24.37
C ASN C 231 13.92 15.20 25.77
N TYR C 232 13.22 15.89 26.68
CA TYR C 232 13.07 15.43 28.05
C TYR C 232 12.23 14.15 28.20
N TYR C 233 11.52 13.78 27.14
CA TYR C 233 10.85 12.48 27.09
C TYR C 233 11.87 11.36 27.24
N ALA C 234 13.06 11.55 26.68
CA ALA C 234 14.17 10.59 26.76
C ALA C 234 14.69 10.47 28.19
N LYS C 235 14.65 11.57 28.93
CA LYS C 235 15.04 11.58 30.34
C LYS C 235 14.06 10.73 31.15
N HIS C 236 12.76 10.91 30.90
CA HIS C 236 11.72 10.12 31.57
C HIS C 236 11.79 8.64 31.20
N GLY C 237 12.02 8.37 29.92
CA GLY C 237 12.15 7.00 29.42
C GLY C 237 13.33 6.25 29.99
N ASN C 238 14.40 6.98 30.30
CA ASN C 238 15.58 6.43 30.96
C ASN C 238 15.33 6.13 32.44
N GLU C 239 14.71 7.10 33.13
CA GLU C 239 14.57 7.04 34.59
C GLU C 239 13.33 6.29 35.07
N HIS C 240 12.48 5.86 34.15
CA HIS C 240 11.24 5.17 34.51
C HIS C 240 10.88 4.05 33.54
N GLN C 241 10.12 3.07 34.05
CA GLN C 241 9.49 2.06 33.19
C GLN C 241 8.12 2.57 32.75
N ILE C 242 7.98 2.77 31.45
CA ILE C 242 6.74 3.30 30.88
C ILE C 242 6.14 2.23 29.97
N ASP C 243 4.88 1.92 30.22
CA ASP C 243 4.19 0.89 29.47
C ASP C 243 3.33 1.50 28.37
N VAL C 244 2.34 2.29 28.79
CA VAL C 244 1.44 2.98 27.87
C VAL C 244 1.71 4.47 27.95
N ALA C 245 1.74 5.12 26.79
CA ALA C 245 1.97 6.57 26.72
C ALA C 245 0.91 7.26 25.86
N LEU C 246 0.39 8.36 26.39
CA LEU C 246 -0.60 9.16 25.70
C LEU C 246 0.03 10.48 25.28
N GLY C 247 -0.26 10.91 24.06
CA GLY C 247 0.32 12.15 23.52
C GLY C 247 -0.68 12.96 22.72
N SER C 248 -0.62 14.28 22.89
CA SER C 248 -1.52 15.19 22.20
C SER C 248 -1.27 15.23 20.70
N TYR C 249 -2.18 14.63 19.95
CA TYR C 249 -2.10 14.55 18.51
C TYR C 249 -3.10 15.51 17.91
N GLY C 250 -2.81 16.00 16.70
CA GLY C 250 -3.72 16.89 16.01
C GLY C 250 -3.14 17.51 14.76
N GLU C 251 -4.01 17.91 13.86
CA GLU C 251 -3.59 18.53 12.60
C GLU C 251 -3.47 20.03 12.81
N ASN C 252 -2.23 20.50 12.88
CA ASN C 252 -1.95 21.91 13.06
C ASN C 252 -2.41 22.74 11.88
N PRO C 253 -3.19 23.82 12.15
CA PRO C 253 -3.54 24.76 11.10
C PRO C 253 -2.28 25.45 10.57
N ARG C 254 -2.36 25.97 9.35
CA ARG C 254 -1.25 26.72 8.76
C ARG C 254 -0.88 27.90 9.65
N GLY C 255 0.37 27.90 10.12
CA GLY C 255 0.89 29.00 10.94
C GLY C 255 0.76 28.79 12.43
N ILE C 256 0.45 27.56 12.84
CA ILE C 256 0.27 27.23 14.26
C ILE C 256 0.90 25.88 14.61
N THR C 257 1.69 25.85 15.68
CA THR C 257 2.17 24.61 16.26
C THR C 257 1.64 24.45 17.69
N ASP C 258 0.62 23.61 17.82
CA ASP C 258 -0.12 23.45 19.06
C ASP C 258 -0.21 21.98 19.48
N LYS C 259 -0.17 21.09 18.50
CA LYS C 259 -0.27 19.65 18.72
C LYS C 259 0.89 18.91 18.08
N MET C 260 1.17 17.71 18.58
CA MET C 260 2.24 16.87 18.04
C MET C 260 1.82 16.26 16.72
N THR C 261 2.81 16.06 15.84
CA THR C 261 2.60 15.41 14.56
C THR C 261 2.66 13.90 14.73
N SER C 262 2.28 13.17 13.69
CA SER C 262 2.35 11.71 13.67
C SER C 262 3.78 11.20 13.91
N ALA C 263 4.76 11.90 13.31
CA ALA C 263 6.17 11.56 13.48
C ALA C 263 6.64 11.79 14.91
N ASP C 264 6.14 12.88 15.52
CA ASP C 264 6.44 13.19 16.91
C ASP C 264 5.86 12.17 17.89
N MET C 265 4.70 11.63 17.56
CA MET C 265 4.08 10.57 18.36
C MET C 265 5.00 9.36 18.49
N LEU C 266 5.59 8.95 17.36
CA LEU C 266 6.53 7.82 17.33
C LEU C 266 7.86 8.13 18.00
N ARG C 267 8.28 9.39 17.91
CA ARG C 267 9.50 9.84 18.58
C ARG C 267 9.29 9.83 20.10
N MET C 268 8.07 10.17 20.51
CA MET C 268 7.67 10.14 21.91
C MET C 268 7.70 8.70 22.44
N GLY C 269 7.09 7.78 21.69
CA GLY C 269 7.09 6.37 22.05
C GLY C 269 8.49 5.77 22.19
N GLU C 270 9.39 6.22 21.34
CA GLU C 270 10.78 5.78 21.37
C GLU C 270 11.51 6.38 22.58
N ALA C 271 11.40 7.70 22.72
CA ALA C 271 12.05 8.42 23.83
C ALA C 271 11.57 7.95 25.20
N LEU C 272 10.28 7.59 25.30
CA LEU C 272 9.72 7.13 26.56
C LEU C 272 9.93 5.63 26.79
N ASN C 273 10.48 4.94 25.79
CA ASN C 273 10.65 3.49 25.81
C ASN C 273 9.35 2.74 26.11
N ALA C 274 8.24 3.32 25.67
CA ALA C 274 6.91 2.77 25.88
C ALA C 274 6.71 1.47 25.09
N LYS C 275 5.62 0.76 25.41
CA LYS C 275 5.25 -0.45 24.67
C LYS C 275 4.01 -0.20 23.82
N VAL C 276 3.23 0.79 24.24
CA VAL C 276 2.05 1.25 23.49
C VAL C 276 2.09 2.77 23.37
N VAL C 277 1.75 3.26 22.18
CA VAL C 277 1.63 4.70 21.94
C VAL C 277 0.21 5.01 21.46
N ILE C 278 -0.48 5.83 22.25
CA ILE C 278 -1.85 6.21 21.96
C ILE C 278 -1.98 7.72 21.78
N PRO C 279 -2.48 8.17 20.61
CA PRO C 279 -2.80 9.58 20.46
C PRO C 279 -4.10 9.94 21.16
N PHE C 280 -4.17 11.16 21.68
CA PHE C 280 -5.44 11.75 22.09
C PHE C 280 -5.44 13.26 21.83
N HIS C 281 -6.53 13.94 22.20
CA HIS C 281 -6.73 15.38 21.97
C HIS C 281 -7.20 15.70 20.55
N HIS C 282 -6.88 14.82 19.59
CA HIS C 282 -7.24 15.00 18.18
C HIS C 282 -8.74 14.82 17.94
N ASP C 283 -9.40 14.25 18.92
CA ASP C 283 -10.83 13.96 18.87
C ASP C 283 -11.67 15.23 19.02
N ILE C 284 -11.17 16.18 19.79
CA ILE C 284 -12.00 17.23 20.37
C ILE C 284 -12.35 18.40 19.44
N TRP C 285 -11.33 19.00 18.82
CA TRP C 285 -11.52 20.21 18.03
C TRP C 285 -11.65 19.93 16.53
N SER C 286 -12.71 20.48 15.93
CA SER C 286 -12.95 20.38 14.49
C SER C 286 -11.73 20.80 13.67
N ASN C 287 -11.17 21.95 14.01
CA ASN C 287 -10.07 22.53 13.23
C ASN C 287 -8.73 21.80 13.38
N PHE C 288 -8.67 20.87 14.33
CA PHE C 288 -7.48 20.05 14.54
C PHE C 288 -7.66 18.59 14.10
N GLN C 289 -8.81 18.30 13.49
CA GLN C 289 -9.14 16.99 12.92
C GLN C 289 -7.94 16.38 12.20
N ALA C 290 -7.40 15.31 12.76
CA ALA C 290 -6.25 14.62 12.19
C ALA C 290 -6.58 13.17 11.89
N ASP C 291 -5.72 12.51 11.12
CA ASP C 291 -5.86 11.09 10.86
C ASP C 291 -4.83 10.32 11.67
N PRO C 292 -5.28 9.60 12.72
CA PRO C 292 -4.40 8.77 13.54
C PRO C 292 -3.73 7.65 12.76
N GLN C 293 -4.29 7.29 11.60
CA GLN C 293 -3.70 6.27 10.74
C GLN C 293 -2.32 6.66 10.21
N GLU C 294 -2.02 7.95 10.19
CA GLU C 294 -0.68 8.43 9.81
C GLU C 294 0.39 7.88 10.73
N ILE C 295 0.06 7.75 12.01
CA ILE C 295 0.96 7.16 12.98
C ILE C 295 1.30 5.72 12.62
N ARG C 296 0.28 4.95 12.25
CA ARG C 296 0.46 3.55 11.86
C ARG C 296 1.33 3.38 10.62
N VAL C 297 1.00 4.14 9.57
CA VAL C 297 1.68 4.06 8.29
C VAL C 297 3.18 4.38 8.44
N LEU C 298 3.49 5.43 9.21
CA LEU C 298 4.88 5.81 9.49
C LEU C 298 5.57 4.75 10.32
N TRP C 299 4.87 4.25 11.32
CA TRP C 299 5.34 3.15 12.15
C TRP C 299 5.72 1.97 11.26
N GLU C 300 4.82 1.61 10.34
CA GLU C 300 5.08 0.53 9.39
C GLU C 300 6.38 0.73 8.60
N MET C 301 6.64 1.98 8.22
CA MET C 301 7.84 2.32 7.45
C MET C 301 9.12 2.29 8.29
N LYS C 302 9.01 2.65 9.56
CA LYS C 302 10.18 2.90 10.42
C LYS C 302 10.49 1.81 11.46
N LYS C 303 9.49 1.03 11.84
CA LYS C 303 9.60 0.09 12.98
C LYS C 303 10.83 -0.81 12.96
N ASP C 304 11.08 -1.44 11.82
CA ASP C 304 12.15 -2.42 11.67
C ASP C 304 13.52 -1.76 11.60
N ARG C 305 13.62 -0.70 10.81
CA ARG C 305 14.87 0.05 10.64
C ARG C 305 15.33 0.64 11.97
N LEU C 306 14.40 1.25 12.71
CA LEU C 306 14.70 1.96 13.95
C LEU C 306 14.53 1.11 15.21
N LYS C 307 14.17 -0.17 15.02
CA LYS C 307 13.93 -1.11 16.12
C LYS C 307 12.95 -0.59 17.17
N TYR C 308 11.90 0.09 16.72
CA TYR C 308 10.86 0.60 17.63
C TYR C 308 10.40 -0.50 18.57
N GLY C 309 10.49 -0.23 19.88
CA GLY C 309 10.09 -1.20 20.90
C GLY C 309 8.62 -1.11 21.27
N PHE C 310 7.91 -0.17 20.66
CA PHE C 310 6.49 0.05 20.97
C PHE C 310 5.58 -0.29 19.79
N LYS C 311 4.29 -0.21 20.05
CA LYS C 311 3.29 -0.40 19.02
C LYS C 311 2.27 0.73 19.14
N PRO C 312 1.78 1.25 18.00
CA PRO C 312 0.74 2.27 18.09
C PRO C 312 -0.64 1.65 18.37
N PHE C 313 -1.54 2.47 18.89
CA PHE C 313 -2.92 2.06 19.16
C PHE C 313 -3.85 3.23 18.85
N ILE C 314 -4.85 2.99 18.00
CA ILE C 314 -5.84 4.02 17.67
C ILE C 314 -7.12 3.76 18.46
N TRP C 315 -7.37 4.68 19.39
CA TRP C 315 -8.44 4.55 20.38
C TRP C 315 -9.68 5.33 19.93
N GLN C 316 -10.81 5.04 20.57
CA GLN C 316 -12.03 5.82 20.37
C GLN C 316 -12.60 6.27 21.72
N VAL C 317 -13.16 7.47 21.75
CA VAL C 317 -13.66 8.07 22.98
C VAL C 317 -14.76 7.22 23.64
N GLY C 318 -14.65 7.05 24.95
CA GLY C 318 -15.57 6.20 25.69
C GLY C 318 -15.13 4.75 25.73
N GLY C 319 -14.07 4.45 24.97
CA GLY C 319 -13.55 3.09 24.91
C GLY C 319 -12.65 2.75 26.08
N LYS C 320 -12.63 1.47 26.42
CA LYS C 320 -11.74 0.93 27.43
C LYS C 320 -10.44 0.45 26.80
N PHE C 321 -9.35 0.53 27.55
CA PHE C 321 -8.09 -0.08 27.18
C PHE C 321 -7.48 -0.82 28.37
N THR C 322 -7.11 -2.08 28.18
CA THR C 322 -6.49 -2.87 29.24
C THR C 322 -5.04 -3.25 28.92
N TRP C 323 -4.12 -2.70 29.71
CA TRP C 323 -2.72 -3.09 29.65
C TRP C 323 -2.55 -4.36 30.50
N PRO C 324 -1.79 -5.35 30.00
CA PRO C 324 -1.17 -5.40 28.68
C PRO C 324 -1.98 -6.21 27.66
N LEU C 325 -3.27 -6.43 27.92
CA LEU C 325 -4.08 -7.31 27.07
C LEU C 325 -4.34 -6.73 25.68
N ASP C 326 -4.36 -5.40 25.57
CA ASP C 326 -4.72 -4.72 24.33
C ASP C 326 -3.53 -4.10 23.58
N LYS C 327 -2.32 -4.44 23.99
CA LYS C 327 -1.09 -3.82 23.46
C LYS C 327 -0.82 -4.08 21.97
N ASP C 328 -1.34 -5.19 21.45
CA ASP C 328 -1.12 -5.58 20.06
C ASP C 328 -2.38 -5.42 19.21
N ASN C 329 -3.38 -4.72 19.73
CA ASN C 329 -4.67 -4.58 19.06
C ASN C 329 -4.69 -3.61 17.87
N PHE C 330 -3.71 -2.70 17.83
CA PHE C 330 -3.61 -1.64 16.81
C PHE C 330 -4.78 -0.64 16.81
N GLU C 331 -5.99 -1.17 16.67
CA GLU C 331 -7.19 -0.34 16.59
C GLU C 331 -8.27 -0.86 17.54
N TYR C 332 -8.83 0.06 18.31
CA TYR C 332 -9.95 -0.24 19.18
C TYR C 332 -11.24 -0.28 18.38
N HIS C 333 -12.12 -1.22 18.74
CA HIS C 333 -13.51 -1.16 18.29
C HIS C 333 -14.45 -1.20 19.48
N TYR C 334 -15.52 -0.42 19.43
CA TYR C 334 -16.57 -0.45 20.44
C TYR C 334 -17.21 -1.85 20.50
N PRO C 335 -17.78 -2.22 21.67
CA PRO C 335 -18.54 -3.46 21.76
C PRO C 335 -19.63 -3.53 20.68
N ARG C 336 -19.66 -4.65 19.97
CA ARG C 336 -20.56 -4.82 18.82
C ARG C 336 -21.91 -5.44 19.17
N GLY C 337 -21.99 -6.05 20.36
CA GLY C 337 -23.23 -6.62 20.88
C GLY C 337 -23.79 -7.79 20.08
N MET D 1 -21.89 31.16 49.25
CA MET D 1 -22.19 30.44 47.98
C MET D 1 -21.09 30.62 46.93
N SER D 2 -20.52 29.50 46.50
CA SER D 2 -19.46 29.46 45.50
C SER D 2 -19.91 28.66 44.29
N LYS D 3 -19.12 28.71 43.21
CA LYS D 3 -19.41 27.92 42.00
C LYS D 3 -19.60 26.43 42.29
N VAL D 4 -18.77 25.88 43.16
CA VAL D 4 -18.80 24.46 43.54
C VAL D 4 -20.13 24.06 44.21
N LYS D 5 -20.78 25.02 44.85
CA LYS D 5 -22.04 24.76 45.58
C LYS D 5 -23.29 25.03 44.75
N SER D 6 -23.27 26.11 43.97
CA SER D 6 -24.44 26.52 43.18
C SER D 6 -24.74 25.62 41.97
N ILE D 7 -23.68 25.12 41.33
CA ILE D 7 -23.79 24.30 40.11
C ILE D 7 -24.39 22.91 40.40
N THR D 8 -25.40 22.54 39.61
CA THR D 8 -25.96 21.19 39.62
C THR D 8 -25.93 20.58 38.23
N ARG D 9 -26.31 19.30 38.13
CA ARG D 9 -26.32 18.58 36.86
C ARG D 9 -27.02 19.36 35.74
N GLU D 10 -28.20 19.90 36.05
CA GLU D 10 -29.03 20.61 35.07
C GLU D 10 -28.44 21.94 34.61
N SER D 11 -27.73 22.63 35.50
CA SER D 11 -27.09 23.91 35.15
C SER D 11 -25.94 23.70 34.17
N TRP D 12 -25.24 22.58 34.32
CA TRP D 12 -24.17 22.17 33.40
C TRP D 12 -24.75 21.77 32.04
N ILE D 13 -25.71 20.84 32.08
CA ILE D 13 -26.33 20.32 30.86
C ILE D 13 -26.93 21.44 30.01
N LEU D 14 -27.69 22.33 30.65
CA LEU D 14 -28.41 23.36 29.93
C LEU D 14 -27.58 24.56 29.45
N SER D 15 -26.31 24.60 29.86
CA SER D 15 -25.39 25.65 29.39
C SER D 15 -24.32 25.09 28.43
N THR D 16 -24.31 23.77 28.25
CA THR D 16 -23.30 23.09 27.45
C THR D 16 -23.83 22.52 26.14
N PHE D 17 -25.07 22.04 26.16
CA PHE D 17 -25.64 21.31 25.04
C PHE D 17 -26.72 22.08 24.29
N PRO D 18 -26.87 21.86 22.97
CA PRO D 18 -26.03 20.99 22.11
C PRO D 18 -24.62 21.56 21.95
N GLU D 19 -23.67 20.67 21.63
CA GLU D 19 -22.25 21.03 21.57
C GLU D 19 -21.91 22.22 20.67
N TRP D 20 -22.56 22.29 19.51
CA TRP D 20 -22.28 23.33 18.53
C TRP D 20 -23.15 24.56 18.70
N GLY D 21 -24.10 24.49 19.64
CA GLY D 21 -25.08 25.55 19.84
C GLY D 21 -25.83 25.81 18.55
N SER D 22 -25.83 27.07 18.11
CA SER D 22 -26.49 27.47 16.88
C SER D 22 -25.49 27.91 15.80
N TRP D 23 -24.24 27.49 15.94
CA TRP D 23 -23.17 27.82 15.00
C TRP D 23 -23.53 27.43 13.57
N LEU D 24 -23.88 26.16 13.37
CA LEU D 24 -24.25 25.66 12.05
C LEU D 24 -25.61 26.21 11.62
N ASN D 25 -26.50 26.43 12.59
CA ASN D 25 -27.77 27.10 12.32
C ASN D 25 -27.52 28.43 11.64
N GLU D 26 -26.58 29.19 12.18
CA GLU D 26 -26.15 30.46 11.61
C GLU D 26 -25.40 30.29 10.28
N GLU D 27 -24.51 29.29 10.22
CA GLU D 27 -23.74 29.01 9.00
C GLU D 27 -24.65 28.77 7.81
N ILE D 28 -25.62 27.88 7.97
CA ILE D 28 -26.62 27.57 6.96
C ILE D 28 -27.46 28.81 6.62
N GLU D 29 -27.80 29.56 7.68
CA GLU D 29 -28.59 30.77 7.58
C GLU D 29 -27.98 31.82 6.66
N GLN D 30 -26.67 32.02 6.75
CA GLN D 30 -25.98 33.06 6.01
C GLN D 30 -25.25 32.55 4.75
N GLU D 31 -25.33 31.25 4.49
CA GLU D 31 -24.70 30.64 3.31
C GLU D 31 -25.35 31.11 2.02
N GLN D 32 -24.55 31.71 1.14
CA GLN D 32 -25.01 32.11 -0.19
C GLN D 32 -24.69 31.01 -1.19
N VAL D 33 -25.71 30.32 -1.68
CA VAL D 33 -25.53 29.21 -2.60
C VAL D 33 -25.50 29.73 -4.03
N ALA D 34 -24.30 29.72 -4.63
CA ALA D 34 -24.08 30.24 -5.99
C ALA D 34 -24.97 29.55 -7.03
N PRO D 35 -25.30 30.25 -8.13
CA PRO D 35 -26.01 29.62 -9.25
C PRO D 35 -25.24 28.43 -9.82
N GLY D 36 -25.96 27.41 -10.27
CA GLY D 36 -25.36 26.19 -10.80
C GLY D 36 -24.75 25.28 -9.75
N THR D 37 -25.08 25.54 -8.48
CA THR D 37 -24.59 24.74 -7.35
C THR D 37 -25.69 24.39 -6.36
N PHE D 38 -25.39 23.43 -5.48
CA PHE D 38 -26.17 23.24 -4.26
C PHE D 38 -25.26 22.95 -3.08
N ALA D 39 -25.71 23.37 -1.89
CA ALA D 39 -24.97 23.16 -0.66
C ALA D 39 -25.74 22.22 0.25
N MET D 40 -25.02 21.37 0.96
CA MET D 40 -25.61 20.44 1.92
C MET D 40 -24.76 20.27 3.16
N TRP D 41 -25.41 20.04 4.30
CA TRP D 41 -24.72 19.82 5.57
C TRP D 41 -25.12 18.49 6.20
N TRP D 42 -24.12 17.75 6.65
CA TRP D 42 -24.36 16.47 7.32
C TRP D 42 -24.71 16.75 8.77
N LEU D 43 -25.89 16.30 9.17
CA LEU D 43 -26.44 16.62 10.49
C LEU D 43 -26.29 15.47 11.50
N GLY D 44 -25.58 14.42 11.09
CA GLY D 44 -25.44 13.22 11.92
C GLY D 44 -26.35 12.12 11.43
N CYS D 45 -25.90 10.87 11.58
CA CYS D 45 -26.65 9.69 11.14
C CYS D 45 -26.96 9.77 9.64
N THR D 46 -28.23 9.90 9.30
CA THR D 46 -28.62 10.12 7.90
C THR D 46 -29.24 11.51 7.72
N GLY D 47 -29.01 12.37 8.71
CA GLY D 47 -29.54 13.73 8.70
C GLY D 47 -28.84 14.63 7.71
N ILE D 48 -29.62 15.26 6.84
CA ILE D 48 -29.09 16.15 5.81
C ILE D 48 -29.93 17.42 5.71
N TRP D 49 -29.26 18.56 5.82
CA TRP D 49 -29.87 19.84 5.47
C TRP D 49 -29.47 20.20 4.04
N LEU D 50 -30.46 20.45 3.20
CA LEU D 50 -30.23 20.83 1.81
C LEU D 50 -30.63 22.26 1.52
N LYS D 51 -29.75 22.99 0.86
CA LYS D 51 -30.04 24.38 0.46
C LYS D 51 -29.75 24.60 -1.02
N SER D 52 -30.80 24.92 -1.77
CA SER D 52 -30.69 25.14 -3.22
C SER D 52 -30.17 26.53 -3.53
N GLU D 53 -29.90 26.79 -4.81
CA GLU D 53 -29.40 28.09 -5.26
C GLU D 53 -30.44 29.21 -5.05
N GLY D 54 -31.71 28.83 -5.00
CA GLY D 54 -32.82 29.78 -4.79
C GLY D 54 -33.07 30.09 -3.33
N GLY D 55 -32.22 29.56 -2.45
CA GLY D 55 -32.32 29.78 -1.02
C GLY D 55 -33.31 28.86 -0.31
N THR D 56 -33.79 27.84 -1.02
CA THR D 56 -34.74 26.86 -0.46
C THR D 56 -34.05 25.95 0.56
N ASN D 57 -34.67 25.83 1.74
CA ASN D 57 -34.12 25.02 2.83
C ASN D 57 -34.93 23.75 3.10
N VAL D 58 -34.29 22.61 2.91
CA VAL D 58 -34.92 21.31 3.08
C VAL D 58 -34.14 20.45 4.08
N CYS D 59 -34.86 19.71 4.90
CA CYS D 59 -34.26 18.95 6.01
C CYS D 59 -34.72 17.49 5.97
N VAL D 60 -33.77 16.60 5.72
CA VAL D 60 -34.06 15.17 5.56
C VAL D 60 -33.50 14.34 6.72
N ASP D 61 -34.34 13.49 7.31
CA ASP D 61 -33.96 12.55 8.37
C ASP D 61 -33.16 13.17 9.52
N PHE D 62 -33.54 14.37 9.93
CA PHE D 62 -32.88 15.07 11.02
C PHE D 62 -33.32 14.47 12.35
N TRP D 63 -32.37 13.85 13.05
CA TRP D 63 -32.66 13.10 14.27
C TRP D 63 -31.86 13.63 15.46
N CYS D 64 -32.55 13.91 16.56
CA CYS D 64 -31.92 14.50 17.74
C CYS D 64 -32.08 13.69 19.02
N GLY D 65 -32.25 12.37 18.87
CA GLY D 65 -32.25 11.48 20.02
C GLY D 65 -30.84 10.99 20.32
N THR D 66 -30.74 10.10 21.30
CA THR D 66 -29.49 9.45 21.61
C THR D 66 -29.70 7.94 21.74
N GLY D 67 -28.62 7.19 21.94
CA GLY D 67 -28.71 5.75 22.18
C GLY D 67 -28.96 5.44 23.63
N LYS D 68 -28.32 4.39 24.13
CA LYS D 68 -28.44 4.00 25.53
C LYS D 68 -27.88 5.05 26.48
N GLN D 69 -28.58 5.27 27.59
CA GLN D 69 -28.14 6.21 28.63
C GLN D 69 -27.91 5.48 29.95
N SER D 70 -28.26 4.20 29.99
CA SER D 70 -28.15 3.37 31.19
C SER D 70 -28.17 1.89 30.83
N HIS D 71 -27.71 1.05 31.76
CA HIS D 71 -27.78 -0.40 31.59
C HIS D 71 -29.15 -0.95 31.97
N GLY D 72 -29.93 -0.17 32.72
CA GLY D 72 -31.27 -0.58 33.14
C GLY D 72 -32.26 -0.61 32.00
N GLN D 92 -28.59 -4.76 23.14
CA GLN D 92 -27.80 -4.05 22.14
C GLN D 92 -27.19 -2.77 22.73
N PRO D 93 -25.85 -2.65 22.68
CA PRO D 93 -25.15 -1.51 23.25
C PRO D 93 -24.93 -0.39 22.23
N ASN D 94 -26.02 0.16 21.71
CA ASN D 94 -25.95 1.29 20.79
C ASN D 94 -25.78 2.62 21.54
N LEU D 95 -24.56 3.14 21.51
CA LEU D 95 -24.23 4.41 22.15
C LEU D 95 -23.91 5.43 21.07
N ARG D 96 -24.59 6.57 21.12
CA ARG D 96 -24.39 7.62 20.12
C ARG D 96 -22.97 8.19 20.18
N THR D 97 -22.27 8.15 19.04
CA THR D 97 -20.88 8.56 18.97
C THR D 97 -20.70 9.87 18.21
N THR D 98 -21.83 10.45 17.81
CA THR D 98 -21.86 11.72 17.07
C THR D 98 -22.42 12.83 17.95
N PRO D 99 -21.68 13.95 18.06
CA PRO D 99 -22.20 15.11 18.80
C PRO D 99 -23.33 15.80 18.05
N PHE D 100 -23.92 16.83 18.66
CA PHE D 100 -25.03 17.55 18.05
C PHE D 100 -24.55 18.84 17.38
N VAL D 101 -24.55 18.82 16.05
CA VAL D 101 -23.99 19.91 15.26
C VAL D 101 -25.03 20.99 14.92
N LEU D 102 -26.30 20.67 15.11
CA LEU D 102 -27.38 21.60 14.79
C LEU D 102 -28.47 21.56 15.86
N ASP D 103 -28.77 22.72 16.42
CA ASP D 103 -29.89 22.88 17.34
C ASP D 103 -31.19 22.96 16.53
N PRO D 104 -32.12 22.00 16.75
CA PRO D 104 -33.41 22.05 16.07
C PRO D 104 -34.25 23.26 16.46
N PHE D 105 -34.08 23.74 17.69
CA PHE D 105 -34.88 24.85 18.22
C PHE D 105 -34.37 26.22 17.78
N ALA D 106 -33.27 26.22 17.04
CA ALA D 106 -32.69 27.44 16.48
C ALA D 106 -33.03 27.59 15.00
N ILE D 107 -33.68 26.57 14.44
CA ILE D 107 -34.14 26.60 13.06
C ILE D 107 -35.25 27.64 12.90
N ARG D 108 -35.15 28.43 11.85
CA ARG D 108 -36.17 29.42 11.53
C ARG D 108 -36.59 29.31 10.06
N GLN D 109 -35.66 29.57 9.15
CA GLN D 109 -35.94 29.45 7.72
C GLN D 109 -35.85 27.99 7.30
N ILE D 110 -37.01 27.39 7.06
CA ILE D 110 -37.10 26.03 6.53
C ILE D 110 -38.34 25.93 5.65
N ASP D 111 -38.26 25.12 4.60
CA ASP D 111 -39.33 25.03 3.61
C ASP D 111 -39.99 23.67 3.52
N ALA D 112 -39.33 22.64 4.07
CA ALA D 112 -39.88 21.28 4.13
C ALA D 112 -39.14 20.43 5.15
N VAL D 113 -39.86 19.50 5.78
CA VAL D 113 -39.29 18.55 6.72
C VAL D 113 -39.59 17.13 6.23
N LEU D 114 -38.54 16.38 5.87
CA LEU D 114 -38.72 15.08 5.26
C LEU D 114 -38.25 13.92 6.14
N ALA D 115 -38.82 12.74 5.89
CA ALA D 115 -38.38 11.49 6.51
C ALA D 115 -38.41 10.39 5.48
N THR D 116 -37.39 9.53 5.49
CA THR D 116 -37.32 8.41 4.55
C THR D 116 -38.16 7.23 5.02
N HIS D 117 -38.03 6.90 6.31
CA HIS D 117 -38.84 5.84 6.94
C HIS D 117 -39.01 6.07 8.45
N ASP D 118 -39.83 5.24 9.09
CA ASP D 118 -40.29 5.50 10.45
C ASP D 118 -39.41 4.92 11.55
N HIS D 119 -38.25 4.37 11.19
CA HIS D 119 -37.30 3.82 12.15
CA HIS D 119 -37.31 3.83 12.16
C HIS D 119 -36.86 4.92 13.13
N ASN D 120 -36.67 4.53 14.39
CA ASN D 120 -36.35 5.45 15.47
C ASN D 120 -35.40 6.60 15.12
N ASP D 121 -34.22 6.27 14.59
CA ASP D 121 -33.16 7.27 14.40
C ASP D 121 -33.20 8.00 13.04
N HIS D 122 -34.39 8.13 12.47
CA HIS D 122 -34.59 8.83 11.21
C HIS D 122 -35.68 9.89 11.31
N ILE D 123 -36.56 9.72 12.29
CA ILE D 123 -37.66 10.65 12.54
C ILE D 123 -37.60 11.04 14.02
N ASP D 124 -37.89 12.30 14.31
CA ASP D 124 -37.68 12.83 15.65
C ASP D 124 -38.80 13.76 16.11
N VAL D 125 -39.30 13.50 17.32
CA VAL D 125 -40.35 14.30 17.93
C VAL D 125 -39.88 15.72 18.28
N ASN D 126 -38.63 15.85 18.70
CA ASN D 126 -38.04 17.13 19.10
C ASN D 126 -37.88 18.08 17.92
N VAL D 127 -37.46 17.53 16.78
CA VAL D 127 -37.35 18.27 15.53
C VAL D 127 -38.75 18.75 15.12
N ALA D 128 -39.71 17.83 15.14
CA ALA D 128 -41.10 18.16 14.87
C ALA D 128 -41.63 19.23 15.82
N ALA D 129 -41.36 19.07 17.11
CA ALA D 129 -41.77 20.04 18.13
C ALA D 129 -41.21 21.44 17.85
N ALA D 130 -39.94 21.48 17.48
CA ALA D 130 -39.24 22.74 17.20
C ALA D 130 -39.82 23.47 15.99
N VAL D 131 -40.00 22.75 14.89
CA VAL D 131 -40.58 23.31 13.67
C VAL D 131 -42.00 23.83 13.92
N MET D 132 -42.77 23.10 14.72
CA MET D 132 -44.15 23.47 15.04
C MET D 132 -44.25 24.71 15.93
N GLN D 133 -43.21 24.97 16.72
CA GLN D 133 -43.21 26.09 17.66
C GLN D 133 -42.56 27.35 17.10
N ASN D 134 -41.44 27.17 16.40
CA ASN D 134 -40.62 28.30 15.97
C ASN D 134 -40.77 28.71 14.51
N CYS D 135 -41.23 27.79 13.67
CA CYS D 135 -41.27 28.04 12.23
C CYS D 135 -42.69 28.30 11.71
N ALA D 136 -42.78 28.70 10.45
CA ALA D 136 -44.06 29.05 9.81
C ALA D 136 -44.99 27.86 9.70
N ASP D 137 -46.30 28.13 9.64
CA ASP D 137 -47.32 27.08 9.62
C ASP D 137 -47.54 26.45 8.24
N ASP D 138 -46.87 26.99 7.22
CA ASP D 138 -46.96 26.44 5.87
C ASP D 138 -45.75 25.58 5.49
N VAL D 139 -45.01 25.13 6.51
CA VAL D 139 -43.93 24.15 6.31
C VAL D 139 -44.56 22.76 6.32
N PRO D 140 -44.43 22.03 5.19
CA PRO D 140 -44.99 20.68 5.12
C PRO D 140 -44.06 19.60 5.67
N PHE D 141 -44.66 18.59 6.30
CA PHE D 141 -43.95 17.39 6.72
C PHE D 141 -44.19 16.30 5.68
N ILE D 142 -43.14 15.90 4.98
CA ILE D 142 -43.25 14.96 3.88
C ILE D 142 -42.60 13.63 4.23
N GLY D 143 -43.33 12.55 4.02
CA GLY D 143 -42.82 11.20 4.28
C GLY D 143 -43.85 10.12 3.96
N PRO D 144 -43.43 8.84 4.05
CA PRO D 144 -44.37 7.73 3.87
C PRO D 144 -45.49 7.75 4.91
N LYS D 145 -46.58 7.04 4.61
CA LYS D 145 -47.76 6.97 5.47
C LYS D 145 -47.39 6.76 6.94
N THR D 146 -46.54 5.77 7.20
CA THR D 146 -46.13 5.42 8.56
C THR D 146 -45.47 6.59 9.32
N CYS D 147 -44.74 7.44 8.60
CA CYS D 147 -44.12 8.62 9.19
C CYS D 147 -45.14 9.72 9.45
N VAL D 148 -46.13 9.82 8.57
CA VAL D 148 -47.23 10.77 8.74
C VAL D 148 -48.10 10.36 9.93
N ASP D 149 -48.36 9.06 10.04
CA ASP D 149 -49.08 8.50 11.20
C ASP D 149 -48.36 8.84 12.50
N LEU D 150 -47.03 8.80 12.45
CA LEU D 150 -46.18 9.08 13.61
C LEU D 150 -46.14 10.57 13.95
N TRP D 151 -46.13 11.41 12.91
CA TRP D 151 -46.15 12.86 13.08
C TRP D 151 -47.48 13.35 13.65
N ILE D 152 -48.58 12.87 13.06
CA ILE D 152 -49.93 13.21 13.52
C ILE D 152 -50.08 12.85 14.99
N GLY D 153 -49.56 11.68 15.36
CA GLY D 153 -49.55 11.23 16.75
C GLY D 153 -48.85 12.17 17.72
N TRP D 154 -47.79 12.83 17.25
CA TRP D 154 -47.04 13.78 18.08
C TRP D 154 -47.73 15.13 18.18
N GLY D 155 -48.71 15.36 17.31
CA GLY D 155 -49.49 16.60 17.33
C GLY D 155 -49.33 17.47 16.10
N VAL D 156 -48.69 16.94 15.07
CA VAL D 156 -48.56 17.64 13.79
C VAL D 156 -49.89 17.56 13.05
N PRO D 157 -50.50 18.72 12.75
CA PRO D 157 -51.79 18.78 12.05
C PRO D 157 -51.82 17.95 10.77
N LYS D 158 -52.95 17.28 10.55
CA LYS D 158 -53.17 16.44 9.37
C LYS D 158 -52.84 17.19 8.08
N GLU D 159 -53.47 18.35 7.94
CA GLU D 159 -53.36 19.18 6.73
C GLU D 159 -51.96 19.72 6.45
N ARG D 160 -51.04 19.51 7.40
CA ARG D 160 -49.65 19.92 7.22
C ARG D 160 -48.73 18.77 6.84
N CYS D 161 -49.30 17.60 6.60
CA CYS D 161 -48.53 16.42 6.23
C CYS D 161 -48.82 15.95 4.81
N ILE D 162 -47.77 15.77 4.03
CA ILE D 162 -47.87 15.19 2.69
C ILE D 162 -47.36 13.76 2.69
N VAL D 163 -48.29 12.81 2.55
CA VAL D 163 -47.93 11.39 2.38
C VAL D 163 -47.34 11.20 0.99
N VAL D 164 -46.25 10.44 0.89
CA VAL D 164 -45.65 10.13 -0.40
C VAL D 164 -45.42 8.63 -0.61
N LYS D 165 -45.55 8.21 -1.87
CA LYS D 165 -45.27 6.85 -2.30
C LYS D 165 -44.19 6.90 -3.38
N PRO D 166 -43.47 5.78 -3.60
CA PRO D 166 -42.59 5.69 -4.77
C PRO D 166 -43.31 6.11 -6.06
N GLY D 167 -42.74 7.06 -6.78
CA GLY D 167 -43.34 7.58 -8.00
C GLY D 167 -43.78 9.02 -7.88
N ASP D 168 -44.13 9.43 -6.65
CA ASP D 168 -44.56 10.79 -6.37
C ASP D 168 -43.45 11.81 -6.54
N VAL D 169 -43.83 12.99 -7.05
CA VAL D 169 -42.92 14.11 -7.17
C VAL D 169 -43.53 15.31 -6.44
N VAL D 170 -42.75 15.92 -5.55
CA VAL D 170 -43.24 17.03 -4.74
C VAL D 170 -42.37 18.28 -4.95
N LYS D 171 -42.97 19.32 -5.49
CA LYS D 171 -42.26 20.56 -5.79
C LYS D 171 -42.30 21.49 -4.58
N VAL D 172 -41.14 21.66 -3.95
CA VAL D 172 -40.98 22.62 -2.86
C VAL D 172 -40.07 23.74 -3.37
N LYS D 173 -40.69 24.88 -3.67
CA LYS D 173 -40.03 26.01 -4.35
C LYS D 173 -39.28 25.55 -5.61
N ASP D 174 -37.95 25.69 -5.62
CA ASP D 174 -37.17 25.26 -6.79
C ASP D 174 -36.53 23.87 -6.63
N ILE D 175 -36.96 23.14 -5.61
CA ILE D 175 -36.47 21.78 -5.40
C ILE D 175 -37.54 20.74 -5.76
N GLU D 176 -37.28 19.99 -6.82
CA GLU D 176 -38.12 18.86 -7.18
C GLU D 176 -37.73 17.65 -6.34
N ILE D 177 -38.64 17.23 -5.46
CA ILE D 177 -38.42 16.06 -4.63
C ILE D 177 -39.06 14.84 -5.28
N HIS D 178 -38.22 13.87 -5.65
CA HIS D 178 -38.71 12.64 -6.25
C HIS D 178 -38.68 11.50 -5.24
N ALA D 179 -39.87 11.02 -4.86
CA ALA D 179 -39.99 9.88 -3.98
C ALA D 179 -39.80 8.62 -4.81
N LEU D 180 -38.92 7.74 -4.34
CA LEU D 180 -38.55 6.54 -5.07
C LEU D 180 -38.56 5.32 -4.15
N ASP D 181 -38.42 4.13 -4.73
CA ASP D 181 -38.49 2.88 -3.99
C ASP D 181 -37.37 2.73 -2.97
N ALA D 182 -37.72 2.20 -1.80
CA ALA D 182 -36.76 1.83 -0.77
C ALA D 182 -36.80 0.31 -0.59
N PHE D 183 -35.81 -0.23 0.11
CA PHE D 183 -35.60 -1.68 0.16
C PHE D 183 -35.13 -2.15 1.53
N GLY D 204 -47.19 -3.98 -0.67
CA GLY D 204 -47.56 -2.63 -0.26
C GLY D 204 -46.63 -2.04 0.78
N MET D 205 -45.33 -2.10 0.50
CA MET D 205 -44.31 -1.53 1.39
C MET D 205 -44.16 -0.01 1.18
N ASP D 206 -44.82 0.50 0.14
CA ASP D 206 -44.87 1.93 -0.15
C ASP D 206 -45.30 2.76 1.07
N ASP D 207 -45.94 2.09 2.03
CA ASP D 207 -46.39 2.72 3.27
C ASP D 207 -45.25 2.92 4.28
N ARG D 208 -44.20 2.12 4.17
CA ARG D 208 -43.12 2.11 5.18
C ARG D 208 -41.92 3.00 4.87
N ALA D 209 -41.40 2.93 3.65
CA ALA D 209 -40.12 3.56 3.34
C ALA D 209 -40.00 4.07 1.92
N VAL D 210 -39.25 5.16 1.76
CA VAL D 210 -38.96 5.76 0.45
C VAL D 210 -37.52 6.24 0.37
N ASN D 211 -36.97 6.29 -0.84
CA ASN D 211 -35.75 7.02 -1.12
C ASN D 211 -36.11 8.36 -1.76
N TYR D 212 -35.27 9.36 -1.55
CA TYR D 212 -35.52 10.67 -2.15
C TYR D 212 -34.46 11.03 -3.17
N LEU D 213 -34.88 11.68 -4.24
CA LEU D 213 -33.97 12.31 -5.17
C LEU D 213 -34.32 13.79 -5.27
N PHE D 214 -33.49 14.62 -4.67
CA PHE D 214 -33.69 16.06 -4.65
C PHE D 214 -33.09 16.70 -5.88
N LYS D 215 -33.93 17.34 -6.68
CA LYS D 215 -33.49 17.99 -7.91
C LYS D 215 -33.51 19.51 -7.76
N THR D 216 -32.34 20.09 -7.52
CA THR D 216 -32.18 21.54 -7.50
C THR D 216 -31.74 22.01 -8.89
N PRO D 217 -31.89 23.31 -9.18
CA PRO D 217 -31.39 23.85 -10.46
C PRO D 217 -29.87 23.70 -10.63
N GLY D 218 -29.17 23.37 -9.54
CA GLY D 218 -27.72 23.25 -9.56
C GLY D 218 -27.19 21.82 -9.52
N GLY D 219 -28.07 20.87 -9.27
CA GLY D 219 -27.69 19.46 -9.19
C GLY D 219 -28.66 18.60 -8.41
N SER D 220 -28.54 17.29 -8.59
CA SER D 220 -29.42 16.34 -7.90
C SER D 220 -28.71 15.62 -6.76
N LEU D 221 -29.48 15.24 -5.75
CA LEU D 221 -28.95 14.55 -4.58
C LEU D 221 -29.76 13.30 -4.24
N TYR D 222 -29.08 12.17 -4.13
CA TYR D 222 -29.74 10.91 -3.81
C TYR D 222 -29.57 10.52 -2.34
N HIS D 223 -30.70 10.37 -1.65
CA HIS D 223 -30.75 9.99 -0.25
C HIS D 223 -31.44 8.64 -0.16
N SER D 224 -30.70 7.63 0.28
CA SER D 224 -31.22 6.26 0.29
C SER D 224 -31.72 5.79 1.66
N GLY D 225 -31.76 6.73 2.62
CA GLY D 225 -32.24 6.42 3.98
C GLY D 225 -31.36 5.38 4.64
N ASP D 226 -31.98 4.26 5.04
CA ASP D 226 -31.24 3.15 5.63
C ASP D 226 -31.45 1.88 4.81
N SER D 227 -31.60 2.05 3.50
CA SER D 227 -31.85 0.93 2.60
C SER D 227 -30.65 -0.02 2.51
N HIS D 228 -30.94 -1.31 2.42
CA HIS D 228 -29.96 -2.32 2.01
C HIS D 228 -29.70 -2.07 0.54
N TYR D 229 -28.62 -2.64 0.00
CA TYR D 229 -28.38 -2.53 -1.43
C TYR D 229 -29.46 -3.29 -2.20
N SER D 230 -29.97 -2.68 -3.26
CA SER D 230 -30.91 -3.35 -4.15
C SER D 230 -30.65 -3.02 -5.62
N ASN D 231 -30.97 -3.98 -6.48
CA ASN D 231 -30.82 -3.83 -7.92
C ASN D 231 -31.61 -2.67 -8.50
N TYR D 232 -32.67 -2.27 -7.81
CA TYR D 232 -33.50 -1.14 -8.24
C TYR D 232 -32.76 0.20 -8.23
N TYR D 233 -31.55 0.23 -7.67
CA TYR D 233 -30.67 1.39 -7.79
C TYR D 233 -30.33 1.63 -9.26
N ALA D 234 -30.16 0.55 -10.00
CA ALA D 234 -29.87 0.60 -11.44
C ALA D 234 -31.01 1.23 -12.22
N LYS D 235 -32.24 0.91 -11.85
CA LYS D 235 -33.43 1.51 -12.44
C LYS D 235 -33.38 3.04 -12.33
N HIS D 236 -33.12 3.54 -11.12
CA HIS D 236 -33.03 4.97 -10.85
C HIS D 236 -31.88 5.64 -11.61
N GLY D 237 -30.79 4.90 -11.81
CA GLY D 237 -29.63 5.41 -12.54
C GLY D 237 -29.90 5.58 -14.03
N ASN D 238 -30.71 4.68 -14.58
CA ASN D 238 -31.13 4.78 -15.98
C ASN D 238 -32.20 5.84 -16.19
N GLU D 239 -33.09 5.97 -15.20
CA GLU D 239 -34.24 6.87 -15.32
C GLU D 239 -34.01 8.28 -14.79
N HIS D 240 -32.87 8.52 -14.13
CA HIS D 240 -32.57 9.84 -13.56
C HIS D 240 -31.09 10.18 -13.66
N GLN D 241 -30.80 11.47 -13.72
CA GLN D 241 -29.44 11.97 -13.58
C GLN D 241 -29.15 12.21 -12.11
N ILE D 242 -28.25 11.39 -11.55
CA ILE D 242 -27.89 11.49 -10.15
C ILE D 242 -26.46 12.01 -10.02
N ASP D 243 -26.29 13.09 -9.26
CA ASP D 243 -24.99 13.73 -9.11
C ASP D 243 -24.26 13.25 -7.85
N VAL D 244 -24.82 13.58 -6.70
CA VAL D 244 -24.29 13.13 -5.40
C VAL D 244 -25.24 12.08 -4.85
N ALA D 245 -24.69 10.99 -4.34
CA ALA D 245 -25.50 9.91 -3.77
C ALA D 245 -25.01 9.50 -2.38
N LEU D 246 -25.94 9.46 -1.43
CA LEU D 246 -25.64 9.09 -0.06
C LEU D 246 -26.22 7.70 0.25
N GLY D 247 -25.42 6.88 0.92
CA GLY D 247 -25.84 5.52 1.28
C GLY D 247 -25.41 5.12 2.67
N SER D 248 -26.26 4.35 3.34
CA SER D 248 -26.00 3.93 4.72
C SER D 248 -24.84 2.96 4.83
N TYR D 249 -23.70 3.50 5.23
CA TYR D 249 -22.51 2.71 5.46
C TYR D 249 -22.47 2.30 6.92
N GLY D 250 -21.79 1.20 7.21
CA GLY D 250 -21.61 0.78 8.59
C GLY D 250 -21.05 -0.63 8.71
N GLU D 251 -20.37 -0.88 9.83
CA GLU D 251 -19.86 -2.21 10.12
C GLU D 251 -20.94 -3.03 10.80
N ASN D 252 -21.45 -4.03 10.08
CA ASN D 252 -22.43 -4.96 10.63
C ASN D 252 -21.81 -5.85 11.71
N PRO D 253 -22.43 -5.88 12.90
CA PRO D 253 -22.08 -6.86 13.94
C PRO D 253 -22.34 -8.29 13.46
N ARG D 254 -21.64 -9.24 14.06
CA ARG D 254 -21.75 -10.65 13.67
C ARG D 254 -23.20 -11.13 13.67
N GLY D 255 -23.66 -11.56 12.49
CA GLY D 255 -25.03 -12.07 12.34
C GLY D 255 -26.11 -11.01 12.18
N ILE D 256 -25.72 -9.84 11.69
CA ILE D 256 -26.65 -8.74 11.41
C ILE D 256 -26.38 -8.14 10.03
N THR D 257 -27.43 -7.84 9.28
CA THR D 257 -27.33 -7.14 8.01
C THR D 257 -28.24 -5.91 8.03
N ASP D 258 -27.73 -4.83 8.61
CA ASP D 258 -28.50 -3.62 8.82
C ASP D 258 -27.95 -2.44 7.99
N LYS D 259 -26.69 -2.56 7.57
CA LYS D 259 -25.98 -1.49 6.87
C LYS D 259 -25.30 -1.99 5.60
N MET D 260 -25.01 -1.07 4.67
CA MET D 260 -24.25 -1.38 3.47
C MET D 260 -22.76 -1.50 3.75
N THR D 261 -22.13 -2.48 3.13
CA THR D 261 -20.68 -2.70 3.25
C THR D 261 -19.93 -1.74 2.32
N SER D 262 -18.61 -1.69 2.46
CA SER D 262 -17.78 -0.83 1.61
C SER D 262 -17.92 -1.20 0.12
N ALA D 263 -18.07 -2.49 -0.16
CA ALA D 263 -18.26 -2.98 -1.53
C ALA D 263 -19.62 -2.59 -2.11
N ASP D 264 -20.65 -2.57 -1.25
CA ASP D 264 -22.00 -2.18 -1.66
C ASP D 264 -22.10 -0.70 -1.99
N MET D 265 -21.35 0.12 -1.26
CA MET D 265 -21.30 1.56 -1.52
C MET D 265 -20.86 1.84 -2.95
N LEU D 266 -19.88 1.05 -3.42
CA LEU D 266 -19.35 1.17 -4.78
C LEU D 266 -20.36 0.67 -5.81
N ARG D 267 -20.97 -0.48 -5.54
CA ARG D 267 -22.03 -1.01 -6.39
C ARG D 267 -23.19 -0.02 -6.53
N MET D 268 -23.50 0.68 -5.43
CA MET D 268 -24.55 1.70 -5.42
C MET D 268 -24.23 2.84 -6.37
N GLY D 269 -23.03 3.40 -6.24
CA GLY D 269 -22.57 4.50 -7.08
C GLY D 269 -22.64 4.17 -8.56
N GLU D 270 -22.22 2.97 -8.90
CA GLU D 270 -22.26 2.45 -10.26
C GLU D 270 -23.69 2.32 -10.76
N ALA D 271 -24.55 1.67 -9.97
CA ALA D 271 -25.96 1.49 -10.32
C ALA D 271 -26.69 2.82 -10.50
N LEU D 272 -26.37 3.79 -9.65
CA LEU D 272 -27.01 5.11 -9.73
C LEU D 272 -26.38 6.02 -10.79
N ASN D 273 -25.29 5.55 -11.41
CA ASN D 273 -24.48 6.36 -12.35
C ASN D 273 -24.14 7.74 -11.76
N ALA D 274 -23.83 7.75 -10.47
CA ALA D 274 -23.52 8.99 -9.76
C ALA D 274 -22.13 9.50 -10.10
N LYS D 275 -21.83 10.72 -9.67
CA LYS D 275 -20.52 11.34 -9.82
C LYS D 275 -19.78 11.33 -8.48
N VAL D 276 -20.54 11.40 -7.39
CA VAL D 276 -20.00 11.38 -6.04
C VAL D 276 -20.79 10.40 -5.19
N VAL D 277 -20.08 9.62 -4.38
CA VAL D 277 -20.70 8.67 -3.46
C VAL D 277 -20.21 8.94 -2.04
N ILE D 278 -21.14 9.37 -1.19
CA ILE D 278 -20.81 9.73 0.18
C ILE D 278 -21.45 8.75 1.18
N PRO D 279 -20.62 8.09 1.99
CA PRO D 279 -21.15 7.27 3.08
C PRO D 279 -21.69 8.11 4.23
N PHE D 280 -22.84 7.71 4.76
CA PHE D 280 -23.32 8.25 6.04
C PHE D 280 -23.94 7.14 6.89
N HIS D 281 -24.40 7.50 8.08
CA HIS D 281 -24.95 6.55 9.08
C HIS D 281 -23.88 5.80 9.88
N HIS D 282 -22.67 5.69 9.34
CA HIS D 282 -21.54 5.02 10.00
C HIS D 282 -20.98 5.82 11.18
N ASP D 283 -21.38 7.08 11.26
CA ASP D 283 -20.92 8.00 12.28
C ASP D 283 -21.55 7.72 13.64
N ILE D 284 -22.81 7.28 13.62
CA ILE D 284 -23.71 7.44 14.77
C ILE D 284 -23.64 6.37 15.88
N TRP D 285 -23.47 5.10 15.51
CA TRP D 285 -23.56 4.01 16.49
C TRP D 285 -22.24 3.34 16.80
N SER D 286 -21.90 3.31 18.09
CA SER D 286 -20.69 2.65 18.58
C SER D 286 -20.50 1.26 17.98
N ASN D 287 -21.51 0.40 18.12
CA ASN D 287 -21.48 -0.96 17.61
C ASN D 287 -21.38 -1.10 16.07
N PHE D 288 -21.68 -0.02 15.36
CA PHE D 288 -21.60 0.02 13.90
C PHE D 288 -20.40 0.82 13.39
N GLN D 289 -19.46 1.11 14.28
CA GLN D 289 -18.23 1.84 13.95
C GLN D 289 -17.52 1.22 12.75
N ALA D 290 -17.42 1.98 11.67
CA ALA D 290 -16.81 1.50 10.44
C ALA D 290 -15.70 2.43 9.96
N ASP D 291 -14.84 1.93 9.07
CA ASP D 291 -13.79 2.75 8.46
C ASP D 291 -14.16 3.09 7.02
N PRO D 292 -14.56 4.36 6.77
CA PRO D 292 -14.99 4.79 5.44
C PRO D 292 -13.88 4.72 4.40
N GLN D 293 -12.63 4.67 4.86
CA GLN D 293 -11.45 4.56 4.00
C GLN D 293 -11.45 3.27 3.18
N GLU D 294 -12.19 2.25 3.64
CA GLU D 294 -12.38 1.00 2.91
C GLU D 294 -13.01 1.22 1.53
N ILE D 295 -13.91 2.20 1.44
CA ILE D 295 -14.56 2.53 0.18
C ILE D 295 -13.53 3.06 -0.82
N ARG D 296 -12.64 3.93 -0.36
CA ARG D 296 -11.56 4.45 -1.19
C ARG D 296 -10.59 3.36 -1.65
N VAL D 297 -10.08 2.57 -0.70
CA VAL D 297 -9.12 1.49 -0.99
C VAL D 297 -9.67 0.52 -2.04
N LEU D 298 -10.92 0.09 -1.86
CA LEU D 298 -11.60 -0.77 -2.82
C LEU D 298 -11.80 -0.08 -4.15
N TRP D 299 -12.22 1.19 -4.10
CA TRP D 299 -12.41 2.02 -5.29
C TRP D 299 -11.12 2.09 -6.10
N GLU D 300 -9.98 2.23 -5.40
CA GLU D 300 -8.66 2.27 -6.06
C GLU D 300 -8.33 0.98 -6.82
N MET D 301 -8.72 -0.17 -6.26
CA MET D 301 -8.47 -1.46 -6.89
C MET D 301 -9.37 -1.68 -8.11
N LYS D 302 -10.57 -1.13 -8.06
CA LYS D 302 -11.65 -1.49 -8.98
C LYS D 302 -11.98 -0.45 -10.07
N LYS D 303 -11.63 0.82 -9.84
CA LYS D 303 -12.08 1.92 -10.71
C LYS D 303 -11.72 1.76 -12.19
N ASP D 304 -10.46 1.41 -12.45
CA ASP D 304 -9.97 1.22 -13.82
C ASP D 304 -10.61 0.02 -14.50
N ARG D 305 -10.62 -1.12 -13.80
CA ARG D 305 -11.18 -2.36 -14.32
C ARG D 305 -12.68 -2.24 -14.63
N LEU D 306 -13.42 -1.60 -13.74
CA LEU D 306 -14.89 -1.49 -13.88
C LEU D 306 -15.36 -0.17 -14.49
N LYS D 307 -14.41 0.70 -14.82
CA LYS D 307 -14.70 2.01 -15.42
C LYS D 307 -15.67 2.83 -14.59
N TYR D 308 -15.51 2.79 -13.26
CA TYR D 308 -16.36 3.55 -12.35
C TYR D 308 -16.40 5.01 -12.76
N GLY D 309 -17.62 5.55 -12.91
CA GLY D 309 -17.81 6.94 -13.31
C GLY D 309 -17.97 7.90 -12.15
N PHE D 310 -17.56 7.46 -10.97
CA PHE D 310 -17.74 8.25 -9.75
C PHE D 310 -16.49 8.29 -8.88
N LYS D 311 -16.49 9.24 -7.94
CA LYS D 311 -15.49 9.28 -6.89
C LYS D 311 -16.18 9.14 -5.54
N PRO D 312 -15.53 8.43 -4.59
CA PRO D 312 -16.03 8.41 -3.22
C PRO D 312 -15.63 9.71 -2.51
N PHE D 313 -16.38 10.07 -1.48
CA PHE D 313 -16.06 11.24 -0.69
C PHE D 313 -16.38 10.98 0.78
N ILE D 314 -15.35 11.07 1.61
CA ILE D 314 -15.52 10.88 3.05
C ILE D 314 -15.82 12.22 3.70
N TRP D 315 -17.02 12.31 4.28
CA TRP D 315 -17.50 13.51 4.94
C TRP D 315 -17.21 13.44 6.44
N GLN D 316 -17.50 14.54 7.13
CA GLN D 316 -17.52 14.58 8.59
C GLN D 316 -18.78 15.29 9.04
N VAL D 317 -19.36 14.85 10.15
CA VAL D 317 -20.62 15.40 10.64
C VAL D 317 -20.49 16.89 10.99
N GLY D 318 -21.47 17.67 10.52
CA GLY D 318 -21.45 19.12 10.70
C GLY D 318 -20.82 19.81 9.51
N GLY D 319 -20.16 19.00 8.68
CA GLY D 319 -19.44 19.50 7.52
C GLY D 319 -20.34 19.84 6.35
N LYS D 320 -19.91 20.83 5.58
CA LYS D 320 -20.62 21.28 4.39
C LYS D 320 -20.09 20.52 3.16
N PHE D 321 -20.91 20.46 2.13
CA PHE D 321 -20.47 19.99 0.81
C PHE D 321 -21.13 20.83 -0.27
N THR D 322 -20.34 21.31 -1.21
CA THR D 322 -20.87 22.05 -2.36
C THR D 322 -20.64 21.25 -3.64
N TRP D 323 -21.74 20.93 -4.31
CA TRP D 323 -21.70 20.37 -5.66
C TRP D 323 -21.74 21.51 -6.67
N PRO D 324 -20.93 21.43 -7.74
CA PRO D 324 -19.92 20.41 -8.04
C PRO D 324 -18.51 20.77 -7.58
N LEU D 325 -18.39 21.87 -6.83
CA LEU D 325 -17.09 22.36 -6.38
C LEU D 325 -16.24 21.29 -5.67
N ASP D 326 -16.85 20.59 -4.72
CA ASP D 326 -16.14 19.64 -3.87
C ASP D 326 -16.08 18.20 -4.40
N LYS D 327 -16.54 17.98 -5.63
CA LYS D 327 -16.72 16.63 -6.16
C LYS D 327 -15.45 15.78 -6.29
N ASP D 328 -14.30 16.43 -6.45
CA ASP D 328 -13.04 15.73 -6.63
C ASP D 328 -12.14 15.80 -5.40
N ASN D 329 -12.68 16.25 -4.28
CA ASN D 329 -11.89 16.46 -3.06
C ASN D 329 -11.46 15.19 -2.31
N PHE D 330 -12.23 14.11 -2.48
CA PHE D 330 -11.99 12.81 -1.81
C PHE D 330 -12.27 12.79 -0.31
N GLU D 331 -11.67 13.73 0.42
CA GLU D 331 -11.78 13.77 1.88
C GLU D 331 -12.03 15.18 2.39
N TYR D 332 -13.08 15.33 3.18
CA TYR D 332 -13.44 16.60 3.79
C TYR D 332 -12.52 16.97 4.95
N HIS D 333 -12.31 18.26 5.13
CA HIS D 333 -11.75 18.78 6.38
C HIS D 333 -12.53 20.01 6.86
N TYR D 334 -12.77 20.09 8.16
CA TYR D 334 -13.39 21.25 8.79
C TYR D 334 -12.55 22.51 8.56
N PRO D 335 -13.18 23.70 8.57
CA PRO D 335 -12.40 24.93 8.53
C PRO D 335 -11.30 24.92 9.59
N ARG D 336 -10.05 25.02 9.13
CA ARG D 336 -8.90 25.00 10.02
C ARG D 336 -8.54 26.40 10.50
N GLY D 337 -8.15 27.25 9.54
CA GLY D 337 -7.68 28.59 9.82
C GLY D 337 -8.82 29.55 10.10
N PHE D 338 -8.48 30.84 10.11
CA PHE D 338 -9.40 31.91 10.46
C PHE D 338 -9.52 32.84 9.25
N ASP D 339 -9.88 32.25 8.12
CA ASP D 339 -9.87 32.93 6.82
C ASP D 339 -11.28 33.24 6.32
N MET E 1 51.42 34.15 6.05
CA MET E 1 50.45 33.66 5.03
C MET E 1 49.18 33.16 5.72
N SER E 2 48.07 33.86 5.49
CA SER E 2 46.77 33.51 6.10
C SER E 2 46.15 32.25 5.48
N LYS E 3 45.08 31.76 6.11
CA LYS E 3 44.45 30.48 5.71
C LYS E 3 43.88 30.45 4.29
N VAL E 4 43.34 31.57 3.82
CA VAL E 4 42.83 31.65 2.44
C VAL E 4 43.96 31.73 1.40
N LYS E 5 45.20 31.81 1.89
CA LYS E 5 46.39 31.83 1.05
C LYS E 5 47.24 30.58 1.24
N SER E 6 47.28 30.04 2.45
CA SER E 6 48.12 28.89 2.78
C SER E 6 47.51 27.55 2.35
N ILE E 7 46.18 27.47 2.39
CA ILE E 7 45.45 26.26 2.01
C ILE E 7 45.57 25.97 0.51
N THR E 8 45.89 24.72 0.20
CA THR E 8 45.91 24.22 -1.18
C THR E 8 44.85 23.14 -1.38
N ARG E 9 44.61 22.78 -2.63
CA ARG E 9 43.69 21.70 -2.99
C ARG E 9 44.16 20.37 -2.39
N GLU E 10 45.47 20.16 -2.44
CA GLU E 10 46.09 18.90 -2.03
C GLU E 10 46.08 18.72 -0.52
N SER E 11 46.28 19.82 0.21
CA SER E 11 46.23 19.81 1.67
C SER E 11 44.81 19.54 2.18
N TRP E 12 43.82 20.12 1.51
CA TRP E 12 42.41 19.88 1.82
C TRP E 12 42.05 18.40 1.62
N ILE E 13 42.46 17.85 0.47
CA ILE E 13 42.18 16.47 0.13
C ILE E 13 42.73 15.49 1.17
N LEU E 14 43.98 15.71 1.57
CA LEU E 14 44.64 14.88 2.59
C LEU E 14 44.07 15.06 3.99
N SER E 15 43.43 16.21 4.21
CA SER E 15 42.82 16.53 5.50
C SER E 15 41.40 15.97 5.62
N THR E 16 40.82 15.64 4.47
CA THR E 16 39.41 15.25 4.42
C THR E 16 39.20 13.77 4.11
N PHE E 17 40.00 13.24 3.19
CA PHE E 17 39.78 11.89 2.66
C PHE E 17 40.74 10.84 3.21
N PRO E 18 40.27 9.56 3.31
CA PRO E 18 38.90 9.09 3.05
C PRO E 18 37.93 9.59 4.12
N GLU E 19 36.66 9.76 3.75
CA GLU E 19 35.67 10.40 4.61
C GLU E 19 35.57 9.80 6.02
N TRP E 20 35.55 8.47 6.09
CA TRP E 20 35.38 7.77 7.35
C TRP E 20 36.69 7.61 8.12
N GLY E 21 37.81 7.84 7.45
CA GLY E 21 39.13 7.70 8.05
C GLY E 21 39.43 6.25 8.38
N SER E 22 39.68 5.98 9.67
CA SER E 22 39.95 4.63 10.14
C SER E 22 38.90 4.14 11.14
N TRP E 23 37.76 4.82 11.18
CA TRP E 23 36.66 4.48 12.09
C TRP E 23 36.23 3.02 11.95
N LEU E 24 35.96 2.59 10.72
CA LEU E 24 35.53 1.21 10.47
C LEU E 24 36.70 0.23 10.61
N ASN E 25 37.90 0.69 10.28
CA ASN E 25 39.12 -0.08 10.52
C ASN E 25 39.23 -0.45 12.00
N GLU E 26 38.95 0.52 12.86
CA GLU E 26 39.01 0.34 14.30
C GLU E 26 37.91 -0.57 14.86
N GLU E 27 36.70 -0.44 14.31
CA GLU E 27 35.56 -1.23 14.76
C GLU E 27 35.65 -2.72 14.39
N ILE E 28 36.15 -3.01 13.19
CA ILE E 28 36.35 -4.39 12.74
C ILE E 28 37.40 -5.08 13.61
N GLU E 29 38.51 -4.37 13.84
CA GLU E 29 39.64 -4.85 14.64
C GLU E 29 39.22 -5.15 16.09
N GLN E 30 38.30 -4.34 16.61
CA GLN E 30 37.86 -4.45 18.00
C GLN E 30 36.60 -5.30 18.17
N GLU E 31 36.13 -5.90 17.08
CA GLU E 31 34.84 -6.64 17.09
C GLU E 31 34.95 -8.06 17.66
N GLN E 32 34.25 -8.29 18.76
CA GLN E 32 34.23 -9.60 19.41
C GLN E 32 33.10 -10.46 18.85
N VAL E 33 33.39 -11.17 17.76
CA VAL E 33 32.39 -12.03 17.10
C VAL E 33 32.06 -13.23 17.98
N ALA E 34 30.86 -13.23 18.54
CA ALA E 34 30.39 -14.29 19.44
C ALA E 34 30.35 -15.67 18.76
N PRO E 35 30.58 -16.75 19.53
CA PRO E 35 30.50 -18.11 18.99
C PRO E 35 29.14 -18.42 18.37
N GLY E 36 29.15 -19.18 17.27
CA GLY E 36 27.93 -19.54 16.55
C GLY E 36 27.39 -18.43 15.67
N THR E 37 28.21 -17.41 15.42
CA THR E 37 27.84 -16.26 14.61
C THR E 37 28.95 -15.87 13.65
N PHE E 38 28.64 -14.96 12.72
CA PHE E 38 29.67 -14.25 11.96
C PHE E 38 29.29 -12.79 11.70
N ALA E 39 30.28 -11.91 11.71
CA ALA E 39 30.06 -10.49 11.44
C ALA E 39 30.64 -10.10 10.09
N MET E 40 29.95 -9.20 9.39
CA MET E 40 30.41 -8.74 8.08
C MET E 40 30.15 -7.25 7.88
N TRP E 41 30.98 -6.62 7.04
CA TRP E 41 30.83 -5.20 6.73
C TRP E 41 30.77 -4.95 5.23
N TRP E 42 29.99 -3.95 4.84
CA TRP E 42 29.84 -3.55 3.45
C TRP E 42 30.77 -2.38 3.17
N LEU E 43 31.79 -2.62 2.34
CA LEU E 43 32.87 -1.66 2.14
C LEU E 43 32.63 -0.76 0.92
N GLY E 44 31.47 -0.92 0.29
CA GLY E 44 31.15 -0.24 -0.94
C GLY E 44 31.20 -1.22 -2.09
N CYS E 45 30.36 -1.00 -3.09
CA CYS E 45 30.25 -1.88 -4.26
C CYS E 45 29.99 -3.34 -3.84
N THR E 46 30.89 -4.25 -4.19
CA THR E 46 30.80 -5.64 -3.73
C THR E 46 31.81 -5.94 -2.62
N GLY E 47 32.33 -4.88 -2.00
CA GLY E 47 33.36 -4.99 -0.98
C GLY E 47 32.84 -5.53 0.33
N ILE E 48 33.28 -6.75 0.66
CA ILE E 48 32.85 -7.41 1.89
C ILE E 48 34.02 -7.75 2.79
N TRP E 49 33.89 -7.40 4.07
CA TRP E 49 34.86 -7.80 5.08
C TRP E 49 34.23 -8.81 6.05
N LEU E 50 34.74 -10.04 6.03
CA LEU E 50 34.21 -11.11 6.87
C LEU E 50 35.08 -11.37 8.10
N LYS E 51 34.45 -11.52 9.25
CA LYS E 51 35.15 -11.90 10.48
C LYS E 51 34.44 -13.05 11.22
N SER E 52 35.10 -14.20 11.26
CA SER E 52 34.56 -15.37 11.95
C SER E 52 34.73 -15.25 13.46
N GLU E 53 34.07 -16.14 14.20
CA GLU E 53 34.18 -16.19 15.66
C GLU E 53 35.61 -16.42 16.14
N GLY E 54 36.41 -17.10 15.32
CA GLY E 54 37.82 -17.35 15.62
C GLY E 54 38.75 -16.22 15.26
N GLY E 55 38.18 -15.03 15.02
CA GLY E 55 38.96 -13.83 14.73
C GLY E 55 39.57 -13.75 13.34
N THR E 56 39.20 -14.69 12.47
CA THR E 56 39.72 -14.73 11.11
C THR E 56 39.13 -13.58 10.28
N ASN E 57 40.02 -12.82 9.65
CA ASN E 57 39.62 -11.70 8.80
C ASN E 57 39.83 -11.99 7.32
N VAL E 58 38.75 -11.86 6.55
CA VAL E 58 38.75 -12.10 5.12
C VAL E 58 38.19 -10.88 4.40
N CYS E 59 38.78 -10.55 3.26
CA CYS E 59 38.42 -9.34 2.52
C CYS E 59 38.15 -9.62 1.05
N VAL E 60 36.89 -9.45 0.65
CA VAL E 60 36.43 -9.79 -0.69
C VAL E 60 36.06 -8.54 -1.50
N ASP E 61 36.60 -8.46 -2.71
CA ASP E 61 36.22 -7.43 -3.68
C ASP E 61 36.29 -6.00 -3.14
N PHE E 62 37.24 -5.75 -2.25
CA PHE E 62 37.46 -4.42 -1.69
C PHE E 62 38.03 -3.51 -2.76
N TRP E 63 37.21 -2.57 -3.23
CA TRP E 63 37.59 -1.66 -4.29
C TRP E 63 37.70 -0.25 -3.73
N CYS E 64 38.73 0.47 -4.18
CA CYS E 64 38.98 1.82 -3.67
C CYS E 64 39.20 2.86 -4.76
N GLY E 65 38.68 2.56 -5.95
CA GLY E 65 38.72 3.50 -7.05
C GLY E 65 37.47 4.36 -7.12
N THR E 66 37.38 5.18 -8.16
CA THR E 66 36.24 6.06 -8.38
C THR E 66 35.86 6.06 -9.85
N GLY E 67 34.72 6.68 -10.17
CA GLY E 67 34.24 6.74 -11.55
C GLY E 67 34.78 7.93 -12.32
N LYS E 68 33.97 8.44 -13.22
CA LYS E 68 34.33 9.60 -14.05
C LYS E 68 34.63 10.83 -13.21
N GLN E 69 35.66 11.57 -13.62
CA GLN E 69 36.08 12.78 -12.92
C GLN E 69 36.12 13.99 -13.85
N SER E 70 35.69 13.80 -15.09
CA SER E 70 35.66 14.84 -16.12
C SER E 70 34.90 14.34 -17.35
N HIS E 71 34.65 15.24 -18.29
CA HIS E 71 34.01 14.90 -19.55
C HIS E 71 35.02 14.61 -20.66
N GLY E 72 36.22 15.17 -20.52
CA GLY E 72 37.30 14.96 -21.49
C GLY E 72 38.67 14.91 -20.83
N LEU E 91 31.86 4.89 -22.16
CA LEU E 91 31.03 5.95 -22.76
C LEU E 91 29.83 6.34 -21.89
N GLN E 92 29.63 5.61 -20.79
CA GLN E 92 28.53 5.88 -19.85
C GLN E 92 28.92 6.94 -18.80
N PRO E 93 27.93 7.72 -18.31
CA PRO E 93 28.22 8.69 -17.26
C PRO E 93 28.13 8.07 -15.86
N ASN E 94 29.12 7.27 -15.51
CA ASN E 94 29.15 6.58 -14.22
C ASN E 94 29.94 7.33 -13.15
N LEU E 95 29.22 7.94 -12.23
CA LEU E 95 29.85 8.63 -11.11
C LEU E 95 29.73 7.78 -9.85
N ARG E 96 30.79 7.77 -9.05
CA ARG E 96 30.78 7.08 -7.79
C ARG E 96 29.90 7.85 -6.80
N THR E 97 28.85 7.18 -6.32
CA THR E 97 27.89 7.79 -5.41
C THR E 97 28.05 7.30 -3.98
N THR E 98 29.14 6.59 -3.73
CA THR E 98 29.44 6.05 -2.41
C THR E 98 30.67 6.73 -1.82
N PRO E 99 30.61 7.11 -0.52
CA PRO E 99 31.82 7.56 0.16
C PRO E 99 32.75 6.39 0.45
N PHE E 100 33.93 6.69 1.00
CA PHE E 100 34.89 5.65 1.36
C PHE E 100 34.80 5.38 2.85
N VAL E 101 34.47 4.14 3.19
CA VAL E 101 34.18 3.77 4.57
C VAL E 101 35.36 3.07 5.28
N LEU E 102 36.25 2.47 4.50
CA LEU E 102 37.42 1.77 5.03
C LEU E 102 38.69 2.25 4.35
N ASP E 103 39.68 2.60 5.17
CA ASP E 103 41.00 2.99 4.68
C ASP E 103 41.83 1.72 4.49
N PRO E 104 42.23 1.42 3.24
CA PRO E 104 43.03 0.23 2.97
C PRO E 104 44.41 0.27 3.64
N PHE E 105 44.94 1.49 3.83
CA PHE E 105 46.25 1.69 4.42
C PHE E 105 46.22 1.75 5.94
N ALA E 106 45.04 1.47 6.51
CA ALA E 106 44.89 1.35 7.96
C ALA E 106 44.66 -0.12 8.36
N ILE E 107 44.64 -1.00 7.36
CA ILE E 107 44.42 -2.43 7.58
C ILE E 107 45.63 -3.07 8.26
N ARG E 108 45.40 -3.61 9.46
CA ARG E 108 46.42 -4.34 10.20
C ARG E 108 46.15 -5.83 10.12
N GLN E 109 45.15 -6.29 10.87
CA GLN E 109 44.79 -7.70 10.92
C GLN E 109 44.01 -8.14 9.68
N ILE E 110 44.57 -9.10 8.95
CA ILE E 110 43.91 -9.72 7.81
C ILE E 110 44.50 -11.12 7.61
N ASP E 111 43.67 -12.05 7.14
CA ASP E 111 44.11 -13.42 6.91
C ASP E 111 43.97 -13.88 5.45
N ALA E 112 43.22 -13.11 4.66
CA ALA E 112 43.05 -13.40 3.23
C ALA E 112 42.52 -12.20 2.45
N VAL E 113 42.97 -12.08 1.19
CA VAL E 113 42.47 -11.08 0.26
C VAL E 113 41.90 -11.79 -0.96
N LEU E 114 40.62 -11.55 -1.26
CA LEU E 114 39.97 -12.24 -2.37
C LEU E 114 39.39 -11.29 -3.42
N ALA E 115 39.28 -11.81 -4.63
CA ALA E 115 38.64 -11.11 -5.74
C ALA E 115 37.84 -12.12 -6.55
N THR E 116 36.74 -11.66 -7.15
CA THR E 116 35.85 -12.53 -7.91
C THR E 116 36.16 -12.54 -9.40
N HIS E 117 36.57 -11.39 -9.95
CA HIS E 117 36.91 -11.28 -11.37
C HIS E 117 37.80 -10.08 -11.71
N ASP E 118 38.35 -10.09 -12.92
CA ASP E 118 39.33 -9.09 -13.38
C ASP E 118 38.82 -7.65 -13.47
N HIS E 119 37.52 -7.51 -13.73
CA HIS E 119 36.85 -6.20 -13.83
CA HIS E 119 36.88 -6.19 -13.85
C HIS E 119 37.33 -5.24 -12.74
N ASN E 120 37.65 -4.01 -13.14
CA ASN E 120 38.24 -3.00 -12.25
C ASN E 120 37.56 -2.78 -10.90
N ASP E 121 36.22 -2.81 -10.88
CA ASP E 121 35.45 -2.48 -9.68
C ASP E 121 35.50 -3.56 -8.58
N HIS E 122 36.33 -4.59 -8.78
CA HIS E 122 36.38 -5.73 -7.86
C HIS E 122 37.81 -6.09 -7.41
N ILE E 123 38.80 -5.55 -8.12
CA ILE E 123 40.20 -5.73 -7.75
C ILE E 123 40.90 -4.38 -7.74
N ASP E 124 41.71 -4.16 -6.71
CA ASP E 124 42.33 -2.86 -6.51
C ASP E 124 43.84 -2.96 -6.33
N VAL E 125 44.56 -2.02 -6.93
CA VAL E 125 46.01 -1.95 -6.83
C VAL E 125 46.44 -1.42 -5.47
N ASN E 126 45.80 -0.33 -5.05
CA ASN E 126 46.11 0.36 -3.79
C ASN E 126 45.84 -0.51 -2.56
N VAL E 127 44.79 -1.34 -2.64
CA VAL E 127 44.45 -2.26 -1.56
C VAL E 127 45.49 -3.36 -1.48
N ALA E 128 45.83 -3.95 -2.62
CA ALA E 128 46.89 -4.95 -2.70
C ALA E 128 48.19 -4.41 -2.13
N ALA E 129 48.52 -3.18 -2.50
CA ALA E 129 49.73 -2.50 -2.01
C ALA E 129 49.72 -2.36 -0.49
N ALA E 130 48.62 -1.83 0.04
CA ALA E 130 48.47 -1.59 1.48
C ALA E 130 48.64 -2.85 2.32
N VAL E 131 48.17 -3.97 1.80
CA VAL E 131 48.29 -5.27 2.49
C VAL E 131 49.74 -5.75 2.47
N MET E 132 50.39 -5.63 1.32
CA MET E 132 51.80 -6.02 1.15
C MET E 132 52.77 -5.21 2.01
N GLN E 133 52.32 -4.05 2.47
CA GLN E 133 53.15 -3.14 3.26
C GLN E 133 52.87 -3.22 4.75
N ASN E 134 51.60 -3.36 5.12
CA ASN E 134 51.19 -3.27 6.52
C ASN E 134 50.95 -4.62 7.20
N CYS E 135 50.67 -5.64 6.40
CA CYS E 135 50.21 -6.92 6.94
C CYS E 135 51.25 -8.04 6.86
N ALA E 136 50.94 -9.18 7.48
CA ALA E 136 51.80 -10.36 7.50
C ALA E 136 52.26 -10.77 6.11
N ASP E 137 53.45 -11.38 6.05
CA ASP E 137 54.07 -11.78 4.78
C ASP E 137 53.52 -13.10 4.23
N ASP E 138 52.57 -13.70 4.94
CA ASP E 138 51.98 -14.98 4.52
C ASP E 138 50.47 -14.89 4.29
N VAL E 139 49.97 -13.68 4.06
CA VAL E 139 48.56 -13.46 3.74
C VAL E 139 48.31 -13.75 2.26
N PRO E 140 47.49 -14.78 1.96
CA PRO E 140 47.24 -15.21 0.59
C PRO E 140 46.34 -14.27 -0.21
N PHE E 141 46.59 -14.20 -1.51
CA PHE E 141 45.74 -13.46 -2.44
C PHE E 141 44.99 -14.45 -3.32
N ILE E 142 43.73 -14.70 -2.96
CA ILE E 142 42.92 -15.76 -3.59
C ILE E 142 41.96 -15.19 -4.63
N GLY E 143 42.13 -15.64 -5.86
CA GLY E 143 41.26 -15.23 -6.96
C GLY E 143 41.42 -16.15 -8.16
N PRO E 144 40.58 -15.96 -9.20
CA PRO E 144 40.70 -16.72 -10.46
C PRO E 144 42.02 -16.48 -11.20
N LYS E 145 42.26 -17.27 -12.24
CA LYS E 145 43.49 -17.21 -13.03
C LYS E 145 43.83 -15.80 -13.49
N THR E 146 42.83 -15.09 -14.02
CA THR E 146 43.02 -13.74 -14.53
C THR E 146 43.34 -12.72 -13.44
N CYS E 147 42.86 -12.99 -12.22
CA CYS E 147 43.09 -12.10 -11.08
C CYS E 147 44.51 -12.15 -10.54
N VAL E 148 45.12 -13.33 -10.54
CA VAL E 148 46.49 -13.48 -10.05
C VAL E 148 47.51 -12.92 -11.04
N ASP E 149 47.17 -12.96 -12.33
CA ASP E 149 47.97 -12.35 -13.38
C ASP E 149 48.17 -10.85 -13.14
N LEU E 150 47.10 -10.19 -12.68
CA LEU E 150 47.16 -8.77 -12.36
C LEU E 150 47.94 -8.49 -11.08
N TRP E 151 47.73 -9.31 -10.05
CA TRP E 151 48.45 -9.18 -8.78
C TRP E 151 49.96 -9.37 -8.94
N ILE E 152 50.35 -10.41 -9.67
CA ILE E 152 51.76 -10.66 -9.99
C ILE E 152 52.31 -9.48 -10.78
N GLY E 153 51.57 -9.07 -11.82
CA GLY E 153 51.93 -7.91 -12.64
C GLY E 153 52.09 -6.62 -11.84
N TRP E 154 51.31 -6.49 -10.77
CA TRP E 154 51.42 -5.33 -9.87
C TRP E 154 52.57 -5.47 -8.88
N GLY E 155 52.98 -6.71 -8.59
CA GLY E 155 54.13 -6.95 -7.74
C GLY E 155 53.92 -7.89 -6.56
N VAL E 156 52.79 -8.57 -6.54
CA VAL E 156 52.52 -9.59 -5.53
C VAL E 156 53.26 -10.87 -5.92
N PRO E 157 54.05 -11.44 -4.97
CA PRO E 157 54.78 -12.68 -5.22
C PRO E 157 53.86 -13.80 -5.71
N LYS E 158 54.30 -14.52 -6.73
CA LYS E 158 53.57 -15.70 -7.23
C LYS E 158 53.42 -16.73 -6.11
N GLU E 159 54.26 -16.60 -5.09
CA GLU E 159 54.28 -17.50 -3.95
C GLU E 159 53.13 -17.23 -2.97
N ARG E 160 52.42 -16.12 -3.18
CA ARG E 160 51.33 -15.71 -2.28
C ARG E 160 49.99 -15.56 -3.01
N CYS E 161 49.83 -16.30 -4.11
CA CYS E 161 48.61 -16.21 -4.92
C CYS E 161 48.00 -17.59 -5.14
N ILE E 162 46.76 -17.76 -4.70
CA ILE E 162 46.04 -19.01 -4.91
C ILE E 162 45.03 -18.86 -6.05
N VAL E 163 45.40 -19.39 -7.21
CA VAL E 163 44.53 -19.42 -8.38
C VAL E 163 43.43 -20.47 -8.18
N VAL E 164 42.18 -20.00 -8.08
CA VAL E 164 41.04 -20.89 -7.82
C VAL E 164 40.11 -21.05 -9.02
N LYS E 165 39.62 -22.28 -9.18
CA LYS E 165 38.61 -22.62 -10.17
C LYS E 165 37.32 -23.03 -9.45
N PRO E 166 36.19 -23.10 -10.19
CA PRO E 166 34.98 -23.66 -9.59
C PRO E 166 35.23 -25.11 -9.16
N GLY E 167 35.04 -25.36 -7.87
CA GLY E 167 35.35 -26.66 -7.29
C GLY E 167 36.41 -26.55 -6.21
N ASP E 168 37.36 -25.65 -6.41
CA ASP E 168 38.45 -25.42 -5.45
C ASP E 168 37.94 -24.93 -4.11
N VAL E 169 38.56 -25.41 -3.04
CA VAL E 169 38.21 -24.99 -1.69
C VAL E 169 39.47 -24.71 -0.87
N VAL E 170 39.61 -23.47 -0.42
CA VAL E 170 40.78 -23.04 0.35
C VAL E 170 40.40 -22.82 1.80
N LYS E 171 41.18 -23.41 2.70
CA LYS E 171 40.95 -23.26 4.13
C LYS E 171 41.83 -22.14 4.71
N VAL E 172 41.18 -21.12 5.24
CA VAL E 172 41.86 -20.04 5.94
C VAL E 172 41.38 -20.05 7.39
N LYS E 173 42.22 -20.61 8.28
CA LYS E 173 41.85 -20.86 9.67
C LYS E 173 40.51 -21.60 9.76
N ASP E 174 39.55 -21.04 10.48
CA ASP E 174 38.23 -21.67 10.65
C ASP E 174 37.24 -21.34 9.52
N ILE E 175 37.61 -20.37 8.68
CA ILE E 175 36.83 -20.05 7.48
C ILE E 175 37.18 -21.03 6.36
N GLU E 176 36.16 -21.54 5.70
CA GLU E 176 36.30 -22.50 4.61
C GLU E 176 35.75 -21.88 3.31
N ILE E 177 36.66 -21.45 2.44
CA ILE E 177 36.28 -20.74 1.21
C ILE E 177 36.02 -21.69 0.05
N HIS E 178 34.76 -21.76 -0.39
CA HIS E 178 34.38 -22.59 -1.53
C HIS E 178 34.24 -21.75 -2.79
N ALA E 179 35.13 -22.00 -3.76
CA ALA E 179 35.09 -21.31 -5.04
C ALA E 179 34.10 -22.01 -5.97
N LEU E 180 33.07 -21.28 -6.39
CA LEU E 180 32.00 -21.82 -7.21
C LEU E 180 31.88 -21.07 -8.53
N ASP E 181 31.04 -21.57 -9.44
CA ASP E 181 30.84 -20.98 -10.76
C ASP E 181 30.28 -19.56 -10.69
N ALA E 182 30.76 -18.70 -11.58
CA ALA E 182 30.24 -17.34 -11.73
C ALA E 182 29.50 -17.20 -13.05
N PHE E 183 28.70 -16.14 -13.18
CA PHE E 183 27.78 -16.00 -14.32
C PHE E 183 27.74 -14.60 -14.94
N ASP E 184 28.79 -13.81 -14.73
CA ASP E 184 28.88 -12.46 -15.31
C ASP E 184 29.35 -12.47 -16.76
N MET E 205 35.24 -20.02 -19.13
CA MET E 205 35.37 -18.74 -18.42
C MET E 205 35.82 -18.92 -16.97
N ASP E 206 36.22 -20.15 -16.62
CA ASP E 206 36.70 -20.47 -15.27
C ASP E 206 37.98 -19.71 -14.90
N ASP E 207 38.66 -19.19 -15.94
CA ASP E 207 39.85 -18.37 -15.75
C ASP E 207 39.48 -16.97 -15.28
N ARG E 208 38.33 -16.47 -15.77
CA ARG E 208 37.92 -15.08 -15.57
C ARG E 208 37.27 -14.79 -14.22
N ALA E 209 36.30 -15.61 -13.82
CA ALA E 209 35.49 -15.32 -12.64
C ALA E 209 35.03 -16.54 -11.86
N VAL E 210 34.89 -16.35 -10.54
CA VAL E 210 34.33 -17.37 -9.64
C VAL E 210 33.39 -16.70 -8.63
N ASN E 211 32.50 -17.50 -8.04
CA ASN E 211 31.71 -17.07 -6.88
C ASN E 211 32.23 -17.74 -5.62
N TYR E 212 32.02 -17.10 -4.47
CA TYR E 212 32.53 -17.63 -3.21
C TYR E 212 31.45 -17.97 -2.21
N LEU E 213 31.58 -19.13 -1.58
CA LEU E 213 30.78 -19.47 -0.42
C LEU E 213 31.68 -19.60 0.81
N PHE E 214 31.58 -18.63 1.69
CA PHE E 214 32.41 -18.59 2.88
C PHE E 214 31.76 -19.38 4.00
N LYS E 215 32.31 -20.55 4.28
CA LYS E 215 31.82 -21.40 5.36
C LYS E 215 32.60 -21.14 6.65
N THR E 216 31.92 -20.56 7.63
CA THR E 216 32.49 -20.33 8.96
C THR E 216 31.77 -21.23 9.95
N PRO E 217 32.36 -21.44 11.15
CA PRO E 217 31.63 -22.18 12.20
C PRO E 217 30.26 -21.56 12.49
N GLY E 218 30.19 -20.23 12.47
CA GLY E 218 28.96 -19.49 12.76
C GLY E 218 27.91 -19.47 11.67
N GLY E 219 28.32 -19.76 10.44
CA GLY E 219 27.39 -19.78 9.31
C GLY E 219 28.07 -19.50 7.98
N SER E 220 27.30 -19.61 6.89
CA SER E 220 27.86 -19.43 5.55
C SER E 220 27.44 -18.11 4.91
N LEU E 221 28.32 -17.60 4.04
CA LEU E 221 28.07 -16.37 3.31
C LEU E 221 28.34 -16.56 1.83
N TYR E 222 27.30 -16.42 1.02
CA TYR E 222 27.42 -16.52 -0.43
C TYR E 222 27.67 -15.15 -1.03
N HIS E 223 28.79 -15.03 -1.75
CA HIS E 223 29.16 -13.80 -2.44
C HIS E 223 29.16 -14.10 -3.94
N SER E 224 28.28 -13.43 -4.67
CA SER E 224 28.10 -13.72 -6.10
C SER E 224 28.90 -12.80 -7.02
N GLY E 225 29.71 -11.92 -6.43
CA GLY E 225 30.50 -10.96 -7.20
C GLY E 225 29.59 -10.06 -8.03
N ASP E 226 29.80 -10.08 -9.34
CA ASP E 226 29.03 -9.24 -10.26
C ASP E 226 28.21 -10.12 -11.22
N SER E 227 27.96 -11.36 -10.80
CA SER E 227 27.20 -12.31 -11.61
C SER E 227 25.77 -11.84 -11.84
N HIS E 228 25.27 -12.13 -13.04
CA HIS E 228 23.86 -11.94 -13.34
C HIS E 228 23.15 -13.24 -12.94
N TYR E 229 21.83 -13.27 -13.03
CA TYR E 229 21.09 -14.46 -12.61
C TYR E 229 21.36 -15.65 -13.54
N SER E 230 21.52 -16.82 -12.92
CA SER E 230 21.73 -18.07 -13.65
C SER E 230 21.09 -19.25 -12.94
N ASN E 231 20.76 -20.28 -13.72
CA ASN E 231 20.17 -21.51 -13.20
C ASN E 231 21.11 -22.30 -12.30
N TYR E 232 22.41 -22.06 -12.45
CA TYR E 232 23.42 -22.74 -11.65
C TYR E 232 23.41 -22.29 -10.18
N TYR E 233 22.62 -21.26 -9.86
CA TYR E 233 22.40 -20.86 -8.48
C TYR E 233 21.67 -21.95 -7.70
N ALA E 234 20.78 -22.67 -8.38
CA ALA E 234 20.04 -23.77 -7.78
C ALA E 234 20.96 -24.93 -7.43
N LYS E 235 21.97 -25.15 -8.26
CA LYS E 235 22.97 -26.19 -8.05
C LYS E 235 23.76 -25.94 -6.76
N HIS E 236 24.06 -24.67 -6.48
CA HIS E 236 24.76 -24.31 -5.24
C HIS E 236 23.85 -24.44 -4.02
N GLY E 237 22.56 -24.16 -4.21
CA GLY E 237 21.57 -24.27 -3.14
C GLY E 237 21.30 -25.70 -2.74
N ASN E 238 21.39 -26.61 -3.71
CA ASN E 238 21.18 -28.03 -3.47
C ASN E 238 22.37 -28.69 -2.78
N GLU E 239 23.57 -28.26 -3.14
CA GLU E 239 24.81 -28.90 -2.71
C GLU E 239 25.41 -28.33 -1.43
N HIS E 240 24.90 -27.17 -1.00
CA HIS E 240 25.38 -26.49 0.21
C HIS E 240 24.23 -25.84 0.98
N GLN E 241 24.48 -25.50 2.24
CA GLN E 241 23.54 -24.65 2.98
C GLN E 241 24.02 -23.21 2.95
N ILE E 242 23.22 -22.35 2.33
CA ILE E 242 23.54 -20.92 2.26
C ILE E 242 22.69 -20.17 3.28
N ASP E 243 23.35 -19.36 4.11
CA ASP E 243 22.66 -18.57 5.13
C ASP E 243 22.37 -17.16 4.64
N VAL E 244 23.43 -16.41 4.33
CA VAL E 244 23.30 -15.06 3.81
C VAL E 244 23.79 -15.04 2.35
N ALA E 245 22.98 -14.43 1.48
CA ALA E 245 23.29 -14.34 0.06
C ALA E 245 23.35 -12.89 -0.42
N LEU E 246 24.49 -12.50 -0.97
CA LEU E 246 24.69 -11.18 -1.56
C LEU E 246 24.64 -11.26 -3.07
N GLY E 247 23.81 -10.41 -3.67
CA GLY E 247 23.69 -10.34 -5.13
C GLY E 247 23.83 -8.93 -5.64
N SER E 248 24.33 -8.79 -6.87
CA SER E 248 24.54 -7.48 -7.48
C SER E 248 23.25 -6.87 -7.99
N TYR E 249 22.73 -5.92 -7.21
CA TYR E 249 21.49 -5.23 -7.54
C TYR E 249 21.77 -3.91 -8.27
N GLY E 250 20.82 -3.45 -9.07
CA GLY E 250 20.97 -2.18 -9.77
C GLY E 250 19.85 -1.88 -10.75
N GLU E 251 19.69 -0.60 -11.07
CA GLU E 251 18.75 -0.18 -12.08
C GLU E 251 19.48 -0.17 -13.40
N ASN E 252 19.18 -1.15 -14.24
CA ASN E 252 19.80 -1.24 -15.56
C ASN E 252 19.34 -0.12 -16.47
N PRO E 253 20.30 0.67 -17.02
CA PRO E 253 20.01 1.67 -18.04
C PRO E 253 19.32 1.05 -19.25
N ARG E 254 18.63 1.90 -20.02
CA ARG E 254 17.88 1.46 -21.18
C ARG E 254 18.80 0.70 -22.14
N GLY E 255 18.39 -0.52 -22.49
CA GLY E 255 19.17 -1.38 -23.37
C GLY E 255 20.50 -1.82 -22.79
N ILE E 256 20.55 -1.95 -21.47
CA ILE E 256 21.74 -2.45 -20.78
C ILE E 256 21.34 -3.53 -19.77
N THR E 257 22.06 -4.64 -19.79
CA THR E 257 21.87 -5.72 -18.81
C THR E 257 23.20 -6.02 -18.12
N ASP E 258 23.41 -5.36 -16.99
CA ASP E 258 24.68 -5.43 -16.27
C ASP E 258 24.46 -5.78 -14.81
N LYS E 259 23.21 -5.67 -14.37
CA LYS E 259 22.84 -5.90 -12.96
C LYS E 259 21.58 -6.73 -12.86
N MET E 260 21.33 -7.26 -11.65
CA MET E 260 20.10 -8.01 -11.39
C MET E 260 18.95 -7.11 -10.98
N THR E 261 17.76 -7.44 -11.47
CA THR E 261 16.54 -6.73 -11.10
C THR E 261 16.08 -7.17 -9.72
N SER E 262 15.12 -6.44 -9.15
CA SER E 262 14.57 -6.75 -7.84
C SER E 262 13.98 -8.15 -7.80
N ALA E 263 13.32 -8.52 -8.90
CA ALA E 263 12.72 -9.83 -9.06
C ALA E 263 13.78 -10.93 -9.09
N ASP E 264 14.89 -10.64 -9.76
CA ASP E 264 16.00 -11.59 -9.86
C ASP E 264 16.66 -11.84 -8.50
N MET E 265 16.64 -10.84 -7.63
CA MET E 265 17.18 -10.97 -6.28
C MET E 265 16.42 -12.03 -5.48
N LEU E 266 15.10 -12.05 -5.63
CA LEU E 266 14.23 -13.01 -4.95
C LEU E 266 14.41 -14.40 -5.52
N ARG E 267 14.58 -14.49 -6.84
CA ARG E 267 14.84 -15.75 -7.53
C ARG E 267 16.18 -16.36 -7.09
N MET E 268 17.15 -15.48 -6.86
CA MET E 268 18.45 -15.89 -6.32
C MET E 268 18.30 -16.46 -4.91
N GLY E 269 17.56 -15.74 -4.07
CA GLY E 269 17.28 -16.20 -2.71
C GLY E 269 16.63 -17.57 -2.67
N GLU E 270 15.68 -17.77 -3.57
CA GLU E 270 14.97 -19.04 -3.71
C GLU E 270 15.89 -20.15 -4.18
N ALA E 271 16.66 -19.85 -5.23
CA ALA E 271 17.58 -20.84 -5.81
C ALA E 271 18.70 -21.24 -4.84
N LEU E 272 19.23 -20.27 -4.11
CA LEU E 272 20.33 -20.53 -3.18
C LEU E 272 19.90 -21.10 -1.84
N ASN E 273 18.58 -21.14 -1.61
CA ASN E 273 18.00 -21.55 -0.32
C ASN E 273 18.56 -20.77 0.85
N ALA E 274 18.73 -19.47 0.66
CA ALA E 274 19.26 -18.58 1.69
C ALA E 274 18.22 -18.33 2.78
N LYS E 275 18.65 -17.69 3.86
CA LYS E 275 17.74 -17.24 4.91
C LYS E 275 17.67 -15.72 4.88
N VAL E 276 18.73 -15.11 4.35
CA VAL E 276 18.85 -13.67 4.20
C VAL E 276 19.38 -13.33 2.81
N VAL E 277 18.66 -12.45 2.11
CA VAL E 277 19.11 -11.95 0.82
C VAL E 277 19.39 -10.45 0.92
N ILE E 278 20.64 -10.08 0.62
CA ILE E 278 21.08 -8.70 0.72
C ILE E 278 21.55 -8.21 -0.65
N PRO E 279 20.94 -7.13 -1.16
CA PRO E 279 21.49 -6.51 -2.35
C PRO E 279 22.76 -5.73 -2.05
N PHE E 280 23.73 -5.80 -2.96
CA PHE E 280 24.81 -4.82 -3.01
C PHE E 280 25.10 -4.42 -4.46
N HIS E 281 26.10 -3.55 -4.64
CA HIS E 281 26.50 -2.99 -5.96
C HIS E 281 25.63 -1.81 -6.40
N HIS E 282 24.39 -1.77 -5.92
CA HIS E 282 23.43 -0.71 -6.30
C HIS E 282 23.80 0.65 -5.71
N ASP E 283 24.79 0.66 -4.83
CA ASP E 283 25.25 1.87 -4.14
C ASP E 283 26.19 2.72 -4.98
N ILE E 284 26.98 2.05 -5.82
CA ILE E 284 28.23 2.61 -6.33
C ILE E 284 28.11 3.55 -7.54
N TRP E 285 27.19 3.27 -8.46
CA TRP E 285 27.12 4.02 -9.71
C TRP E 285 25.89 4.91 -9.84
N SER E 286 26.13 6.20 -10.12
CA SER E 286 25.08 7.18 -10.34
C SER E 286 24.01 6.69 -11.33
N ASN E 287 24.45 6.21 -12.49
CA ASN E 287 23.53 5.76 -13.54
C ASN E 287 22.82 4.42 -13.26
N PHE E 288 23.26 3.71 -12.24
CA PHE E 288 22.62 2.45 -11.84
C PHE E 288 21.75 2.58 -10.59
N GLN E 289 21.71 3.78 -10.02
CA GLN E 289 20.94 4.08 -8.81
C GLN E 289 19.56 3.42 -8.82
N ALA E 290 19.31 2.58 -7.82
CA ALA E 290 18.07 1.80 -7.76
C ALA E 290 17.44 1.89 -6.37
N ASP E 291 16.21 1.38 -6.26
CA ASP E 291 15.51 1.34 -4.99
C ASP E 291 15.41 -0.09 -4.46
N PRO E 292 16.18 -0.40 -3.41
CA PRO E 292 16.16 -1.74 -2.81
C PRO E 292 14.81 -2.13 -2.22
N GLN E 293 13.94 -1.13 -1.99
CA GLN E 293 12.58 -1.37 -1.50
C GLN E 293 11.72 -2.15 -2.49
N GLU E 294 12.14 -2.19 -3.75
CA GLU E 294 11.47 -3.01 -4.78
C GLU E 294 11.53 -4.47 -4.37
N ILE E 295 12.69 -4.89 -3.87
CA ILE E 295 12.89 -6.27 -3.39
C ILE E 295 11.90 -6.59 -2.26
N ARG E 296 11.79 -5.69 -1.29
CA ARG E 296 10.86 -5.86 -0.17
C ARG E 296 9.42 -5.97 -0.65
N VAL E 297 8.99 -5.01 -1.48
CA VAL E 297 7.61 -4.93 -1.95
C VAL E 297 7.20 -6.20 -2.71
N LEU E 298 8.06 -6.64 -3.62
CA LEU E 298 7.81 -7.86 -4.39
C LEU E 298 7.76 -9.08 -3.49
N TRP E 299 8.70 -9.14 -2.56
CA TRP E 299 8.76 -10.21 -1.57
C TRP E 299 7.47 -10.29 -0.76
N GLU E 300 6.86 -9.15 -0.49
CA GLU E 300 5.61 -9.10 0.28
C GLU E 300 4.43 -9.71 -0.47
N MET E 301 4.44 -9.57 -1.80
CA MET E 301 3.39 -10.11 -2.65
C MET E 301 3.56 -11.61 -2.89
N LYS E 302 4.80 -12.06 -2.87
CA LYS E 302 5.15 -13.41 -3.34
C LYS E 302 5.50 -14.40 -2.22
N LYS E 303 5.88 -13.90 -1.05
CA LYS E 303 6.45 -14.74 0.01
C LYS E 303 5.58 -15.93 0.41
N ASP E 304 4.28 -15.67 0.58
CA ASP E 304 3.35 -16.70 1.03
C ASP E 304 3.03 -17.69 -0.08
N ARG E 305 2.77 -17.16 -1.27
CA ARG E 305 2.42 -17.97 -2.43
C ARG E 305 3.57 -18.89 -2.86
N LEU E 306 4.80 -18.36 -2.82
CA LEU E 306 5.96 -19.12 -3.26
C LEU E 306 6.71 -19.76 -2.10
N LYS E 307 6.16 -19.60 -0.89
CA LYS E 307 6.72 -20.17 0.33
C LYS E 307 8.22 -19.93 0.48
N TYR E 308 8.63 -18.67 0.28
CA TYR E 308 10.02 -18.26 0.42
C TYR E 308 10.51 -18.57 1.84
N GLY E 309 11.74 -19.07 1.92
CA GLY E 309 12.34 -19.42 3.21
C GLY E 309 13.35 -18.39 3.67
N PHE E 310 13.35 -17.23 3.02
CA PHE E 310 14.31 -16.16 3.32
C PHE E 310 13.63 -14.82 3.54
N LYS E 311 14.38 -13.88 4.12
CA LYS E 311 13.96 -12.49 4.24
C LYS E 311 14.92 -11.59 3.47
N PRO E 312 14.41 -10.53 2.82
CA PRO E 312 15.29 -9.53 2.25
C PRO E 312 15.87 -8.64 3.34
N PHE E 313 17.00 -8.00 3.06
CA PHE E 313 17.66 -7.13 4.02
C PHE E 313 18.37 -5.97 3.31
N ILE E 314 17.91 -4.74 3.60
CA ILE E 314 18.49 -3.55 2.99
C ILE E 314 19.58 -2.98 3.87
N TRP E 315 20.81 -3.04 3.36
CA TRP E 315 22.02 -2.68 4.08
C TRP E 315 22.48 -1.29 3.65
N GLN E 316 23.40 -0.72 4.42
CA GLN E 316 24.04 0.56 4.08
C GLN E 316 25.55 0.37 4.08
N VAL E 317 26.24 1.14 3.25
CA VAL E 317 27.70 1.03 3.10
C VAL E 317 28.42 1.49 4.36
N GLY E 318 29.30 0.65 4.88
CA GLY E 318 29.98 0.88 6.14
C GLY E 318 29.26 0.22 7.30
N GLY E 319 28.11 -0.38 6.99
CA GLY E 319 27.28 -1.02 8.00
C GLY E 319 27.75 -2.41 8.38
N LYS E 320 27.24 -2.90 9.50
CA LYS E 320 27.59 -4.21 10.02
C LYS E 320 26.39 -5.16 10.01
N PHE E 321 26.61 -6.39 9.55
CA PHE E 321 25.61 -7.45 9.66
C PHE E 321 26.13 -8.62 10.47
N THR E 322 25.34 -9.04 11.46
CA THR E 322 25.69 -10.15 12.34
C THR E 322 24.69 -11.30 12.16
N TRP E 323 25.11 -12.33 11.44
CA TRP E 323 24.33 -13.55 11.33
C TRP E 323 24.53 -14.40 12.58
N PRO E 324 23.45 -14.99 13.14
CA PRO E 324 22.05 -14.88 12.73
C PRO E 324 21.23 -13.87 13.52
N LEU E 325 21.89 -12.97 14.26
CA LEU E 325 21.21 -12.00 15.10
C LEU E 325 20.33 -11.00 14.34
N ASP E 326 20.78 -10.61 13.14
CA ASP E 326 20.11 -9.56 12.35
C ASP E 326 19.27 -10.13 11.19
N LYS E 327 19.04 -11.43 11.19
CA LYS E 327 18.36 -12.11 10.08
C LYS E 327 16.89 -11.70 9.87
N ASP E 328 16.31 -11.04 10.87
CA ASP E 328 14.90 -10.64 10.81
C ASP E 328 14.72 -9.12 10.92
N ASN E 329 15.79 -8.37 10.70
CA ASN E 329 15.78 -6.92 10.88
C ASN E 329 15.20 -6.14 9.70
N PHE E 330 15.19 -6.77 8.52
CA PHE E 330 14.67 -6.18 7.27
C PHE E 330 15.49 -4.99 6.74
N GLU E 331 15.75 -4.01 7.61
CA GLU E 331 16.46 -2.79 7.21
C GLU E 331 17.53 -2.39 8.23
N TYR E 332 18.74 -2.16 7.75
CA TYR E 332 19.83 -1.65 8.56
C TYR E 332 19.71 -0.15 8.79
N HIS E 333 20.08 0.29 9.99
CA HIS E 333 20.30 1.71 10.27
C HIS E 333 21.65 1.87 10.95
N TYR E 334 22.35 2.95 10.62
CA TYR E 334 23.62 3.29 11.27
C TYR E 334 23.40 3.55 12.76
N PRO E 335 24.40 3.25 13.61
CA PRO E 335 24.27 3.59 15.02
C PRO E 335 23.93 5.06 15.18
N ARG E 336 22.88 5.35 15.94
CA ARG E 336 22.46 6.73 16.16
C ARG E 336 23.16 7.38 17.36
N GLY E 337 23.88 6.56 18.13
CA GLY E 337 24.67 7.02 19.28
C GLY E 337 23.85 7.59 20.42
N PHE E 338 24.51 8.40 21.25
CA PHE E 338 23.90 9.04 22.43
C PHE E 338 23.40 8.01 23.45
N FME F 1 -3.36 -39.20 -45.35
CN FME F 1 -4.22 -40.14 -44.84
O1 FME F 1 -5.41 -39.88 -44.71
CA FME F 1 -1.97 -39.62 -45.16
CB FME F 1 -1.34 -39.95 -46.51
CG FME F 1 -0.12 -40.85 -46.38
SD FME F 1 -0.57 -42.56 -46.35
CE FME F 1 -1.76 -43.03 -47.57
C FME F 1 -1.22 -38.52 -44.45
O FME F 1 -0.54 -38.79 -43.46
N SER F 2 -1.31 -37.30 -44.97
CA SER F 2 -0.75 -36.13 -44.30
C SER F 2 -1.68 -35.63 -43.21
N LYS F 3 -1.12 -34.93 -42.23
CA LYS F 3 -1.90 -34.45 -41.09
C LYS F 3 -2.93 -33.37 -41.45
N VAL F 4 -2.57 -32.47 -42.35
CA VAL F 4 -3.50 -31.41 -42.79
C VAL F 4 -4.73 -31.95 -43.52
N LYS F 5 -4.68 -33.24 -43.90
CA LYS F 5 -5.79 -33.90 -44.57
C LYS F 5 -6.53 -34.87 -43.65
N SER F 6 -5.78 -35.54 -42.77
CA SER F 6 -6.34 -36.58 -41.88
C SER F 6 -7.07 -36.01 -40.67
N ILE F 7 -6.36 -35.18 -39.89
CA ILE F 7 -6.91 -34.55 -38.68
C ILE F 7 -8.24 -33.82 -38.95
N THR F 8 -9.25 -34.17 -38.15
CA THR F 8 -10.54 -33.48 -38.18
C THR F 8 -10.85 -32.85 -36.82
N ARG F 9 -11.86 -31.98 -36.80
CA ARG F 9 -12.32 -31.33 -35.57
C ARG F 9 -12.55 -32.33 -34.44
N GLU F 10 -13.18 -33.46 -34.78
CA GLU F 10 -13.47 -34.54 -33.84
C GLU F 10 -12.20 -35.14 -33.26
N SER F 11 -11.23 -35.41 -34.12
CA SER F 11 -9.96 -36.02 -33.70
C SER F 11 -9.15 -35.09 -32.82
N TRP F 12 -9.20 -33.78 -33.10
CA TRP F 12 -8.54 -32.78 -32.27
C TRP F 12 -9.20 -32.66 -30.88
N ILE F 13 -10.53 -32.54 -30.86
CA ILE F 13 -11.30 -32.41 -29.62
C ILE F 13 -11.08 -33.61 -28.69
N LEU F 14 -11.12 -34.81 -29.26
CA LEU F 14 -10.96 -36.04 -28.47
C LEU F 14 -9.53 -36.30 -28.01
N SER F 15 -8.57 -35.64 -28.66
CA SER F 15 -7.15 -35.76 -28.29
C SER F 15 -6.76 -34.74 -27.22
N THR F 16 -7.51 -33.65 -27.14
CA THR F 16 -7.15 -32.51 -26.29
C THR F 16 -7.97 -32.44 -25.00
N PHE F 17 -9.26 -32.73 -25.10
CA PHE F 17 -10.20 -32.46 -24.01
C PHE F 17 -10.64 -33.72 -23.23
N PRO F 18 -10.81 -33.60 -21.90
CA PRO F 18 -10.59 -32.41 -21.09
C PRO F 18 -9.10 -32.12 -20.85
N GLU F 19 -8.77 -30.85 -20.67
CA GLU F 19 -7.39 -30.33 -20.64
C GLU F 19 -6.41 -31.10 -19.76
N TRP F 20 -6.86 -31.52 -18.58
CA TRP F 20 -6.00 -32.21 -17.62
C TRP F 20 -6.07 -33.72 -17.78
N GLY F 21 -6.96 -34.19 -18.65
CA GLY F 21 -7.20 -35.61 -18.86
C GLY F 21 -7.65 -36.26 -17.58
N SER F 22 -6.94 -37.33 -17.18
CA SER F 22 -7.22 -38.00 -15.92
C SER F 22 -6.09 -37.80 -14.92
N TRP F 23 -5.29 -36.75 -15.11
CA TRP F 23 -4.21 -36.39 -14.18
C TRP F 23 -4.75 -36.18 -12.76
N LEU F 24 -5.79 -35.35 -12.64
CA LEU F 24 -6.36 -35.06 -11.33
C LEU F 24 -7.14 -36.26 -10.77
N ASN F 25 -7.76 -37.02 -11.67
CA ASN F 25 -8.38 -38.29 -11.32
C ASN F 25 -7.35 -39.23 -10.68
N GLU F 26 -6.19 -39.37 -11.33
CA GLU F 26 -5.08 -40.17 -10.83
C GLU F 26 -4.57 -39.65 -9.48
N GLU F 27 -4.40 -38.33 -9.38
CA GLU F 27 -3.85 -37.69 -8.17
C GLU F 27 -4.76 -37.89 -6.95
N ILE F 28 -6.05 -37.66 -7.15
CA ILE F 28 -7.06 -37.88 -6.11
C ILE F 28 -7.09 -39.36 -5.67
N GLU F 29 -7.10 -40.24 -6.68
CA GLU F 29 -7.20 -41.69 -6.48
C GLU F 29 -6.11 -42.27 -5.58
N GLN F 30 -4.94 -41.64 -5.57
CA GLN F 30 -3.78 -42.14 -4.83
C GLN F 30 -3.30 -41.20 -3.72
N GLU F 31 -4.10 -40.18 -3.40
CA GLU F 31 -3.79 -39.28 -2.31
C GLU F 31 -4.00 -39.95 -0.95
N GLN F 32 -2.93 -40.01 -0.16
CA GLN F 32 -2.95 -40.64 1.16
C GLN F 32 -3.24 -39.59 2.23
N VAL F 33 -4.53 -39.37 2.50
CA VAL F 33 -4.95 -38.36 3.47
C VAL F 33 -4.57 -38.78 4.89
N ALA F 34 -3.66 -38.02 5.50
CA ALA F 34 -3.14 -38.29 6.83
C ALA F 34 -4.21 -38.24 7.92
N PRO F 35 -4.03 -38.99 9.02
CA PRO F 35 -4.97 -38.90 10.15
C PRO F 35 -4.87 -37.55 10.86
N GLY F 36 -6.01 -36.95 11.14
CA GLY F 36 -6.06 -35.60 11.72
C GLY F 36 -6.14 -34.51 10.66
N THR F 37 -6.17 -34.92 9.39
CA THR F 37 -6.28 -33.98 8.27
C THR F 37 -7.34 -34.42 7.26
N PHE F 38 -7.90 -33.46 6.53
CA PHE F 38 -8.67 -33.78 5.33
C PHE F 38 -8.14 -33.02 4.11
N ALA F 39 -8.25 -33.65 2.95
CA ALA F 39 -7.78 -33.06 1.69
C ALA F 39 -8.96 -32.81 0.77
N MET F 40 -8.87 -31.73 -0.03
CA MET F 40 -9.93 -31.38 -0.97
C MET F 40 -9.40 -30.77 -2.26
N TRP F 41 -10.14 -30.93 -3.34
CA TRP F 41 -9.79 -30.37 -4.65
C TRP F 41 -10.88 -29.47 -5.20
N TRP F 42 -10.47 -28.40 -5.87
CA TRP F 42 -11.40 -27.47 -6.50
C TRP F 42 -11.59 -27.87 -7.97
N LEU F 43 -12.81 -28.23 -8.32
CA LEU F 43 -13.09 -28.81 -9.64
C LEU F 43 -13.66 -27.77 -10.61
N GLY F 44 -13.65 -26.51 -10.18
CA GLY F 44 -14.20 -25.42 -10.99
C GLY F 44 -15.58 -25.04 -10.48
N CYS F 45 -15.92 -23.76 -10.65
CA CYS F 45 -17.20 -23.22 -10.19
C CYS F 45 -17.38 -23.50 -8.69
N THR F 46 -18.44 -24.20 -8.33
CA THR F 46 -18.66 -24.59 -6.95
C THR F 46 -18.29 -26.04 -6.67
N GLY F 47 -17.72 -26.70 -7.68
CA GLY F 47 -17.38 -28.12 -7.61
C GLY F 47 -16.22 -28.45 -6.70
N ILE F 48 -16.48 -29.34 -5.73
CA ILE F 48 -15.47 -29.75 -4.76
C ILE F 48 -15.39 -31.26 -4.62
N TRP F 49 -14.17 -31.79 -4.64
CA TRP F 49 -13.94 -33.19 -4.30
C TRP F 49 -13.31 -33.26 -2.91
N LEU F 50 -13.97 -33.98 -2.01
CA LEU F 50 -13.49 -34.16 -0.64
C LEU F 50 -13.05 -35.60 -0.37
N LYS F 51 -11.91 -35.75 0.31
CA LYS F 51 -11.37 -37.06 0.65
C LYS F 51 -10.90 -37.11 2.10
N SER F 52 -11.55 -37.97 2.89
CA SER F 52 -11.27 -38.08 4.33
C SER F 52 -10.05 -38.95 4.61
N GLU F 53 -9.63 -38.97 5.87
CA GLU F 53 -8.49 -39.79 6.30
C GLU F 53 -8.75 -41.30 6.19
N GLY F 54 -10.03 -41.68 6.13
CA GLY F 54 -10.42 -43.06 5.90
C GLY F 54 -10.70 -43.36 4.43
N GLY F 55 -10.26 -42.46 3.56
CA GLY F 55 -10.37 -42.64 2.12
C GLY F 55 -11.77 -42.56 1.54
N THR F 56 -12.66 -41.86 2.23
CA THR F 56 -14.01 -41.63 1.71
C THR F 56 -13.98 -40.52 0.66
N ASN F 57 -14.55 -40.80 -0.50
CA ASN F 57 -14.58 -39.84 -1.60
C ASN F 57 -15.98 -39.25 -1.83
N VAL F 58 -16.08 -37.94 -1.67
CA VAL F 58 -17.33 -37.22 -1.83
C VAL F 58 -17.22 -36.13 -2.90
N CYS F 59 -18.23 -36.05 -3.76
CA CYS F 59 -18.25 -35.11 -4.87
C CYS F 59 -19.43 -34.16 -4.76
N VAL F 60 -19.15 -32.86 -4.63
CA VAL F 60 -20.19 -31.83 -4.47
C VAL F 60 -20.20 -30.87 -5.66
N ASP F 61 -21.41 -30.56 -6.15
CA ASP F 61 -21.63 -29.54 -7.18
C ASP F 61 -20.77 -29.67 -8.46
N PHE F 62 -20.26 -30.87 -8.71
CA PHE F 62 -19.36 -31.10 -9.84
C PHE F 62 -20.06 -30.84 -11.17
N TRP F 63 -19.72 -29.70 -11.78
CA TRP F 63 -20.32 -29.26 -13.03
C TRP F 63 -19.37 -29.44 -14.19
N CYS F 64 -19.88 -30.03 -15.27
CA CYS F 64 -19.08 -30.28 -16.46
C CYS F 64 -19.74 -29.76 -17.74
N GLY F 65 -20.59 -28.75 -17.58
CA GLY F 65 -21.15 -28.04 -18.72
C GLY F 65 -20.30 -26.84 -19.07
N THR F 66 -20.76 -26.04 -20.03
CA THR F 66 -20.03 -24.83 -20.42
C THR F 66 -20.99 -23.64 -20.55
N GLY F 67 -20.45 -22.47 -20.88
CA GLY F 67 -21.26 -21.29 -21.13
C GLY F 67 -21.83 -21.25 -22.53
N LYS F 68 -21.99 -20.04 -23.05
CA LYS F 68 -22.47 -19.83 -24.42
C LYS F 68 -21.42 -20.30 -25.42
N GLN F 69 -21.89 -20.87 -26.52
CA GLN F 69 -21.00 -21.37 -27.57
C GLN F 69 -21.25 -20.66 -28.91
N SER F 70 -22.22 -19.75 -28.92
CA SER F 70 -22.57 -18.95 -30.11
C SER F 70 -23.42 -17.73 -29.73
N HIS F 71 -23.55 -16.81 -30.69
CA HIS F 71 -24.41 -15.63 -30.50
C HIS F 71 -25.86 -15.91 -30.91
N GLY F 72 -26.09 -17.06 -31.54
CA GLY F 72 -27.44 -17.44 -31.97
C GLY F 72 -27.94 -18.67 -31.22
N LYS F 90 -32.00 -11.22 -21.41
CA LYS F 90 -30.88 -10.64 -22.16
C LYS F 90 -29.94 -11.72 -22.70
N LEU F 91 -29.31 -11.43 -23.84
CA LEU F 91 -28.32 -12.33 -24.45
C LEU F 91 -27.00 -12.26 -23.66
N GLN F 92 -26.99 -12.93 -22.51
CA GLN F 92 -25.89 -12.88 -21.54
C GLN F 92 -24.55 -13.29 -22.15
N PRO F 93 -23.49 -12.47 -21.92
CA PRO F 93 -22.11 -12.84 -22.29
C PRO F 93 -21.58 -13.92 -21.34
N ASN F 94 -22.31 -15.02 -21.26
CA ASN F 94 -22.04 -16.13 -20.36
C ASN F 94 -20.97 -17.04 -20.96
N LEU F 95 -19.71 -16.83 -20.58
CA LEU F 95 -18.61 -17.62 -21.14
C LEU F 95 -17.77 -18.28 -20.05
N ARG F 96 -17.60 -19.60 -20.17
CA ARG F 96 -16.82 -20.37 -19.20
C ARG F 96 -15.34 -20.05 -19.34
N THR F 97 -14.74 -19.58 -18.24
CA THR F 97 -13.33 -19.17 -18.24
C THR F 97 -12.44 -20.14 -17.45
N THR F 98 -12.98 -21.32 -17.17
CA THR F 98 -12.25 -22.35 -16.44
C THR F 98 -12.09 -23.61 -17.30
N PRO F 99 -10.85 -24.12 -17.43
CA PRO F 99 -10.65 -25.39 -18.12
C PRO F 99 -11.22 -26.54 -17.29
N PHE F 100 -11.30 -27.72 -17.88
CA PHE F 100 -11.80 -28.89 -17.16
C PHE F 100 -10.65 -29.67 -16.54
N VAL F 101 -10.56 -29.60 -15.22
CA VAL F 101 -9.46 -30.19 -14.48
C VAL F 101 -9.64 -31.68 -14.21
N LEU F 102 -10.88 -32.14 -14.23
CA LEU F 102 -11.20 -33.52 -13.90
C LEU F 102 -12.09 -34.17 -14.95
N ASP F 103 -11.73 -35.39 -15.33
CA ASP F 103 -12.56 -36.20 -16.22
C ASP F 103 -13.55 -36.97 -15.37
N PRO F 104 -14.87 -36.68 -15.54
CA PRO F 104 -15.92 -37.40 -14.80
C PRO F 104 -15.96 -38.89 -15.14
N PHE F 105 -15.71 -39.22 -16.41
CA PHE F 105 -15.74 -40.60 -16.88
C PHE F 105 -14.50 -41.39 -16.48
N ALA F 106 -13.58 -40.76 -15.75
CA ALA F 106 -12.40 -41.44 -15.21
C ALA F 106 -12.50 -41.63 -13.70
N ILE F 107 -13.66 -41.27 -13.13
CA ILE F 107 -13.92 -41.46 -11.70
C ILE F 107 -14.20 -42.94 -11.43
N ARG F 108 -13.48 -43.50 -10.46
CA ARG F 108 -13.70 -44.88 -10.03
C ARG F 108 -14.09 -44.96 -8.55
N GLN F 109 -13.17 -44.58 -7.67
CA GLN F 109 -13.48 -44.46 -6.24
C GLN F 109 -14.41 -43.28 -5.98
N ILE F 110 -15.65 -43.57 -5.61
CA ILE F 110 -16.61 -42.54 -5.21
C ILE F 110 -17.66 -43.12 -4.25
N ASP F 111 -17.88 -42.41 -3.14
CA ASP F 111 -18.78 -42.89 -2.08
C ASP F 111 -20.08 -42.08 -1.98
N ALA F 112 -20.08 -40.90 -2.59
CA ALA F 112 -21.27 -40.03 -2.62
C ALA F 112 -21.19 -38.97 -3.72
N VAL F 113 -22.35 -38.59 -4.24
CA VAL F 113 -22.46 -37.53 -5.24
C VAL F 113 -23.51 -36.53 -4.77
N LEU F 114 -23.12 -35.27 -4.63
CA LEU F 114 -23.98 -34.25 -4.04
C LEU F 114 -24.23 -33.05 -4.94
N ALA F 115 -25.29 -32.32 -4.63
CA ALA F 115 -25.65 -31.08 -5.30
C ALA F 115 -26.37 -30.17 -4.33
N THR F 116 -25.99 -28.89 -4.34
CA THR F 116 -26.56 -27.90 -3.42
C THR F 116 -27.94 -27.45 -3.89
N HIS F 117 -28.09 -27.20 -5.19
CA HIS F 117 -29.38 -26.83 -5.78
C HIS F 117 -29.50 -27.14 -7.28
N ASP F 118 -30.73 -27.06 -7.78
CA ASP F 118 -31.10 -27.49 -9.14
C ASP F 118 -30.54 -26.63 -10.28
N HIS F 119 -29.88 -25.52 -9.92
CA HIS F 119 -29.37 -24.57 -10.91
C HIS F 119 -28.34 -25.20 -11.86
N ASN F 120 -28.35 -24.73 -13.10
CA ASN F 120 -27.47 -25.16 -14.18
C ASN F 120 -26.01 -25.45 -13.77
N ASP F 121 -25.41 -24.54 -13.00
CA ASP F 121 -23.99 -24.58 -12.66
C ASP F 121 -23.62 -25.59 -11.57
N HIS F 122 -24.60 -26.31 -11.04
CA HIS F 122 -24.38 -27.15 -9.85
C HIS F 122 -24.79 -28.60 -10.02
N ILE F 123 -25.54 -28.88 -11.09
CA ILE F 123 -26.02 -30.23 -11.37
C ILE F 123 -25.78 -30.59 -12.84
N ASP F 124 -25.20 -31.77 -13.07
CA ASP F 124 -24.75 -32.16 -14.40
C ASP F 124 -25.18 -33.57 -14.79
N VAL F 125 -25.66 -33.72 -16.02
CA VAL F 125 -26.14 -35.00 -16.55
C VAL F 125 -24.99 -35.99 -16.77
N ASN F 126 -23.89 -35.47 -17.31
CA ASN F 126 -22.72 -36.29 -17.67
C ASN F 126 -21.98 -36.85 -16.46
N VAL F 127 -21.94 -36.07 -15.38
CA VAL F 127 -21.35 -36.52 -14.12
C VAL F 127 -22.19 -37.67 -13.56
N ALA F 128 -23.51 -37.47 -13.56
CA ALA F 128 -24.45 -38.49 -13.12
C ALA F 128 -24.28 -39.78 -13.92
N ALA F 129 -24.25 -39.65 -15.25
CA ALA F 129 -24.08 -40.78 -16.15
C ALA F 129 -22.79 -41.55 -15.88
N ALA F 130 -21.71 -40.81 -15.63
CA ALA F 130 -20.38 -41.38 -15.39
C ALA F 130 -20.32 -42.25 -14.14
N VAL F 131 -21.05 -41.85 -13.10
CA VAL F 131 -21.08 -42.60 -11.84
C VAL F 131 -21.94 -43.87 -11.98
N MET F 132 -22.98 -43.79 -12.82
CA MET F 132 -23.86 -44.91 -13.08
C MET F 132 -23.23 -45.94 -14.01
N GLN F 133 -22.43 -45.47 -14.97
CA GLN F 133 -21.76 -46.33 -15.93
C GLN F 133 -20.47 -46.91 -15.37
N ASN F 134 -19.69 -46.10 -14.66
CA ASN F 134 -18.32 -46.45 -14.29
C ASN F 134 -18.09 -46.74 -12.79
N CYS F 135 -19.11 -46.52 -11.97
CA CYS F 135 -18.96 -46.66 -10.52
C CYS F 135 -19.93 -47.67 -9.89
N ALA F 136 -19.68 -47.99 -8.62
CA ALA F 136 -20.46 -48.97 -7.87
C ALA F 136 -21.97 -48.69 -7.89
N ASP F 137 -22.75 -49.76 -7.80
CA ASP F 137 -24.21 -49.68 -7.87
C ASP F 137 -24.88 -49.16 -6.58
N ASP F 138 -24.06 -48.78 -5.59
CA ASP F 138 -24.56 -48.32 -4.30
C ASP F 138 -24.14 -46.89 -3.96
N VAL F 139 -23.69 -46.13 -4.95
CA VAL F 139 -23.26 -44.74 -4.73
C VAL F 139 -24.46 -43.81 -4.64
N PRO F 140 -24.72 -43.24 -3.44
CA PRO F 140 -25.89 -42.40 -3.22
C PRO F 140 -25.81 -41.04 -3.91
N PHE F 141 -26.94 -40.59 -4.46
CA PHE F 141 -27.07 -39.27 -5.05
C PHE F 141 -27.85 -38.37 -4.10
N ILE F 142 -27.11 -37.64 -3.26
CA ILE F 142 -27.69 -36.83 -2.20
C ILE F 142 -27.95 -35.41 -2.69
N GLY F 143 -29.15 -34.89 -2.39
CA GLY F 143 -29.54 -33.54 -2.79
C GLY F 143 -30.96 -33.18 -2.38
N PRO F 144 -31.36 -31.91 -2.63
CA PRO F 144 -32.73 -31.47 -2.32
C PRO F 144 -33.77 -32.14 -3.21
N LYS F 145 -35.05 -31.98 -2.85
CA LYS F 145 -36.17 -32.61 -3.58
C LYS F 145 -36.13 -32.32 -5.08
N THR F 146 -35.86 -31.07 -5.45
CA THR F 146 -35.86 -30.65 -6.85
C THR F 146 -34.69 -31.22 -7.67
N CYS F 147 -33.62 -31.60 -6.98
CA CYS F 147 -32.44 -32.18 -7.64
C CYS F 147 -32.62 -33.67 -7.94
N VAL F 148 -33.18 -34.42 -6.99
CA VAL F 148 -33.42 -35.85 -7.20
C VAL F 148 -34.45 -36.08 -8.31
N ASP F 149 -35.43 -35.18 -8.41
CA ASP F 149 -36.40 -35.20 -9.51
C ASP F 149 -35.73 -35.01 -10.85
N LEU F 150 -34.63 -34.27 -10.86
CA LEU F 150 -33.85 -34.03 -12.07
C LEU F 150 -33.00 -35.25 -12.40
N TRP F 151 -32.37 -35.82 -11.38
CA TRP F 151 -31.59 -37.06 -11.51
C TRP F 151 -32.46 -38.22 -11.99
N ILE F 152 -33.54 -38.51 -11.26
CA ILE F 152 -34.48 -39.58 -11.61
C ILE F 152 -34.97 -39.43 -13.05
N GLY F 153 -35.39 -38.21 -13.41
CA GLY F 153 -35.83 -37.88 -14.76
C GLY F 153 -34.80 -38.18 -15.84
N TRP F 154 -33.53 -38.05 -15.49
CA TRP F 154 -32.44 -38.36 -16.40
C TRP F 154 -32.24 -39.87 -16.60
N GLY F 155 -32.53 -40.64 -15.55
CA GLY F 155 -32.39 -42.09 -15.60
C GLY F 155 -31.73 -42.67 -14.37
N VAL F 156 -31.52 -41.84 -13.36
CA VAL F 156 -30.99 -42.31 -12.07
C VAL F 156 -32.09 -43.08 -11.34
N PRO F 157 -31.79 -44.33 -10.93
CA PRO F 157 -32.70 -45.11 -10.09
C PRO F 157 -33.07 -44.36 -8.82
N LYS F 158 -34.37 -44.27 -8.54
CA LYS F 158 -34.90 -43.57 -7.37
C LYS F 158 -34.38 -44.09 -6.03
N GLU F 159 -33.96 -45.35 -6.02
CA GLU F 159 -33.46 -46.03 -4.81
C GLU F 159 -32.04 -45.56 -4.45
N ARG F 160 -31.36 -44.97 -5.42
CA ARG F 160 -30.02 -44.42 -5.22
C ARG F 160 -30.07 -43.07 -4.51
N CYS F 161 -31.15 -42.32 -4.76
CA CYS F 161 -31.27 -40.95 -4.29
C CYS F 161 -31.69 -40.83 -2.82
N ILE F 162 -31.01 -39.95 -2.10
CA ILE F 162 -31.40 -39.59 -0.73
C ILE F 162 -31.80 -38.12 -0.72
N VAL F 163 -33.11 -37.86 -0.69
CA VAL F 163 -33.63 -36.50 -0.63
C VAL F 163 -33.39 -35.88 0.75
N VAL F 164 -32.57 -34.82 0.78
CA VAL F 164 -32.22 -34.16 2.04
C VAL F 164 -32.92 -32.80 2.24
N LYS F 165 -33.09 -32.46 3.52
CA LYS F 165 -33.79 -31.25 3.95
C LYS F 165 -32.88 -30.56 4.97
N PRO F 166 -32.94 -29.22 5.06
CA PRO F 166 -32.19 -28.55 6.13
C PRO F 166 -32.49 -29.19 7.49
N GLY F 167 -31.45 -29.71 8.13
CA GLY F 167 -31.60 -30.43 9.40
C GLY F 167 -31.23 -31.91 9.28
N ASP F 168 -31.25 -32.44 8.06
CA ASP F 168 -30.92 -33.84 7.80
C ASP F 168 -29.43 -34.13 7.91
N VAL F 169 -29.10 -35.31 8.42
CA VAL F 169 -27.72 -35.78 8.52
C VAL F 169 -27.58 -37.10 7.78
N VAL F 170 -26.53 -37.23 6.97
CA VAL F 170 -26.26 -38.46 6.23
C VAL F 170 -24.84 -38.93 6.50
N LYS F 171 -24.71 -40.17 6.97
CA LYS F 171 -23.41 -40.76 7.25
C LYS F 171 -22.91 -41.52 6.04
N VAL F 172 -21.82 -41.02 5.44
CA VAL F 172 -21.12 -41.73 4.37
C VAL F 172 -19.72 -42.08 4.86
N LYS F 173 -19.58 -43.32 5.34
CA LYS F 173 -18.41 -43.78 6.09
C LYS F 173 -18.06 -42.82 7.22
N ASP F 174 -16.80 -42.37 7.28
CA ASP F 174 -16.38 -41.44 8.34
C ASP F 174 -16.74 -39.96 8.05
N ILE F 175 -17.35 -39.70 6.91
CA ILE F 175 -17.83 -38.35 6.58
C ILE F 175 -19.28 -38.17 7.03
N GLU F 176 -19.47 -37.20 7.92
CA GLU F 176 -20.77 -36.85 8.48
C GLU F 176 -21.31 -35.63 7.75
N ILE F 177 -22.24 -35.86 6.81
CA ILE F 177 -22.81 -34.78 6.02
C ILE F 177 -23.98 -34.10 6.73
N HIS F 178 -23.91 -32.78 6.84
CA HIS F 178 -24.98 -31.99 7.46
C HIS F 178 -25.63 -31.06 6.45
N ALA F 179 -26.90 -31.30 6.17
CA ALA F 179 -27.68 -30.44 5.29
C ALA F 179 -28.21 -29.24 6.07
N LEU F 180 -27.90 -28.04 5.59
CA LEU F 180 -28.27 -26.80 6.27
C LEU F 180 -29.02 -25.84 5.35
N ASP F 181 -29.46 -24.71 5.93
CA ASP F 181 -30.26 -23.72 5.20
C ASP F 181 -29.47 -23.01 4.12
N ALA F 182 -30.15 -22.74 2.99
CA ALA F 182 -29.57 -21.96 1.90
C ALA F 182 -30.37 -20.68 1.71
N PHE F 183 -29.76 -19.69 1.06
CA PHE F 183 -30.31 -18.33 1.05
C PHE F 183 -30.50 -17.73 -0.34
N ASP F 184 -31.65 -17.07 -0.53
CA ASP F 184 -31.97 -16.36 -1.79
C ASP F 184 -32.75 -15.05 -1.55
N ARG F 185 -34.08 -15.15 -1.43
CA ARG F 185 -34.95 -13.99 -1.27
C ARG F 185 -35.18 -13.65 0.20
N ASP F 206 -36.08 -23.76 0.28
CA ASP F 206 -36.39 -24.84 1.22
C ASP F 206 -36.36 -26.19 0.52
N ASP F 207 -37.20 -26.36 -0.50
CA ASP F 207 -37.19 -27.54 -1.36
C ASP F 207 -36.15 -27.41 -2.47
N ARG F 208 -35.78 -26.15 -2.76
CA ARG F 208 -34.92 -25.83 -3.89
C ARG F 208 -33.43 -26.02 -3.61
N ALA F 209 -32.99 -25.58 -2.42
CA ALA F 209 -31.55 -25.47 -2.14
C ALA F 209 -31.17 -25.87 -0.72
N VAL F 210 -29.93 -26.35 -0.58
CA VAL F 210 -29.35 -26.68 0.72
C VAL F 210 -27.87 -26.29 0.78
N ASN F 211 -27.39 -25.96 1.98
CA ASN F 211 -25.97 -25.82 2.24
C ASN F 211 -25.46 -27.11 2.87
N TYR F 212 -24.16 -27.37 2.75
CA TYR F 212 -23.58 -28.58 3.31
C TYR F 212 -22.46 -28.30 4.31
N LEU F 213 -22.42 -29.12 5.35
CA LEU F 213 -21.27 -29.15 6.25
C LEU F 213 -20.78 -30.59 6.35
N PHE F 214 -19.54 -30.81 5.92
CA PHE F 214 -18.95 -32.13 5.94
C PHE F 214 -17.98 -32.24 7.11
N LYS F 215 -18.36 -33.04 8.10
CA LYS F 215 -17.49 -33.30 9.25
C LYS F 215 -16.71 -34.60 9.04
N THR F 216 -15.39 -34.51 9.20
CA THR F 216 -14.50 -35.65 9.04
C THR F 216 -13.64 -35.77 10.30
N PRO F 217 -13.04 -36.96 10.54
CA PRO F 217 -12.13 -37.10 11.68
C PRO F 217 -10.94 -36.14 11.64
N GLY F 218 -10.79 -35.40 10.54
CA GLY F 218 -9.72 -34.43 10.38
C GLY F 218 -10.17 -33.00 10.65
N GLY F 219 -11.37 -32.68 10.20
CA GLY F 219 -11.94 -31.33 10.34
C GLY F 219 -13.22 -31.15 9.55
N SER F 220 -13.78 -29.95 9.61
CA SER F 220 -15.05 -29.66 8.94
C SER F 220 -14.91 -28.71 7.75
N LEU F 221 -15.88 -28.77 6.84
CA LEU F 221 -15.88 -27.97 5.62
C LEU F 221 -17.27 -27.45 5.28
N TYR F 222 -17.43 -26.13 5.29
CA TYR F 222 -18.71 -25.51 4.95
C TYR F 222 -18.78 -25.21 3.46
N HIS F 223 -19.84 -25.71 2.83
CA HIS F 223 -20.07 -25.47 1.41
C HIS F 223 -21.41 -24.75 1.26
N SER F 224 -21.33 -23.45 0.96
CA SER F 224 -22.54 -22.61 0.87
C SER F 224 -23.22 -22.66 -0.49
N GLY F 225 -22.62 -23.38 -1.44
CA GLY F 225 -23.15 -23.47 -2.81
C GLY F 225 -23.13 -22.12 -3.50
N ASP F 226 -24.31 -21.69 -3.95
CA ASP F 226 -24.46 -20.37 -4.57
C ASP F 226 -25.37 -19.48 -3.71
N SER F 227 -25.19 -19.55 -2.39
CA SER F 227 -26.01 -18.79 -1.45
C SER F 227 -25.55 -17.33 -1.31
N HIS F 228 -26.53 -16.43 -1.24
CA HIS F 228 -26.30 -15.03 -0.87
C HIS F 228 -25.95 -14.95 0.60
N TYR F 229 -25.41 -13.82 1.04
CA TYR F 229 -25.12 -13.64 2.46
C TYR F 229 -26.42 -13.51 3.26
N SER F 230 -26.47 -14.20 4.39
CA SER F 230 -27.59 -14.12 5.31
C SER F 230 -27.12 -14.20 6.76
N ASN F 231 -27.96 -13.71 7.67
CA ASN F 231 -27.66 -13.73 9.10
C ASN F 231 -27.57 -15.15 9.65
N TYR F 232 -28.18 -16.10 8.97
CA TYR F 232 -28.25 -17.49 9.42
C TYR F 232 -26.94 -18.25 9.30
N TYR F 233 -25.91 -17.60 8.75
CA TYR F 233 -24.54 -18.11 8.84
C TYR F 233 -24.09 -18.11 10.30
N ALA F 234 -24.55 -17.11 11.05
CA ALA F 234 -24.22 -16.98 12.48
C ALA F 234 -24.83 -18.09 13.30
N LYS F 235 -26.03 -18.54 12.89
CA LYS F 235 -26.67 -19.70 13.50
C LYS F 235 -25.78 -20.92 13.36
N HIS F 236 -25.33 -21.18 12.13
CA HIS F 236 -24.46 -22.32 11.81
C HIS F 236 -23.11 -22.26 12.55
N GLY F 237 -22.61 -21.05 12.76
CA GLY F 237 -21.36 -20.83 13.47
C GLY F 237 -21.45 -21.11 14.95
N ASN F 238 -22.64 -20.90 15.51
CA ASN F 238 -22.90 -21.17 16.93
C ASN F 238 -23.18 -22.64 17.21
N GLU F 239 -23.95 -23.27 16.32
CA GLU F 239 -24.38 -24.66 16.48
C GLU F 239 -23.30 -25.69 16.16
N HIS F 240 -22.42 -25.36 15.21
CA HIS F 240 -21.36 -26.26 14.79
C HIS F 240 -20.02 -25.54 14.75
N GLN F 241 -18.93 -26.29 14.86
CA GLN F 241 -17.60 -25.75 14.59
C GLN F 241 -17.30 -25.91 13.10
N ILE F 242 -16.84 -24.82 12.48
CA ILE F 242 -16.50 -24.83 11.07
C ILE F 242 -15.02 -24.47 10.91
N ASP F 243 -14.32 -25.26 10.11
CA ASP F 243 -12.89 -25.03 9.89
C ASP F 243 -12.64 -24.26 8.60
N VAL F 244 -13.04 -24.83 7.47
CA VAL F 244 -12.89 -24.20 6.16
C VAL F 244 -14.27 -23.86 5.62
N ALA F 245 -14.43 -22.62 5.15
CA ALA F 245 -15.69 -22.16 4.63
C ALA F 245 -15.55 -21.70 3.18
N LEU F 246 -16.41 -22.24 2.32
CA LEU F 246 -16.41 -21.87 0.90
C LEU F 246 -17.57 -20.92 0.62
N GLY F 247 -17.25 -19.80 -0.01
CA GLY F 247 -18.23 -18.78 -0.32
C GLY F 247 -18.27 -18.44 -1.80
N SER F 248 -19.49 -18.31 -2.32
CA SER F 248 -19.69 -17.97 -3.72
C SER F 248 -19.39 -16.49 -3.95
N TYR F 249 -18.21 -16.25 -4.53
CA TYR F 249 -17.68 -14.91 -4.74
C TYR F 249 -17.75 -14.52 -6.22
N GLY F 250 -17.77 -13.22 -6.50
CA GLY F 250 -17.79 -12.73 -7.88
C GLY F 250 -18.09 -11.26 -8.00
N GLU F 251 -17.80 -10.71 -9.18
CA GLU F 251 -18.11 -9.32 -9.49
C GLU F 251 -19.49 -9.23 -10.10
N ASN F 252 -20.43 -8.66 -9.35
CA ASN F 252 -21.80 -8.47 -9.82
C ASN F 252 -21.85 -7.45 -10.95
N PRO F 253 -22.42 -7.86 -12.10
CA PRO F 253 -22.71 -6.91 -13.18
C PRO F 253 -23.63 -5.80 -12.66
N ARG F 254 -23.49 -4.61 -13.24
CA ARG F 254 -24.27 -3.45 -12.81
C ARG F 254 -25.76 -3.81 -12.80
N GLY F 255 -26.38 -3.74 -11.62
CA GLY F 255 -27.79 -4.02 -11.46
C GLY F 255 -28.16 -5.47 -11.18
N ILE F 256 -27.15 -6.29 -10.88
CA ILE F 256 -27.37 -7.69 -10.51
C ILE F 256 -26.81 -8.00 -9.12
N THR F 257 -27.46 -8.94 -8.43
CA THR F 257 -26.97 -9.44 -7.14
C THR F 257 -27.07 -10.97 -7.14
N ASP F 258 -25.97 -11.63 -7.49
CA ASP F 258 -25.96 -13.08 -7.62
C ASP F 258 -24.79 -13.74 -6.88
N LYS F 259 -23.71 -12.97 -6.68
CA LYS F 259 -22.54 -13.45 -5.94
C LYS F 259 -22.24 -12.56 -4.76
N MET F 260 -21.55 -13.10 -3.77
CA MET F 260 -21.15 -12.32 -2.61
C MET F 260 -19.97 -11.41 -2.90
N THR F 261 -19.92 -10.30 -2.18
CA THR F 261 -18.83 -9.34 -2.32
C THR F 261 -17.65 -9.74 -1.44
N SER F 262 -16.55 -9.03 -1.60
CA SER F 262 -15.34 -9.25 -0.80
C SER F 262 -15.59 -9.03 0.68
N ALA F 263 -16.40 -8.01 1.00
CA ALA F 263 -16.78 -7.71 2.38
C ALA F 263 -17.70 -8.78 2.97
N ASP F 264 -18.61 -9.28 2.13
CA ASP F 264 -19.50 -10.39 2.48
C ASP F 264 -18.73 -11.67 2.83
N MET F 265 -17.69 -11.96 2.04
CA MET F 265 -16.82 -13.12 2.29
C MET F 265 -16.20 -13.05 3.68
N LEU F 266 -15.85 -11.85 4.11
CA LEU F 266 -15.27 -11.64 5.44
C LEU F 266 -16.31 -11.78 6.55
N ARG F 267 -17.51 -11.26 6.31
CA ARG F 267 -18.61 -11.38 7.25
C ARG F 267 -19.04 -12.83 7.41
N MET F 268 -19.02 -13.57 6.29
CA MET F 268 -19.36 -14.99 6.28
C MET F 268 -18.41 -15.80 7.15
N GLY F 269 -17.11 -15.53 7.02
CA GLY F 269 -16.10 -16.23 7.80
C GLY F 269 -16.16 -15.90 9.27
N GLU F 270 -16.60 -14.68 9.58
CA GLU F 270 -16.80 -14.24 10.94
C GLU F 270 -18.02 -14.93 11.56
N ALA F 271 -19.10 -15.00 10.78
CA ALA F 271 -20.37 -15.56 11.25
C ALA F 271 -20.31 -17.08 11.44
N LEU F 272 -19.51 -17.74 10.60
CA LEU F 272 -19.36 -19.18 10.67
C LEU F 272 -18.26 -19.59 11.64
N ASN F 273 -17.58 -18.60 12.23
CA ASN F 273 -16.44 -18.82 13.12
C ASN F 273 -15.37 -19.72 12.49
N ALA F 274 -15.22 -19.60 11.17
CA ALA F 274 -14.28 -20.41 10.40
C ALA F 274 -12.84 -20.02 10.72
N LYS F 275 -11.90 -20.85 10.30
CA LYS F 275 -10.48 -20.56 10.45
C LYS F 275 -9.91 -20.17 9.09
N VAL F 276 -10.57 -20.65 8.05
CA VAL F 276 -10.17 -20.38 6.67
C VAL F 276 -11.41 -20.01 5.87
N VAL F 277 -11.28 -18.93 5.08
CA VAL F 277 -12.33 -18.52 4.16
C VAL F 277 -11.77 -18.59 2.74
N ILE F 278 -12.41 -19.39 1.90
CA ILE F 278 -11.98 -19.56 0.51
C ILE F 278 -13.10 -19.15 -0.42
N PRO F 279 -12.83 -18.22 -1.34
CA PRO F 279 -13.77 -17.92 -2.40
C PRO F 279 -13.79 -18.99 -3.47
N PHE F 280 -14.96 -19.23 -4.05
CA PHE F 280 -15.09 -20.00 -5.29
C PHE F 280 -16.27 -19.49 -6.12
N HIS F 281 -16.46 -20.06 -7.32
CA HIS F 281 -17.49 -19.63 -8.27
C HIS F 281 -17.09 -18.38 -9.06
N HIS F 282 -16.08 -17.66 -8.56
CA HIS F 282 -15.58 -16.45 -9.23
C HIS F 282 -14.72 -16.80 -10.43
N ASP F 283 -14.30 -18.05 -10.48
CA ASP F 283 -13.44 -18.57 -11.54
C ASP F 283 -14.19 -18.75 -12.86
N ILE F 284 -15.46 -19.12 -12.76
CA ILE F 284 -16.16 -19.80 -13.86
C ILE F 284 -16.76 -18.91 -14.96
N TRP F 285 -17.30 -17.75 -14.60
CA TRP F 285 -18.00 -16.90 -15.58
C TRP F 285 -17.27 -15.62 -15.95
N SER F 286 -17.09 -15.42 -17.26
CA SER F 286 -16.43 -14.24 -17.80
C SER F 286 -17.01 -12.94 -17.25
N ASN F 287 -18.34 -12.83 -17.26
CA ASN F 287 -19.05 -11.63 -16.81
C ASN F 287 -19.01 -11.39 -15.29
N PHE F 288 -18.59 -12.41 -14.53
CA PHE F 288 -18.45 -12.30 -13.07
C PHE F 288 -16.99 -12.30 -12.60
N GLN F 289 -16.07 -12.10 -13.56
CA GLN F 289 -14.62 -12.02 -13.29
C GLN F 289 -14.30 -11.07 -12.14
N ALA F 290 -13.80 -11.63 -11.03
CA ALA F 290 -13.49 -10.84 -9.84
C ALA F 290 -12.02 -10.97 -9.44
N ASP F 291 -11.55 -10.02 -8.64
CA ASP F 291 -10.22 -10.10 -8.05
C ASP F 291 -10.33 -10.57 -6.60
N PRO F 292 -9.91 -11.82 -6.34
CA PRO F 292 -9.98 -12.38 -4.98
C PRO F 292 -9.10 -11.63 -3.98
N GLN F 293 -8.19 -10.79 -4.49
CA GLN F 293 -7.29 -10.01 -3.63
C GLN F 293 -8.01 -8.94 -2.80
N GLU F 294 -9.19 -8.51 -3.25
CA GLU F 294 -10.04 -7.61 -2.48
C GLU F 294 -10.33 -8.15 -1.08
N ILE F 295 -10.67 -9.44 -1.01
CA ILE F 295 -10.91 -10.14 0.26
C ILE F 295 -9.74 -9.99 1.22
N ARG F 296 -8.53 -10.23 0.70
CA ARG F 296 -7.30 -10.14 1.48
C ARG F 296 -7.00 -8.70 1.91
N VAL F 297 -7.15 -7.76 0.97
CA VAL F 297 -6.87 -6.34 1.23
C VAL F 297 -7.79 -5.80 2.32
N LEU F 298 -9.07 -6.12 2.23
CA LEU F 298 -10.04 -5.74 3.26
C LEU F 298 -9.74 -6.42 4.59
N TRP F 299 -9.42 -7.71 4.52
CA TRP F 299 -9.03 -8.49 5.70
C TRP F 299 -7.88 -7.83 6.45
N GLU F 300 -6.87 -7.37 5.70
CA GLU F 300 -5.72 -6.67 6.29
C GLU F 300 -6.13 -5.40 7.03
N MET F 301 -7.13 -4.70 6.50
CA MET F 301 -7.63 -3.47 7.09
C MET F 301 -8.46 -3.77 8.34
N LYS F 302 -9.22 -4.86 8.29
CA LYS F 302 -10.20 -5.21 9.32
C LYS F 302 -9.69 -6.13 10.44
N LYS F 303 -8.69 -6.95 10.15
CA LYS F 303 -8.36 -8.12 11.00
C LYS F 303 -8.16 -7.82 12.49
N ASP F 304 -7.47 -6.72 12.80
CA ASP F 304 -7.15 -6.37 14.18
C ASP F 304 -8.33 -5.72 14.91
N ARG F 305 -8.93 -4.73 14.25
CA ARG F 305 -10.06 -3.97 14.80
C ARG F 305 -11.28 -4.86 15.06
N LEU F 306 -11.51 -5.81 14.17
CA LEU F 306 -12.66 -6.71 14.24
C LEU F 306 -12.31 -8.07 14.84
N LYS F 307 -11.01 -8.26 15.10
CA LYS F 307 -10.46 -9.46 15.74
C LYS F 307 -10.83 -10.77 15.04
N TYR F 308 -10.76 -10.77 13.72
CA TYR F 308 -11.10 -11.94 12.91
C TYR F 308 -10.31 -13.18 13.35
N GLY F 309 -11.01 -14.29 13.48
CA GLY F 309 -10.40 -15.55 13.87
C GLY F 309 -10.11 -16.45 12.69
N PHE F 310 -10.17 -15.87 11.49
CA PHE F 310 -9.93 -16.61 10.25
C PHE F 310 -8.92 -15.90 9.36
N LYS F 311 -8.35 -16.67 8.44
CA LYS F 311 -7.52 -16.12 7.38
C LYS F 311 -8.18 -16.42 6.04
N PRO F 312 -8.01 -15.51 5.05
CA PRO F 312 -8.51 -15.83 3.73
C PRO F 312 -7.56 -16.78 3.00
N PHE F 313 -8.06 -17.43 1.96
CA PHE F 313 -7.23 -18.28 1.13
C PHE F 313 -7.65 -18.19 -0.33
N ILE F 314 -6.72 -17.74 -1.17
CA ILE F 314 -6.99 -17.63 -2.61
C ILE F 314 -6.52 -18.89 -3.34
N TRP F 315 -7.50 -19.65 -3.80
CA TRP F 315 -7.28 -20.97 -4.37
C TRP F 315 -7.25 -20.88 -5.89
N GLN F 316 -6.76 -21.94 -6.53
CA GLN F 316 -6.82 -22.07 -7.99
C GLN F 316 -7.50 -23.38 -8.35
N VAL F 317 -8.22 -23.37 -9.46
CA VAL F 317 -8.96 -24.54 -9.92
C VAL F 317 -8.03 -25.72 -10.25
N GLY F 318 -8.37 -26.89 -9.72
CA GLY F 318 -7.54 -28.08 -9.83
C GLY F 318 -6.63 -28.23 -8.63
N GLY F 319 -6.58 -27.19 -7.81
CA GLY F 319 -5.72 -27.15 -6.64
C GLY F 319 -6.17 -28.03 -5.51
N LYS F 320 -5.22 -28.45 -4.69
CA LYS F 320 -5.49 -29.28 -3.52
C LYS F 320 -5.36 -28.44 -2.25
N PHE F 321 -6.30 -28.60 -1.33
CA PHE F 321 -6.17 -28.00 -0.01
C PHE F 321 -6.07 -29.10 1.04
N THR F 322 -5.22 -28.86 2.05
CA THR F 322 -5.07 -29.79 3.16
C THR F 322 -5.25 -29.05 4.49
N TRP F 323 -6.39 -29.28 5.14
CA TRP F 323 -6.64 -28.75 6.47
C TRP F 323 -6.02 -29.68 7.50
N PRO F 324 -5.27 -29.11 8.48
CA PRO F 324 -4.93 -27.71 8.66
C PRO F 324 -3.55 -27.31 8.16
N LEU F 325 -2.90 -28.17 7.37
CA LEU F 325 -1.56 -27.91 6.87
C LEU F 325 -1.43 -26.60 6.09
N ASP F 326 -2.48 -26.26 5.35
CA ASP F 326 -2.47 -25.09 4.44
C ASP F 326 -3.22 -23.87 4.98
N LYS F 327 -3.61 -23.90 6.25
CA LYS F 327 -4.50 -22.86 6.82
C LYS F 327 -3.88 -21.46 6.91
N ASP F 328 -2.55 -21.39 6.90
CA ASP F 328 -1.85 -20.11 7.05
C ASP F 328 -1.15 -19.66 5.77
N ASN F 329 -1.40 -20.39 4.68
CA ASN F 329 -0.72 -20.18 3.40
C ASN F 329 -1.15 -18.94 2.62
N PHE F 330 -2.34 -18.41 2.93
CA PHE F 330 -2.94 -17.24 2.28
C PHE F 330 -3.28 -17.44 0.80
N GLU F 331 -2.33 -17.98 0.05
CA GLU F 331 -2.49 -18.16 -1.39
C GLU F 331 -1.93 -19.51 -1.83
N TYR F 332 -2.67 -20.16 -2.72
CA TYR F 332 -2.26 -21.42 -3.31
C TYR F 332 -1.36 -21.17 -4.52
N HIS F 333 -0.39 -22.06 -4.72
CA HIS F 333 0.34 -22.13 -5.99
C HIS F 333 0.39 -23.56 -6.49
N TYR F 334 0.14 -23.73 -7.80
CA TYR F 334 0.25 -25.02 -8.44
C TYR F 334 1.64 -25.61 -8.24
N PRO F 335 1.75 -26.95 -8.15
CA PRO F 335 3.07 -27.58 -8.13
C PRO F 335 3.97 -27.02 -9.23
N ARG F 336 5.18 -26.60 -8.85
CA ARG F 336 6.14 -26.04 -9.79
C ARG F 336 7.07 -27.11 -10.36
N GLY F 337 7.41 -28.09 -9.52
CA GLY F 337 8.09 -29.32 -9.94
C GLY F 337 9.45 -29.20 -10.62
N PHE F 338 10.49 -28.91 -9.84
CA PHE F 338 11.89 -29.05 -10.28
C PHE F 338 12.80 -29.43 -9.12
MN MN G . 6.44 -20.94 -25.09
C1 GOL H . -4.90 5.00 -11.06
O1 GOL H . -5.75 5.61 -12.00
C2 GOL H . -3.59 5.78 -10.95
O2 GOL H . -3.04 5.61 -9.66
C3 GOL H . -2.60 5.28 -12.01
O3 GOL H . -1.29 5.70 -11.71
C1 GOL I . -13.11 -16.70 -37.37
O1 GOL I . -12.03 -17.22 -36.63
C2 GOL I . -12.60 -16.24 -38.74
O2 GOL I . -13.53 -16.62 -39.73
C3 GOL I . -12.42 -14.72 -38.72
O3 GOL I . -13.63 -14.07 -39.04
MN MN J . 23.87 21.31 9.82
C1 GOL K . 23.60 46.77 -0.19
O1 GOL K . 23.19 45.63 0.54
C2 GOL K . 22.65 47.03 -1.35
O2 GOL K . 22.20 45.82 -1.93
C3 GOL K . 21.46 47.89 -0.89
O3 GOL K . 20.46 47.09 -0.30
MN MN L . -5.71 21.56 25.23
C1 GOL M . 5.77 12.17 49.26
O1 GOL M . 4.84 12.90 50.02
C2 GOL M . 6.87 13.10 48.75
O2 GOL M . 7.83 12.33 48.04
C3 GOL M . 6.29 14.18 47.84
O3 GOL M . 7.17 14.51 46.78
MN MN N . -31.03 3.79 10.78
CAC FLC O . -46.46 18.19 -8.16
CA FLC O . -47.48 19.03 -7.41
CB FLC O . -47.01 19.45 -6.01
CBC FLC O . -47.94 20.50 -5.43
CG FLC O . -46.85 18.27 -5.03
CGC FLC O . -48.08 17.41 -4.83
OA1 FLC O . -46.76 17.00 -8.41
OA2 FLC O . -45.38 18.70 -8.49
OB1 FLC O . -49.19 20.35 -5.53
OB2 FLC O . -47.45 21.50 -4.87
OG1 FLC O . -48.77 17.57 -3.80
OG2 FLC O . -48.36 16.54 -5.69
OHB FLC O . -45.71 20.05 -6.13
C1 GOL P . -9.57 12.19 8.14
O1 GOL P . -10.17 12.54 9.38
C2 GOL P . -10.55 11.41 7.28
O2 GOL P . -11.47 12.30 6.67
C3 GOL P . -9.77 10.67 6.19
O3 GOL P . -9.28 9.45 6.69
MN MN Q . 31.45 -4.35 -11.14
C1 GOL R . 21.17 -2.74 12.38
O1 GOL R . 20.06 -1.86 12.43
C2 GOL R . 20.76 -4.12 11.84
O2 GOL R . 19.51 -4.05 11.19
C3 GOL R . 21.79 -4.67 10.86
O3 GOL R . 22.95 -5.11 11.53
MN MN S . -24.07 -20.83 -9.59
C1 GOL T . -8.26 -10.40 -12.30
O1 GOL T . -9.41 -9.58 -12.16
C2 GOL T . -8.48 -11.71 -11.55
O2 GOL T . -9.21 -12.60 -12.36
C3 GOL T . -7.12 -12.32 -11.19
O3 GOL T . -7.32 -13.37 -10.27
#